data_1R0K
#
_entry.id   1R0K
#
_cell.length_a   87.700
_cell.length_b   93.200
_cell.length_c   98.600
_cell.angle_alpha   90.00
_cell.angle_beta   90.50
_cell.angle_gamma   90.00
#
_symmetry.space_group_name_H-M   'P 1 21 1'
#
loop_
_entity.id
_entity.type
_entity.pdbx_description
1 polymer '1-deoxy-D-xylulose 5-phosphate reductoisomerase'
2 non-polymer 'ACETATE ION'
3 water water
#
_entity_poly.entity_id   1
_entity_poly.type   'polypeptide(L)'
_entity_poly.pdbx_seq_one_letter_code
;MSQPRTVTVLGATGSIGHSTLDLIERNLDRYQVIALTANRNVKDLADAAKRTNAKRAVIADPSLYNDLKEALAGSSVEAA
AGADALVEAAMMGADWTMAAIIGCAGLKATLAAIRKGKTVALANKESLVSAGGLMIDAVREHGTTLLPVDSEHNAIFQCF
PHHNRDYVRRIIITASGGPFRTTSLAEMATVTPERAVQHPNWSMGAKISIDSATMMNKGLELIEAFHLFQIPLEKFEILV
HPQSVIHSMVEYLDGSILAQIGSPDMRTPIGHTLAWPKRMETPAESLDFTKLRQMDFEAPDYERFPALTLAMESIKSGGA
RPAVMNAANEIAVAAFLDKKIGFLDIAKIVEKTLDHYTPATPSSLEDVFAIDNEARIQAAALMESLPA
;
_entity_poly.pdbx_strand_id   A,B,C,D
#
loop_
_chem_comp.id
_chem_comp.type
_chem_comp.name
_chem_comp.formula
ACT non-polymer 'ACETATE ION' 'C2 H3 O2 -1'
#
# COMPACT_ATOMS: atom_id res chain seq x y z
N SER A 2 34.49 -19.52 -22.68
CA SER A 2 34.94 -20.69 -21.86
C SER A 2 35.70 -21.70 -22.71
N GLN A 3 36.44 -22.59 -22.05
CA GLN A 3 37.22 -23.62 -22.75
C GLN A 3 36.30 -24.56 -23.53
N PRO A 4 36.88 -25.36 -24.43
CA PRO A 4 36.06 -26.29 -25.22
C PRO A 4 35.30 -27.25 -24.31
N ARG A 5 34.06 -27.55 -24.67
CA ARG A 5 33.23 -28.46 -23.90
C ARG A 5 33.39 -29.89 -24.42
N THR A 6 33.44 -30.86 -23.50
CA THR A 6 33.61 -32.25 -23.88
C THR A 6 32.26 -32.85 -24.31
N VAL A 7 32.26 -33.50 -25.47
CA VAL A 7 31.05 -34.10 -26.02
C VAL A 7 31.30 -35.53 -26.51
N THR A 8 30.27 -36.37 -26.40
CA THR A 8 30.34 -37.75 -26.87
C THR A 8 29.05 -38.01 -27.62
N VAL A 9 29.16 -38.73 -28.74
CA VAL A 9 27.97 -39.04 -29.53
C VAL A 9 27.82 -40.55 -29.70
N LEU A 10 26.79 -41.10 -29.07
CA LEU A 10 26.49 -42.51 -29.16
C LEU A 10 25.53 -42.63 -30.33
N GLY A 11 25.95 -43.33 -31.39
CA GLY A 11 25.13 -43.48 -32.58
C GLY A 11 25.40 -42.26 -33.44
N ALA A 12 26.67 -42.04 -33.77
CA ALA A 12 27.10 -40.89 -34.53
C ALA A 12 26.97 -40.95 -36.06
N THR A 13 26.56 -42.09 -36.60
CA THR A 13 26.46 -42.21 -38.05
C THR A 13 25.05 -42.28 -38.61
N GLY A 14 24.06 -42.29 -37.72
CA GLY A 14 22.67 -42.32 -38.17
C GLY A 14 22.21 -40.91 -38.52
N SER A 15 20.92 -40.73 -38.81
CA SER A 15 20.42 -39.40 -39.17
C SER A 15 20.66 -38.40 -38.05
N ILE A 16 20.21 -38.72 -36.84
CA ILE A 16 20.41 -37.82 -35.71
C ILE A 16 21.90 -37.59 -35.46
N GLY A 17 22.67 -38.67 -35.48
CA GLY A 17 24.10 -38.57 -35.26
C GLY A 17 24.78 -37.70 -36.31
N HIS A 18 24.38 -37.86 -37.56
CA HIS A 18 24.97 -37.07 -38.64
C HIS A 18 24.66 -35.59 -38.46
N SER A 19 23.43 -35.29 -38.09
CA SER A 19 23.03 -33.90 -37.88
C SER A 19 23.78 -33.31 -36.68
N THR A 20 24.03 -34.15 -35.69
CA THR A 20 24.74 -33.72 -34.49
C THR A 20 26.18 -33.38 -34.86
N LEU A 21 26.84 -34.29 -35.53
CA LEU A 21 28.23 -34.07 -35.95
C LEU A 21 28.34 -32.86 -36.84
N ASP A 22 27.32 -32.62 -37.67
CA ASP A 22 27.37 -31.47 -38.55
C ASP A 22 27.51 -30.22 -37.70
N LEU A 23 26.78 -30.15 -36.61
CA LEU A 23 26.85 -28.99 -35.74
C LEU A 23 28.14 -28.95 -34.95
N ILE A 24 28.58 -30.12 -34.47
CA ILE A 24 29.82 -30.18 -33.69
C ILE A 24 30.98 -29.76 -34.58
N GLU A 25 31.05 -30.35 -35.77
CA GLU A 25 32.11 -30.02 -36.72
C GLU A 25 32.09 -28.54 -37.08
N ARG A 26 30.91 -28.01 -37.38
CA ARG A 26 30.78 -26.60 -37.73
C ARG A 26 31.30 -25.70 -36.61
N ASN A 27 31.29 -26.21 -35.39
CA ASN A 27 31.75 -25.47 -34.22
C ASN A 27 32.81 -26.25 -33.46
N LEU A 28 33.68 -26.93 -34.19
CA LEU A 28 34.72 -27.73 -33.56
C LEU A 28 35.57 -26.93 -32.60
N ASP A 29 35.68 -25.63 -32.84
CA ASP A 29 36.48 -24.76 -31.98
C ASP A 29 35.91 -24.71 -30.56
N ARG A 30 34.62 -25.01 -30.42
CA ARG A 30 33.96 -24.97 -29.12
C ARG A 30 33.87 -26.33 -28.43
N TYR A 31 34.23 -27.40 -29.14
CA TYR A 31 34.09 -28.73 -28.56
C TYR A 31 35.31 -29.66 -28.60
N GLN A 32 35.40 -30.50 -27.57
CA GLN A 32 36.46 -31.49 -27.48
C GLN A 32 35.73 -32.83 -27.52
N VAL A 33 35.80 -33.51 -28.66
CA VAL A 33 35.13 -34.78 -28.84
C VAL A 33 35.82 -35.90 -28.11
N ILE A 34 35.09 -36.56 -27.22
CA ILE A 34 35.63 -37.67 -26.46
C ILE A 34 35.40 -38.97 -27.22
N ALA A 35 34.16 -39.44 -27.25
CA ALA A 35 33.89 -40.68 -27.96
C ALA A 35 32.74 -40.58 -28.96
N LEU A 36 32.87 -41.36 -30.03
CA LEU A 36 31.86 -41.46 -31.07
C LEU A 36 31.65 -42.95 -31.28
N THR A 37 30.42 -43.37 -31.50
CA THR A 37 30.15 -44.77 -31.73
C THR A 37 29.22 -44.95 -32.91
N ALA A 38 29.26 -46.13 -33.51
CA ALA A 38 28.40 -46.45 -34.64
C ALA A 38 28.05 -47.93 -34.50
N ASN A 39 27.12 -48.40 -35.33
CA ASN A 39 26.71 -49.80 -35.26
C ASN A 39 27.56 -50.64 -36.20
N ARG A 40 27.49 -50.36 -37.49
CA ARG A 40 28.28 -51.10 -38.47
C ARG A 40 28.93 -50.19 -39.50
N ASN A 41 28.59 -48.91 -39.46
CA ASN A 41 29.16 -47.97 -40.42
C ASN A 41 30.58 -47.57 -40.04
N VAL A 42 31.53 -48.49 -40.26
CA VAL A 42 32.93 -48.23 -39.92
C VAL A 42 33.52 -47.06 -40.70
N LYS A 43 33.16 -46.92 -41.97
CA LYS A 43 33.70 -45.84 -42.78
C LYS A 43 33.31 -44.45 -42.26
N ASP A 44 32.03 -44.23 -42.03
CA ASP A 44 31.59 -42.92 -41.54
C ASP A 44 32.04 -42.67 -40.10
N LEU A 45 32.19 -43.74 -39.33
CA LEU A 45 32.62 -43.61 -37.94
C LEU A 45 34.07 -43.11 -37.90
N ALA A 46 34.96 -43.83 -38.58
CA ALA A 46 36.37 -43.46 -38.61
C ALA A 46 36.53 -42.04 -39.14
N ASP A 47 35.78 -41.72 -40.20
CA ASP A 47 35.85 -40.41 -40.79
C ASP A 47 35.39 -39.34 -39.79
N ALA A 48 34.28 -39.59 -39.09
CA ALA A 48 33.79 -38.62 -38.11
C ALA A 48 34.80 -38.47 -36.98
N ALA A 49 35.40 -39.57 -36.57
CA ALA A 49 36.38 -39.54 -35.50
C ALA A 49 37.62 -38.72 -35.90
N LYS A 50 38.16 -38.98 -37.07
CA LYS A 50 39.34 -38.26 -37.54
C LYS A 50 39.03 -36.79 -37.83
N ARG A 51 37.80 -36.56 -38.27
CA ARG A 51 37.30 -35.24 -38.63
C ARG A 51 37.09 -34.33 -37.41
N THR A 52 37.01 -34.93 -36.22
CA THR A 52 36.80 -34.18 -35.00
C THR A 52 37.94 -34.42 -34.00
N ASN A 53 38.97 -35.13 -34.42
CA ASN A 53 40.11 -35.45 -33.56
C ASN A 53 39.60 -36.11 -32.27
N ALA A 54 38.62 -36.99 -32.43
CA ALA A 54 38.01 -37.69 -31.29
C ALA A 54 39.01 -38.55 -30.53
N LYS A 55 38.77 -38.73 -29.23
CA LYS A 55 39.66 -39.56 -28.42
C LYS A 55 39.44 -41.03 -28.73
N ARG A 56 38.19 -41.42 -28.96
CA ARG A 56 37.90 -42.83 -29.21
C ARG A 56 36.71 -43.06 -30.12
N ALA A 57 36.80 -44.11 -30.93
CA ALA A 57 35.73 -44.50 -31.83
C ALA A 57 35.37 -45.94 -31.49
N VAL A 58 34.07 -46.22 -31.36
CA VAL A 58 33.63 -47.56 -31.02
C VAL A 58 32.63 -48.10 -32.04
N ILE A 59 32.91 -49.28 -32.58
CA ILE A 59 32.02 -49.91 -33.52
C ILE A 59 31.28 -50.99 -32.72
N ALA A 60 29.95 -50.96 -32.79
CA ALA A 60 29.13 -51.91 -32.03
C ALA A 60 29.42 -53.39 -32.25
N ASP A 61 29.57 -53.79 -33.52
CA ASP A 61 29.83 -55.19 -33.87
C ASP A 61 31.30 -55.57 -33.69
N PRO A 62 31.58 -56.49 -32.75
CA PRO A 62 32.95 -56.95 -32.48
C PRO A 62 33.62 -57.43 -33.77
N SER A 63 32.81 -57.96 -34.67
CA SER A 63 33.27 -58.46 -35.96
C SER A 63 33.99 -57.42 -36.78
N LEU A 64 33.63 -56.16 -36.58
CA LEU A 64 34.22 -55.06 -37.35
C LEU A 64 35.40 -54.37 -36.68
N TYR A 65 35.85 -54.89 -35.55
CA TYR A 65 36.96 -54.30 -34.80
C TYR A 65 38.23 -54.11 -35.64
N ASN A 66 38.67 -55.15 -36.33
CA ASN A 66 39.87 -55.04 -37.14
C ASN A 66 39.71 -53.99 -38.23
N ASP A 67 38.53 -53.93 -38.83
CA ASP A 67 38.27 -52.94 -39.88
C ASP A 67 38.39 -51.53 -39.32
N LEU A 68 37.88 -51.31 -38.11
CA LEU A 68 37.95 -50.00 -37.49
C LEU A 68 39.42 -49.67 -37.21
N LYS A 69 40.14 -50.62 -36.63
CA LYS A 69 41.56 -50.40 -36.32
C LYS A 69 42.33 -49.99 -37.57
N GLU A 70 42.07 -50.67 -38.68
CA GLU A 70 42.75 -50.36 -39.93
C GLU A 70 42.39 -48.98 -40.42
N ALA A 71 41.10 -48.64 -40.38
CA ALA A 71 40.65 -47.33 -40.82
C ALA A 71 41.30 -46.26 -39.93
N LEU A 72 41.61 -46.61 -38.69
CA LEU A 72 42.23 -45.67 -37.76
C LEU A 72 43.73 -45.88 -37.61
N ALA A 73 44.30 -46.71 -38.47
CA ALA A 73 45.73 -46.98 -38.41
C ALA A 73 46.53 -45.69 -38.51
N GLY A 74 47.55 -45.55 -37.67
CA GLY A 74 48.37 -44.36 -37.69
C GLY A 74 47.63 -43.11 -37.23
N SER A 75 46.55 -43.32 -36.49
CA SER A 75 45.74 -42.22 -35.99
C SER A 75 45.83 -42.14 -34.47
N SER A 76 45.61 -40.95 -33.92
CA SER A 76 45.64 -40.77 -32.48
C SER A 76 44.31 -41.25 -31.90
N VAL A 77 43.35 -41.51 -32.79
CA VAL A 77 42.03 -41.98 -32.37
C VAL A 77 42.09 -43.43 -31.88
N GLU A 78 41.59 -43.66 -30.68
CA GLU A 78 41.56 -45.00 -30.09
C GLU A 78 40.41 -45.78 -30.73
N ALA A 79 40.63 -47.07 -30.95
CA ALA A 79 39.60 -47.91 -31.55
C ALA A 79 39.14 -48.97 -30.54
N ALA A 80 37.84 -49.26 -30.54
CA ALA A 80 37.27 -50.27 -29.65
C ALA A 80 36.01 -50.82 -30.28
N ALA A 81 35.51 -51.94 -29.76
CA ALA A 81 34.32 -52.58 -30.32
C ALA A 81 33.56 -53.45 -29.32
N GLY A 82 32.29 -53.70 -29.64
CA GLY A 82 31.47 -54.54 -28.79
C GLY A 82 30.49 -53.75 -27.94
N ALA A 83 29.50 -54.47 -27.39
CA ALA A 83 28.49 -53.85 -26.55
C ALA A 83 29.07 -53.22 -25.30
N ASP A 84 30.00 -53.93 -24.64
CA ASP A 84 30.62 -53.39 -23.43
C ASP A 84 31.36 -52.10 -23.70
N ALA A 85 32.02 -52.03 -24.85
CA ALA A 85 32.79 -50.86 -25.25
C ALA A 85 31.90 -49.65 -25.46
N LEU A 86 30.66 -49.88 -25.88
CA LEU A 86 29.71 -48.80 -26.09
C LEU A 86 29.41 -48.17 -24.73
N VAL A 87 29.22 -49.02 -23.73
CA VAL A 87 28.92 -48.56 -22.39
C VAL A 87 30.11 -47.82 -21.80
N GLU A 88 31.32 -48.33 -22.06
CA GLU A 88 32.52 -47.69 -21.56
C GLU A 88 32.69 -46.31 -22.17
N ALA A 89 32.42 -46.19 -23.46
CA ALA A 89 32.53 -44.90 -24.14
C ALA A 89 31.58 -43.90 -23.49
N ALA A 90 30.38 -44.37 -23.15
CA ALA A 90 29.38 -43.53 -22.53
C ALA A 90 29.80 -43.10 -21.14
N MET A 91 30.78 -43.81 -20.58
CA MET A 91 31.26 -43.50 -19.24
C MET A 91 32.59 -42.76 -19.25
N MET A 92 33.04 -42.33 -20.43
CA MET A 92 34.32 -41.63 -20.51
C MET A 92 34.35 -40.26 -19.88
N GLY A 93 33.19 -39.71 -19.52
CA GLY A 93 33.17 -38.42 -18.83
C GLY A 93 32.75 -37.16 -19.56
N ALA A 94 32.27 -37.30 -20.80
CA ALA A 94 31.86 -36.15 -21.58
C ALA A 94 30.78 -35.35 -20.85
N ASP A 95 30.90 -34.03 -20.86
CA ASP A 95 29.91 -33.19 -20.19
C ASP A 95 28.56 -33.26 -20.92
N TRP A 96 28.61 -33.43 -22.23
CA TRP A 96 27.42 -33.50 -23.06
C TRP A 96 27.44 -34.80 -23.85
N THR A 97 26.36 -35.57 -23.76
CA THR A 97 26.26 -36.84 -24.47
C THR A 97 24.99 -36.93 -25.33
N MET A 98 25.18 -37.23 -26.61
CA MET A 98 24.03 -37.42 -27.48
C MET A 98 23.78 -38.92 -27.45
N ALA A 99 22.64 -39.33 -26.90
CA ALA A 99 22.27 -40.74 -26.83
C ALA A 99 21.36 -41.03 -28.02
N ALA A 100 21.96 -41.44 -29.13
CA ALA A 100 21.20 -41.71 -30.34
C ALA A 100 21.33 -43.13 -30.87
N ILE A 101 21.79 -44.06 -30.04
CA ILE A 101 21.86 -45.44 -30.49
C ILE A 101 20.41 -45.90 -30.45
N ILE A 102 19.93 -46.47 -31.54
CA ILE A 102 18.55 -46.91 -31.61
C ILE A 102 18.29 -48.29 -31.01
N GLY A 103 17.05 -48.53 -30.61
CA GLY A 103 16.65 -49.82 -30.06
C GLY A 103 17.06 -50.14 -28.64
N CYS A 104 16.68 -51.34 -28.20
CA CYS A 104 17.03 -51.78 -26.85
C CYS A 104 18.54 -51.87 -26.72
N ALA A 105 19.22 -52.00 -27.85
CA ALA A 105 20.68 -52.08 -27.86
C ALA A 105 21.32 -50.81 -27.31
N GLY A 106 20.57 -49.72 -27.27
CA GLY A 106 21.12 -48.47 -26.77
C GLY A 106 20.82 -48.19 -25.30
N LEU A 107 19.96 -48.99 -24.69
CA LEU A 107 19.57 -48.79 -23.30
C LEU A 107 20.71 -48.78 -22.28
N LYS A 108 21.59 -49.77 -22.35
CA LYS A 108 22.72 -49.85 -21.42
C LYS A 108 23.59 -48.59 -21.44
N ALA A 109 24.08 -48.23 -22.62
CA ALA A 109 24.94 -47.06 -22.76
C ALA A 109 24.24 -45.76 -22.38
N THR A 110 22.95 -45.66 -22.68
CA THR A 110 22.19 -44.46 -22.37
C THR A 110 22.03 -44.28 -20.86
N LEU A 111 21.71 -45.38 -20.16
CA LEU A 111 21.56 -45.30 -18.72
C LEU A 111 22.91 -44.99 -18.09
N ALA A 112 23.97 -45.62 -18.61
CA ALA A 112 25.30 -45.36 -18.08
C ALA A 112 25.66 -43.87 -18.16
N ALA A 113 25.35 -43.24 -19.29
CA ALA A 113 25.64 -41.82 -19.47
C ALA A 113 24.81 -41.01 -18.49
N ILE A 114 23.54 -41.39 -18.35
CA ILE A 114 22.64 -40.72 -17.43
C ILE A 114 23.17 -40.79 -16.00
N ARG A 115 23.66 -41.96 -15.62
CA ARG A 115 24.18 -42.14 -14.26
C ARG A 115 25.38 -41.24 -13.97
N LYS A 116 26.06 -40.77 -15.02
CA LYS A 116 27.21 -39.89 -14.84
C LYS A 116 26.77 -38.52 -14.34
N GLY A 117 25.48 -38.27 -14.41
CA GLY A 117 24.92 -37.02 -13.91
C GLY A 117 25.18 -35.72 -14.64
N LYS A 118 25.72 -35.77 -15.85
CA LYS A 118 25.97 -34.53 -16.59
C LYS A 118 24.79 -34.22 -17.50
N THR A 119 25.07 -33.81 -18.74
CA THR A 119 24.01 -33.51 -19.67
C THR A 119 23.88 -34.60 -20.71
N VAL A 120 22.65 -35.05 -20.91
CA VAL A 120 22.36 -36.10 -21.88
C VAL A 120 21.24 -35.65 -22.80
N ALA A 121 21.55 -35.59 -24.10
CA ALA A 121 20.54 -35.23 -25.10
C ALA A 121 20.01 -36.59 -25.53
N LEU A 122 18.77 -36.88 -25.15
CA LEU A 122 18.17 -38.17 -25.44
C LEU A 122 17.39 -38.30 -26.74
N ALA A 123 17.85 -39.18 -27.62
CA ALA A 123 17.19 -39.41 -28.89
C ALA A 123 16.60 -40.84 -28.91
N ASN A 124 17.27 -41.77 -28.22
CA ASN A 124 16.81 -43.16 -28.16
C ASN A 124 15.39 -43.23 -27.57
N LYS A 125 14.46 -43.78 -28.35
CA LYS A 125 13.07 -43.90 -27.95
C LYS A 125 12.77 -44.96 -26.88
N GLU A 126 13.41 -46.12 -26.99
CA GLU A 126 13.17 -47.20 -26.04
C GLU A 126 13.42 -46.80 -24.59
N SER A 127 14.38 -45.89 -24.39
CA SER A 127 14.71 -45.43 -23.05
C SER A 127 13.48 -44.99 -22.27
N LEU A 128 12.57 -44.28 -22.93
CA LEU A 128 11.38 -43.80 -22.25
C LEU A 128 10.14 -44.64 -22.51
N VAL A 129 10.04 -45.23 -23.69
CA VAL A 129 8.90 -46.05 -24.04
C VAL A 129 8.93 -47.39 -23.33
N SER A 130 10.09 -48.04 -23.34
CA SER A 130 10.22 -49.35 -22.73
C SER A 130 10.80 -49.34 -21.32
N ALA A 131 11.64 -48.36 -21.01
CA ALA A 131 12.26 -48.28 -19.69
C ALA A 131 12.12 -46.89 -19.05
N GLY A 132 11.00 -46.22 -19.35
CA GLY A 132 10.77 -44.88 -18.84
C GLY A 132 10.97 -44.67 -17.34
N GLY A 133 10.28 -45.46 -16.53
CA GLY A 133 10.40 -45.31 -15.09
C GLY A 133 11.83 -45.41 -14.59
N LEU A 134 12.55 -46.41 -15.08
CA LEU A 134 13.93 -46.64 -14.69
C LEU A 134 14.85 -45.49 -15.09
N MET A 135 14.73 -45.05 -16.34
CA MET A 135 15.56 -43.97 -16.83
C MET A 135 15.33 -42.67 -16.06
N ILE A 136 14.08 -42.31 -15.87
CA ILE A 136 13.77 -41.09 -15.16
C ILE A 136 14.21 -41.18 -13.69
N ASP A 137 14.17 -42.39 -13.14
CA ASP A 137 14.60 -42.59 -11.76
C ASP A 137 16.08 -42.27 -11.62
N ALA A 138 16.86 -42.75 -12.59
CA ALA A 138 18.30 -42.52 -12.62
C ALA A 138 18.60 -41.05 -12.81
N VAL A 139 17.83 -40.40 -13.69
CA VAL A 139 18.00 -38.97 -13.94
C VAL A 139 17.83 -38.19 -12.64
N ARG A 140 16.76 -38.50 -11.91
CA ARG A 140 16.49 -37.80 -10.65
C ARG A 140 17.52 -38.13 -9.58
N GLU A 141 17.92 -39.40 -9.51
CA GLU A 141 18.91 -39.81 -8.52
C GLU A 141 20.26 -39.16 -8.72
N HIS A 142 20.72 -39.06 -9.97
CA HIS A 142 22.02 -38.48 -10.25
C HIS A 142 22.09 -37.02 -10.67
N GLY A 143 20.95 -36.32 -10.61
CA GLY A 143 20.91 -34.92 -10.98
C GLY A 143 21.27 -34.64 -12.42
N THR A 144 21.01 -35.61 -13.28
CA THR A 144 21.30 -35.48 -14.71
C THR A 144 20.43 -34.43 -15.38
N THR A 145 20.97 -33.78 -16.39
CA THR A 145 20.22 -32.81 -17.17
C THR A 145 19.79 -33.56 -18.42
N LEU A 146 18.51 -33.92 -18.50
CA LEU A 146 17.99 -34.68 -19.63
C LEU A 146 17.30 -33.75 -20.62
N LEU A 147 17.81 -33.70 -21.84
CA LEU A 147 17.24 -32.84 -22.86
C LEU A 147 16.71 -33.70 -24.02
N PRO A 148 15.39 -33.68 -24.25
CA PRO A 148 14.81 -34.48 -25.33
C PRO A 148 15.21 -33.93 -26.71
N VAL A 149 15.51 -34.84 -27.63
CA VAL A 149 15.96 -34.46 -28.97
C VAL A 149 14.91 -34.49 -30.10
N ASP A 150 13.97 -35.42 -30.06
CA ASP A 150 12.97 -35.50 -31.11
C ASP A 150 12.10 -34.22 -31.20
N SER A 151 11.69 -33.89 -32.42
CA SER A 151 10.90 -32.69 -32.69
C SER A 151 9.83 -32.25 -31.71
N GLU A 152 8.85 -33.12 -31.47
CA GLU A 152 7.75 -32.79 -30.57
C GLU A 152 8.19 -32.57 -29.13
N HIS A 153 8.99 -33.49 -28.62
CA HIS A 153 9.47 -33.38 -27.24
C HIS A 153 10.34 -32.15 -27.02
N ASN A 154 11.19 -31.84 -27.98
CA ASN A 154 12.06 -30.68 -27.86
C ASN A 154 11.22 -29.40 -27.89
N ALA A 155 10.20 -29.40 -28.74
CA ALA A 155 9.30 -28.26 -28.86
C ALA A 155 8.62 -28.05 -27.52
N ILE A 156 8.13 -29.13 -26.92
CA ILE A 156 7.46 -29.05 -25.62
C ILE A 156 8.42 -28.52 -24.56
N PHE A 157 9.63 -29.07 -24.52
CA PHE A 157 10.64 -28.66 -23.56
C PHE A 157 10.88 -27.16 -23.64
N GLN A 158 11.01 -26.65 -24.86
CA GLN A 158 11.26 -25.23 -25.06
C GLN A 158 10.09 -24.35 -24.61
N CYS A 159 8.91 -24.94 -24.44
CA CYS A 159 7.74 -24.17 -24.03
C CYS A 159 7.25 -24.58 -22.64
N PHE A 160 7.99 -25.48 -21.99
CA PHE A 160 7.62 -26.02 -20.70
C PHE A 160 8.17 -25.30 -19.47
N PRO A 161 7.34 -25.13 -18.43
CA PRO A 161 7.81 -24.45 -17.21
C PRO A 161 8.51 -25.46 -16.31
N HIS A 162 9.80 -25.66 -16.54
CA HIS A 162 10.57 -26.60 -15.74
C HIS A 162 10.56 -26.08 -14.29
N HIS A 163 10.42 -27.00 -13.34
CA HIS A 163 10.40 -26.64 -11.92
C HIS A 163 9.05 -26.09 -11.46
N ASN A 164 8.09 -26.07 -12.38
CA ASN A 164 6.75 -25.59 -12.07
C ASN A 164 5.74 -26.31 -12.96
N ARG A 165 5.70 -27.63 -12.85
CA ARG A 165 4.81 -28.46 -13.65
C ARG A 165 3.34 -28.10 -13.44
N ASP A 166 3.02 -27.62 -12.23
CA ASP A 166 1.66 -27.24 -11.89
C ASP A 166 1.13 -26.06 -12.71
N TYR A 167 2.02 -25.39 -13.43
CA TYR A 167 1.60 -24.26 -14.25
C TYR A 167 0.98 -24.74 -15.57
N VAL A 168 1.22 -26.00 -15.94
CA VAL A 168 0.69 -26.53 -17.19
C VAL A 168 -0.76 -26.96 -17.10
N ARG A 169 -1.57 -26.51 -18.05
CA ARG A 169 -2.98 -26.89 -18.11
C ARG A 169 -3.12 -28.05 -19.09
N ARG A 170 -2.34 -28.00 -20.16
CA ARG A 170 -2.35 -29.06 -21.17
C ARG A 170 -1.13 -28.96 -22.07
N ILE A 171 -0.74 -30.10 -22.63
CA ILE A 171 0.37 -30.16 -23.55
C ILE A 171 -0.25 -30.68 -24.84
N ILE A 172 -0.01 -29.98 -25.93
CA ILE A 172 -0.55 -30.35 -27.21
C ILE A 172 0.55 -30.93 -28.09
N ILE A 173 0.42 -32.19 -28.45
CA ILE A 173 1.40 -32.82 -29.31
C ILE A 173 0.82 -32.75 -30.71
N THR A 174 1.48 -32.00 -31.59
CA THR A 174 1.00 -31.88 -32.96
C THR A 174 1.37 -33.13 -33.75
N ALA A 175 0.57 -33.43 -34.78
CA ALA A 175 0.80 -34.59 -35.63
C ALA A 175 0.46 -34.25 -37.07
N SER A 176 1.33 -34.61 -37.99
CA SER A 176 1.08 -34.35 -39.41
C SER A 176 -0.17 -35.13 -39.83
N GLY A 177 -0.38 -36.27 -39.19
CA GLY A 177 -1.52 -37.11 -39.53
C GLY A 177 -1.09 -38.29 -40.37
N GLY A 178 0.13 -38.23 -40.90
CA GLY A 178 0.64 -39.32 -41.72
C GLY A 178 0.09 -39.33 -43.13
N PRO A 179 0.56 -40.25 -43.98
CA PRO A 179 0.10 -40.35 -45.37
C PRO A 179 -1.38 -40.67 -45.57
N PHE A 180 -2.02 -41.22 -44.54
CA PHE A 180 -3.42 -41.59 -44.68
C PHE A 180 -4.40 -40.73 -43.89
N ARG A 181 -3.97 -39.52 -43.53
CA ARG A 181 -4.83 -38.62 -42.77
C ARG A 181 -6.20 -38.46 -43.41
N THR A 182 -6.25 -38.50 -44.73
CA THR A 182 -7.51 -38.35 -45.46
C THR A 182 -7.89 -39.59 -46.26
N THR A 183 -7.38 -40.74 -45.83
CA THR A 183 -7.67 -41.99 -46.51
C THR A 183 -8.67 -42.79 -45.67
N SER A 184 -9.67 -43.36 -46.33
CA SER A 184 -10.68 -44.15 -45.63
C SER A 184 -10.10 -45.49 -45.19
N LEU A 185 -10.67 -46.08 -44.15
CA LEU A 185 -10.22 -47.38 -43.65
C LEU A 185 -10.29 -48.40 -44.78
N ALA A 186 -11.28 -48.24 -45.65
CA ALA A 186 -11.49 -49.15 -46.76
C ALA A 186 -10.30 -49.18 -47.71
N GLU A 187 -9.82 -48.01 -48.11
CA GLU A 187 -8.69 -47.96 -49.03
C GLU A 187 -7.38 -48.25 -48.28
N MET A 188 -7.35 -47.96 -46.99
CA MET A 188 -6.17 -48.23 -46.17
C MET A 188 -5.93 -49.73 -46.08
N ALA A 189 -7.02 -50.48 -45.95
CA ALA A 189 -6.93 -51.94 -45.83
C ALA A 189 -6.06 -52.60 -46.89
N THR A 190 -5.99 -51.99 -48.08
CA THR A 190 -5.22 -52.58 -49.16
C THR A 190 -3.96 -51.84 -49.61
N VAL A 191 -3.48 -50.88 -48.82
CA VAL A 191 -2.27 -50.17 -49.21
C VAL A 191 -1.04 -51.08 -49.16
N THR A 192 -0.10 -50.85 -50.07
CA THR A 192 1.13 -51.63 -50.13
C THR A 192 2.18 -50.95 -49.25
N PRO A 193 3.22 -51.70 -48.84
CA PRO A 193 4.28 -51.15 -48.00
C PRO A 193 4.94 -49.94 -48.69
N GLU A 194 5.11 -50.04 -50.01
CA GLU A 194 5.73 -48.98 -50.79
C GLU A 194 4.90 -47.69 -50.71
N ARG A 195 3.57 -47.84 -50.69
CA ARG A 195 2.67 -46.70 -50.61
C ARG A 195 2.67 -46.10 -49.20
N ALA A 196 2.75 -46.96 -48.19
CA ALA A 196 2.74 -46.54 -46.79
C ALA A 196 4.02 -45.80 -46.37
N VAL A 197 5.17 -46.24 -46.88
CA VAL A 197 6.44 -45.60 -46.53
C VAL A 197 6.67 -44.43 -47.49
N GLN A 198 6.03 -44.52 -48.65
CA GLN A 198 6.12 -43.51 -49.70
C GLN A 198 6.22 -42.09 -49.13
N GLY A 205 14.17 -44.47 -42.31
CA GLY A 205 13.75 -45.84 -42.09
C GLY A 205 12.26 -46.04 -42.35
N ALA A 206 11.92 -47.19 -42.92
CA ALA A 206 10.53 -47.52 -43.22
C ALA A 206 9.72 -47.67 -41.93
N LYS A 207 10.31 -48.35 -40.94
CA LYS A 207 9.64 -48.56 -39.65
C LYS A 207 9.00 -47.29 -39.15
N ILE A 208 9.79 -46.23 -39.03
CA ILE A 208 9.28 -44.95 -38.56
C ILE A 208 8.17 -44.44 -39.48
N SER A 209 8.37 -44.58 -40.77
CA SER A 209 7.37 -44.14 -41.73
C SER A 209 6.04 -44.85 -41.50
N ILE A 210 6.11 -46.15 -41.24
CA ILE A 210 4.90 -46.93 -41.00
C ILE A 210 4.22 -46.48 -39.71
N ASP A 211 5.01 -46.19 -38.67
CA ASP A 211 4.46 -45.74 -37.41
C ASP A 211 3.72 -44.43 -37.64
N SER A 212 4.21 -43.64 -38.60
CA SER A 212 3.57 -42.38 -38.92
C SER A 212 2.24 -42.65 -39.63
N ALA A 213 2.21 -43.70 -40.44
CA ALA A 213 1.00 -44.07 -41.18
C ALA A 213 -0.09 -44.60 -40.25
N THR A 214 0.31 -45.39 -39.27
CA THR A 214 -0.64 -45.96 -38.32
C THR A 214 -0.91 -45.01 -37.17
N MET A 215 -0.07 -43.98 -37.06
CA MET A 215 -0.14 -42.99 -35.99
C MET A 215 0.38 -43.58 -34.69
N MET A 216 1.06 -44.72 -34.78
CA MET A 216 1.61 -45.34 -33.59
C MET A 216 2.71 -44.41 -33.06
N ASN A 217 3.37 -43.71 -33.97
CA ASN A 217 4.43 -42.79 -33.57
C ASN A 217 3.93 -41.76 -32.55
N LYS A 218 2.71 -41.29 -32.73
CA LYS A 218 2.14 -40.32 -31.80
C LYS A 218 1.83 -40.97 -30.47
N GLY A 219 1.41 -42.23 -30.51
CA GLY A 219 1.11 -42.93 -29.27
C GLY A 219 2.40 -43.09 -28.49
N LEU A 220 3.48 -43.40 -29.21
CA LEU A 220 4.79 -43.56 -28.58
C LEU A 220 5.29 -42.22 -28.04
N GLU A 221 5.10 -41.16 -28.81
CA GLU A 221 5.53 -39.83 -28.41
C GLU A 221 4.79 -39.44 -27.14
N LEU A 222 3.51 -39.78 -27.07
CA LEU A 222 2.72 -39.47 -25.90
C LEU A 222 3.36 -40.13 -24.67
N ILE A 223 3.67 -41.42 -24.79
CA ILE A 223 4.27 -42.16 -23.69
C ILE A 223 5.60 -41.53 -23.24
N GLU A 224 6.45 -41.17 -24.20
CA GLU A 224 7.74 -40.56 -23.87
C GLU A 224 7.54 -39.21 -23.20
N ALA A 225 6.59 -38.43 -23.69
CA ALA A 225 6.31 -37.11 -23.14
C ALA A 225 5.82 -37.21 -21.70
N PHE A 226 5.06 -38.25 -21.42
CA PHE A 226 4.53 -38.50 -20.09
C PHE A 226 5.68 -38.66 -19.09
N HIS A 227 6.70 -39.40 -19.49
CA HIS A 227 7.85 -39.64 -18.63
C HIS A 227 8.74 -38.40 -18.54
N LEU A 228 8.88 -37.72 -19.68
CA LEU A 228 9.71 -36.53 -19.75
C LEU A 228 9.23 -35.33 -18.94
N PHE A 229 7.93 -35.08 -19.00
CA PHE A 229 7.40 -33.90 -18.34
C PHE A 229 6.64 -34.11 -17.02
N GLN A 230 6.35 -35.35 -16.70
CA GLN A 230 5.71 -35.67 -15.44
C GLN A 230 4.40 -34.95 -15.09
N ILE A 231 3.46 -34.90 -16.03
CA ILE A 231 2.17 -34.29 -15.71
C ILE A 231 1.11 -35.34 -16.03
N PRO A 232 -0.06 -35.26 -15.38
CA PRO A 232 -1.15 -36.22 -15.60
C PRO A 232 -1.46 -36.47 -17.07
N LEU A 233 -1.67 -37.75 -17.42
CA LEU A 233 -1.98 -38.16 -18.79
C LEU A 233 -3.15 -37.39 -19.41
N GLU A 234 -4.15 -37.09 -18.59
CA GLU A 234 -5.33 -36.38 -19.08
C GLU A 234 -5.02 -34.97 -19.57
N LYS A 235 -3.84 -34.46 -19.24
CA LYS A 235 -3.45 -33.12 -19.68
C LYS A 235 -2.83 -33.12 -21.08
N PHE A 236 -2.60 -34.31 -21.64
CA PHE A 236 -2.05 -34.39 -22.99
C PHE A 236 -3.13 -34.45 -24.05
N GLU A 237 -2.89 -33.78 -25.16
CA GLU A 237 -3.82 -33.77 -26.28
C GLU A 237 -3.03 -33.98 -27.55
N ILE A 238 -3.64 -34.67 -28.52
CA ILE A 238 -2.99 -34.89 -29.80
C ILE A 238 -3.80 -34.05 -30.79
N LEU A 239 -3.11 -33.19 -31.52
CA LEU A 239 -3.77 -32.32 -32.48
C LEU A 239 -3.18 -32.52 -33.86
N VAL A 240 -4.02 -32.86 -34.83
CA VAL A 240 -3.54 -33.05 -36.19
C VAL A 240 -3.32 -31.67 -36.80
N HIS A 241 -2.15 -31.51 -37.38
CA HIS A 241 -1.72 -30.25 -37.99
C HIS A 241 -0.86 -30.63 -39.20
N PRO A 242 -1.51 -30.82 -40.36
CA PRO A 242 -0.89 -31.19 -41.64
C PRO A 242 0.46 -30.62 -41.99
N GLN A 243 0.62 -29.30 -41.88
CA GLN A 243 1.87 -28.65 -42.23
C GLN A 243 3.07 -28.99 -41.34
N SER A 244 2.79 -29.45 -40.12
CA SER A 244 3.85 -29.80 -39.19
C SER A 244 4.87 -28.70 -38.92
N VAL A 245 4.44 -27.44 -38.94
CA VAL A 245 5.35 -26.34 -38.65
C VAL A 245 5.33 -26.03 -37.15
N ILE A 246 4.15 -26.09 -36.52
CA ILE A 246 4.06 -25.91 -35.08
C ILE A 246 4.44 -27.32 -34.62
N HIS A 247 5.53 -27.45 -33.89
CA HIS A 247 6.03 -28.77 -33.47
C HIS A 247 5.45 -29.37 -32.19
N SER A 248 4.66 -28.55 -31.48
CA SER A 248 3.95 -28.92 -30.23
C SER A 248 3.78 -27.66 -29.38
N MET A 249 2.89 -27.71 -28.38
CA MET A 249 2.60 -26.54 -27.57
C MET A 249 2.31 -26.85 -26.11
N VAL A 250 2.37 -25.83 -25.27
CA VAL A 250 2.07 -25.97 -23.86
C VAL A 250 1.18 -24.81 -23.42
N GLU A 251 0.05 -25.12 -22.80
CA GLU A 251 -0.85 -24.07 -22.33
C GLU A 251 -0.67 -23.92 -20.84
N TYR A 252 -0.56 -22.67 -20.40
CA TYR A 252 -0.38 -22.37 -18.98
C TYR A 252 -1.72 -22.03 -18.34
N LEU A 253 -1.75 -22.07 -17.02
CA LEU A 253 -2.95 -21.78 -16.24
C LEU A 253 -3.55 -20.43 -16.53
N ASP A 254 -2.76 -19.49 -17.02
CA ASP A 254 -3.29 -18.17 -17.32
C ASP A 254 -3.91 -18.06 -18.71
N GLY A 255 -3.89 -19.18 -19.44
CA GLY A 255 -4.47 -19.21 -20.77
C GLY A 255 -3.45 -19.05 -21.88
N SER A 256 -2.23 -18.68 -21.52
CA SER A 256 -1.18 -18.47 -22.49
C SER A 256 -0.69 -19.79 -23.08
N ILE A 257 -0.59 -19.84 -24.40
CA ILE A 257 -0.12 -21.06 -25.06
C ILE A 257 1.23 -20.77 -25.71
N LEU A 258 2.25 -21.49 -25.28
CA LEU A 258 3.57 -21.30 -25.86
C LEU A 258 3.80 -22.42 -26.86
N ALA A 259 4.21 -22.05 -28.06
CA ALA A 259 4.46 -23.02 -29.11
C ALA A 259 5.84 -22.84 -29.71
N GLN A 260 6.39 -23.94 -30.22
CA GLN A 260 7.70 -23.91 -30.88
C GLN A 260 7.39 -24.21 -32.33
N ILE A 261 7.78 -23.30 -33.20
CA ILE A 261 7.51 -23.42 -34.63
C ILE A 261 8.80 -23.31 -35.42
N GLY A 262 8.80 -23.84 -36.64
CA GLY A 262 9.99 -23.74 -37.46
C GLY A 262 10.04 -24.70 -38.63
N SER A 263 11.17 -24.67 -39.33
CA SER A 263 11.41 -25.55 -40.46
C SER A 263 11.64 -26.93 -39.84
N PRO A 264 11.61 -27.99 -40.66
CA PRO A 264 11.81 -29.36 -40.15
C PRO A 264 13.25 -29.80 -39.90
N ASP A 265 14.20 -28.92 -40.17
CA ASP A 265 15.61 -29.24 -39.97
C ASP A 265 15.86 -29.73 -38.54
N MET A 266 16.38 -30.95 -38.40
CA MET A 266 16.63 -31.50 -37.06
C MET A 266 17.78 -30.80 -36.33
N ARG A 267 18.55 -30.00 -37.05
CA ARG A 267 19.65 -29.28 -36.41
C ARG A 267 19.13 -28.21 -35.45
N THR A 268 17.85 -27.85 -35.57
CA THR A 268 17.27 -26.86 -34.66
C THR A 268 17.12 -27.49 -33.27
N PRO A 269 16.35 -28.60 -33.16
CA PRO A 269 16.20 -29.20 -31.83
C PRO A 269 17.55 -29.72 -31.30
N ILE A 270 18.36 -30.32 -32.16
CA ILE A 270 19.66 -30.82 -31.73
C ILE A 270 20.52 -29.66 -31.24
N GLY A 271 20.49 -28.55 -31.97
CA GLY A 271 21.26 -27.37 -31.60
C GLY A 271 20.76 -26.82 -30.26
N HIS A 272 19.47 -26.91 -30.02
CA HIS A 272 18.93 -26.42 -28.76
C HIS A 272 19.55 -27.25 -27.62
N THR A 273 19.50 -28.57 -27.76
CA THR A 273 20.04 -29.44 -26.70
C THR A 273 21.55 -29.31 -26.55
N LEU A 274 22.25 -29.03 -27.65
CA LEU A 274 23.70 -28.89 -27.61
C LEU A 274 24.18 -27.60 -26.92
N ALA A 275 23.46 -26.50 -27.16
CA ALA A 275 23.83 -25.21 -26.58
C ALA A 275 23.20 -24.93 -25.21
N TRP A 276 22.11 -25.62 -24.89
CA TRP A 276 21.42 -25.41 -23.62
C TRP A 276 22.40 -25.31 -22.45
N PRO A 277 22.20 -24.35 -21.53
CA PRO A 277 21.12 -23.35 -21.47
C PRO A 277 21.29 -22.18 -22.41
N LYS A 278 22.37 -22.18 -23.19
CA LYS A 278 22.61 -21.11 -24.14
C LYS A 278 21.95 -21.43 -25.47
N ARG A 279 22.18 -20.60 -26.47
CA ARG A 279 21.61 -20.80 -27.80
C ARG A 279 22.77 -20.67 -28.79
N MET A 280 22.68 -21.40 -29.90
CA MET A 280 23.73 -21.36 -30.90
C MET A 280 23.16 -21.23 -32.29
N GLU A 281 23.97 -20.73 -33.20
CA GLU A 281 23.58 -20.60 -34.59
C GLU A 281 23.59 -21.96 -35.26
N THR A 282 22.59 -22.22 -36.10
CA THR A 282 22.54 -23.46 -36.87
C THR A 282 22.13 -23.01 -38.26
N PRO A 283 22.44 -23.81 -39.28
CA PRO A 283 22.07 -23.45 -40.66
C PRO A 283 20.61 -23.75 -41.00
N ALA A 284 19.81 -24.08 -39.98
CA ALA A 284 18.41 -24.38 -40.20
C ALA A 284 17.71 -23.17 -40.84
N GLU A 285 16.88 -23.45 -41.84
CA GLU A 285 16.17 -22.39 -42.53
C GLU A 285 15.15 -21.70 -41.63
N SER A 286 14.99 -20.39 -41.81
CA SER A 286 14.00 -19.64 -41.04
C SER A 286 12.66 -19.83 -41.74
N LEU A 287 11.66 -20.31 -41.01
CA LEU A 287 10.35 -20.55 -41.60
C LEU A 287 9.76 -19.30 -42.24
N ASP A 288 9.37 -19.40 -43.50
CA ASP A 288 8.79 -18.28 -44.22
C ASP A 288 7.27 -18.42 -44.14
N PHE A 289 6.66 -17.68 -43.22
CA PHE A 289 5.21 -17.76 -43.04
C PHE A 289 4.42 -17.30 -44.25
N THR A 290 4.95 -16.34 -44.99
CA THR A 290 4.25 -15.85 -46.18
C THR A 290 4.17 -16.95 -47.22
N LYS A 291 5.24 -17.73 -47.37
CA LYS A 291 5.23 -18.81 -48.35
C LYS A 291 4.38 -19.97 -47.82
N LEU A 292 4.39 -20.16 -46.50
CA LEU A 292 3.59 -21.22 -45.88
C LEU A 292 2.13 -20.91 -46.17
N ARG A 293 1.77 -19.64 -45.98
CA ARG A 293 0.44 -19.13 -46.23
C ARG A 293 -0.65 -19.59 -45.27
N GLN A 294 -0.73 -20.89 -45.00
CA GLN A 294 -1.76 -21.42 -44.10
C GLN A 294 -1.32 -22.55 -43.17
N MET A 295 -2.04 -22.67 -42.06
CA MET A 295 -1.82 -23.72 -41.06
C MET A 295 -3.19 -24.30 -40.77
N ASP A 296 -3.31 -25.63 -40.83
CA ASP A 296 -4.58 -26.28 -40.55
C ASP A 296 -4.52 -27.12 -39.29
N PHE A 297 -5.67 -27.28 -38.65
CA PHE A 297 -5.78 -28.07 -37.42
C PHE A 297 -7.08 -28.83 -37.42
N GLU A 298 -7.04 -30.06 -36.91
CA GLU A 298 -8.24 -30.89 -36.84
C GLU A 298 -8.03 -31.96 -35.78
N ALA A 299 -9.13 -32.54 -35.32
CA ALA A 299 -9.06 -33.57 -34.30
C ALA A 299 -8.55 -34.88 -34.89
N PRO A 300 -7.79 -35.65 -34.10
CA PRO A 300 -7.27 -36.94 -34.61
C PRO A 300 -8.46 -37.90 -34.67
N ASP A 301 -8.45 -38.81 -35.64
CA ASP A 301 -9.55 -39.77 -35.77
C ASP A 301 -9.21 -41.08 -35.06
N TYR A 302 -9.60 -41.20 -33.80
CA TYR A 302 -9.32 -42.39 -33.01
C TYR A 302 -9.92 -43.66 -33.58
N GLU A 303 -10.99 -43.51 -34.36
CA GLU A 303 -11.65 -44.64 -34.98
C GLU A 303 -10.83 -45.18 -36.15
N ARG A 304 -10.26 -44.27 -36.92
CA ARG A 304 -9.46 -44.66 -38.08
C ARG A 304 -8.04 -45.08 -37.72
N PHE A 305 -7.58 -44.68 -36.53
CA PHE A 305 -6.23 -45.03 -36.11
C PHE A 305 -6.23 -45.53 -34.66
N PRO A 306 -6.66 -46.79 -34.46
CA PRO A 306 -6.74 -47.42 -33.14
C PRO A 306 -5.41 -47.47 -32.39
N ALA A 307 -4.30 -47.30 -33.11
CA ALA A 307 -3.00 -47.30 -32.46
C ALA A 307 -2.94 -46.24 -31.36
N LEU A 308 -3.54 -45.08 -31.62
CA LEU A 308 -3.55 -43.99 -30.65
C LEU A 308 -4.22 -44.44 -29.34
N THR A 309 -5.32 -45.17 -29.47
CA THR A 309 -6.05 -45.64 -28.30
C THR A 309 -5.25 -46.69 -27.53
N LEU A 310 -4.62 -47.61 -28.24
CA LEU A 310 -3.84 -48.65 -27.60
C LEU A 310 -2.74 -48.01 -26.75
N ALA A 311 -2.05 -47.03 -27.32
CA ALA A 311 -0.97 -46.35 -26.61
C ALA A 311 -1.47 -45.67 -25.35
N MET A 312 -2.63 -45.02 -25.43
CA MET A 312 -3.18 -44.33 -24.27
C MET A 312 -3.52 -45.34 -23.18
N GLU A 313 -4.22 -46.41 -23.56
CA GLU A 313 -4.60 -47.45 -22.60
C GLU A 313 -3.36 -48.05 -21.97
N SER A 314 -2.32 -48.24 -22.77
CA SER A 314 -1.07 -48.82 -22.30
C SER A 314 -0.39 -47.99 -21.22
N ILE A 315 -0.19 -46.70 -21.49
CA ILE A 315 0.45 -45.83 -20.53
C ILE A 315 -0.48 -45.58 -19.35
N LYS A 316 -1.78 -45.57 -19.62
CA LYS A 316 -2.77 -45.37 -18.59
C LYS A 316 -2.63 -46.50 -17.57
N SER A 317 -2.50 -47.72 -18.06
CA SER A 317 -2.34 -48.90 -17.22
C SER A 317 -0.90 -48.95 -16.67
N GLY A 318 0.03 -48.42 -17.45
CA GLY A 318 1.42 -48.41 -17.02
C GLY A 318 2.06 -49.77 -16.94
N GLY A 319 2.98 -49.93 -16.00
CA GLY A 319 3.67 -51.20 -15.84
C GLY A 319 4.50 -51.51 -17.06
N ALA A 320 4.34 -52.71 -17.60
CA ALA A 320 5.10 -53.13 -18.78
C ALA A 320 4.30 -52.98 -20.07
N ARG A 321 3.08 -52.50 -19.95
CA ARG A 321 2.21 -52.32 -21.13
C ARG A 321 2.91 -51.62 -22.30
N PRO A 322 3.48 -50.43 -22.05
CA PRO A 322 4.17 -49.68 -23.11
C PRO A 322 5.29 -50.48 -23.76
N ALA A 323 6.07 -51.17 -22.95
CA ALA A 323 7.17 -51.96 -23.46
C ALA A 323 6.63 -53.07 -24.33
N VAL A 324 5.59 -53.75 -23.87
CA VAL A 324 4.99 -54.83 -24.64
C VAL A 324 4.42 -54.27 -25.94
N MET A 325 3.71 -53.16 -25.85
CA MET A 325 3.12 -52.55 -27.04
C MET A 325 4.18 -52.20 -28.08
N ASN A 326 5.24 -51.53 -27.65
CA ASN A 326 6.33 -51.13 -28.52
C ASN A 326 6.96 -52.34 -29.21
N ALA A 327 7.16 -53.41 -28.44
CA ALA A 327 7.77 -54.62 -28.97
C ALA A 327 6.91 -55.28 -30.03
N ALA A 328 5.63 -55.45 -29.74
CA ALA A 328 4.70 -56.08 -30.67
C ALA A 328 4.62 -55.28 -31.96
N ASN A 329 4.67 -53.96 -31.84
CA ASN A 329 4.61 -53.10 -33.01
C ASN A 329 5.81 -53.32 -33.92
N GLU A 330 6.97 -53.53 -33.32
CA GLU A 330 8.18 -53.76 -34.11
C GLU A 330 7.93 -54.99 -34.99
N ILE A 331 7.39 -56.05 -34.38
CA ILE A 331 7.12 -57.28 -35.11
C ILE A 331 6.07 -57.07 -36.20
N ALA A 332 4.95 -56.46 -35.84
CA ALA A 332 3.87 -56.23 -36.78
C ALA A 332 4.31 -55.37 -37.96
N VAL A 333 5.02 -54.28 -37.69
CA VAL A 333 5.49 -53.42 -38.76
C VAL A 333 6.40 -54.14 -39.74
N ALA A 334 7.37 -54.90 -39.20
CA ALA A 334 8.28 -55.64 -40.05
C ALA A 334 7.48 -56.61 -40.91
N ALA A 335 6.50 -57.28 -40.31
CA ALA A 335 5.67 -58.23 -41.02
C ALA A 335 4.92 -57.55 -42.17
N PHE A 336 4.42 -56.34 -41.93
CA PHE A 336 3.71 -55.61 -42.97
C PHE A 336 4.66 -55.25 -44.11
N LEU A 337 5.83 -54.73 -43.74
CA LEU A 337 6.83 -54.34 -44.74
C LEU A 337 7.29 -55.55 -45.55
N ASP A 338 7.18 -56.75 -44.96
CA ASP A 338 7.59 -57.97 -45.63
C ASP A 338 6.39 -58.63 -46.32
N LYS A 339 5.30 -57.88 -46.43
CA LYS A 339 4.08 -58.37 -47.08
C LYS A 339 3.50 -59.66 -46.50
N LYS A 340 3.64 -59.86 -45.20
CA LYS A 340 3.10 -61.04 -44.55
C LYS A 340 1.70 -60.75 -43.99
N ILE A 341 1.42 -59.46 -43.77
CA ILE A 341 0.12 -59.05 -43.24
C ILE A 341 -0.36 -57.76 -43.91
N GLY A 342 -1.59 -57.37 -43.61
CA GLY A 342 -2.13 -56.16 -44.19
C GLY A 342 -1.80 -54.97 -43.31
N PHE A 343 -1.95 -53.76 -43.85
CA PHE A 343 -1.67 -52.54 -43.10
C PHE A 343 -2.48 -52.47 -41.81
N LEU A 344 -3.78 -52.71 -41.91
CA LEU A 344 -4.65 -52.64 -40.74
C LEU A 344 -4.42 -53.75 -39.73
N ASP A 345 -3.65 -54.77 -40.11
CA ASP A 345 -3.36 -55.87 -39.19
C ASP A 345 -2.32 -55.49 -38.14
N ILE A 346 -1.54 -54.45 -38.42
CA ILE A 346 -0.50 -54.00 -37.48
C ILE A 346 -1.07 -53.71 -36.10
N ALA A 347 -2.05 -52.81 -36.05
CA ALA A 347 -2.65 -52.44 -34.78
C ALA A 347 -3.38 -53.62 -34.13
N LYS A 348 -3.90 -54.52 -34.97
CA LYS A 348 -4.61 -55.69 -34.45
C LYS A 348 -3.67 -56.63 -33.74
N ILE A 349 -2.48 -56.81 -34.30
CA ILE A 349 -1.49 -57.69 -33.70
C ILE A 349 -0.98 -57.08 -32.39
N VAL A 350 -0.79 -55.76 -32.38
CA VAL A 350 -0.32 -55.11 -31.18
C VAL A 350 -1.37 -55.28 -30.08
N GLU A 351 -2.64 -55.05 -30.43
CA GLU A 351 -3.73 -55.21 -29.47
C GLU A 351 -3.82 -56.63 -28.89
N LYS A 352 -3.75 -57.63 -29.76
CA LYS A 352 -3.82 -59.02 -29.33
C LYS A 352 -2.68 -59.33 -28.36
N THR A 353 -1.46 -58.92 -28.72
CA THR A 353 -0.30 -59.17 -27.88
C THR A 353 -0.50 -58.57 -26.50
N LEU A 354 -0.97 -57.33 -26.46
CA LEU A 354 -1.20 -56.65 -25.20
C LEU A 354 -2.20 -57.43 -24.36
N ASP A 355 -3.19 -58.01 -25.03
CA ASP A 355 -4.22 -58.77 -24.32
C ASP A 355 -3.74 -60.08 -23.69
N HIS A 356 -2.85 -60.79 -24.38
CA HIS A 356 -2.40 -62.08 -23.87
C HIS A 356 -1.07 -62.10 -23.12
N TYR A 357 -0.32 -61.00 -23.18
CA TYR A 357 0.96 -60.96 -22.48
C TYR A 357 1.07 -59.73 -21.59
N THR A 358 0.99 -59.95 -20.29
CA THR A 358 1.09 -58.87 -19.33
C THR A 358 2.08 -59.24 -18.22
N PRO A 359 3.38 -59.15 -18.50
CA PRO A 359 4.42 -59.47 -17.51
C PRO A 359 4.43 -58.48 -16.37
N ALA A 360 5.29 -58.72 -15.38
CA ALA A 360 5.40 -57.85 -14.23
C ALA A 360 6.24 -56.63 -14.62
N THR A 361 6.04 -55.52 -13.91
CA THR A 361 6.76 -54.29 -14.20
C THR A 361 8.26 -54.47 -13.99
N PRO A 362 9.08 -53.97 -14.92
CA PRO A 362 10.55 -54.06 -14.88
C PRO A 362 11.17 -53.40 -13.66
N SER A 363 12.24 -54.01 -13.15
CA SER A 363 12.96 -53.49 -12.00
C SER A 363 14.36 -53.12 -12.47
N SER A 364 14.68 -53.49 -13.71
CA SER A 364 15.99 -53.22 -14.28
C SER A 364 15.94 -53.39 -15.80
N LEU A 365 17.02 -52.99 -16.47
CA LEU A 365 17.09 -53.12 -17.92
C LEU A 365 17.03 -54.59 -18.30
N GLU A 366 17.56 -55.46 -17.45
CA GLU A 366 17.51 -56.89 -17.74
C GLU A 366 16.05 -57.31 -17.87
N ASP A 367 15.20 -56.82 -16.97
CA ASP A 367 13.78 -57.14 -17.03
C ASP A 367 13.15 -56.57 -18.30
N VAL A 368 13.60 -55.38 -18.69
CA VAL A 368 13.08 -54.74 -19.90
C VAL A 368 13.48 -55.57 -21.12
N PHE A 369 14.73 -56.01 -21.15
CA PHE A 369 15.21 -56.83 -22.27
C PHE A 369 14.37 -58.09 -22.35
N ALA A 370 14.09 -58.68 -21.20
CA ALA A 370 13.30 -59.91 -21.15
C ALA A 370 11.88 -59.66 -21.67
N ILE A 371 11.28 -58.56 -21.23
CA ILE A 371 9.93 -58.22 -21.66
C ILE A 371 9.86 -57.98 -23.17
N ASP A 372 10.84 -57.25 -23.70
CA ASP A 372 10.86 -56.96 -25.13
C ASP A 372 10.97 -58.26 -25.95
N ASN A 373 11.90 -59.11 -25.56
CA ASN A 373 12.10 -60.39 -26.24
C ASN A 373 10.87 -61.28 -26.21
N GLU A 374 10.23 -61.38 -25.05
CA GLU A 374 9.03 -62.22 -24.92
C GLU A 374 7.87 -61.67 -25.74
N ALA A 375 7.63 -60.37 -25.64
CA ALA A 375 6.54 -59.74 -26.37
C ALA A 375 6.74 -59.96 -27.87
N ARG A 376 7.99 -59.94 -28.32
CA ARG A 376 8.30 -60.16 -29.73
C ARG A 376 7.93 -61.59 -30.12
N ILE A 377 8.19 -62.54 -29.21
CA ILE A 377 7.86 -63.93 -29.46
C ILE A 377 6.35 -64.09 -29.51
N GLN A 378 5.67 -63.49 -28.54
CA GLN A 378 4.21 -63.54 -28.44
C GLN A 378 3.58 -62.93 -29.69
N ALA A 379 4.05 -61.75 -30.07
CA ALA A 379 3.55 -61.05 -31.24
C ALA A 379 3.72 -61.88 -32.51
N ALA A 380 4.89 -62.50 -32.66
CA ALA A 380 5.15 -63.31 -33.84
C ALA A 380 4.17 -64.48 -33.91
N ALA A 381 3.89 -65.08 -32.76
CA ALA A 381 2.98 -66.22 -32.70
C ALA A 381 1.58 -65.80 -33.15
N LEU A 382 1.09 -64.69 -32.59
CA LEU A 382 -0.24 -64.19 -32.94
C LEU A 382 -0.27 -63.78 -34.40
N MET A 383 0.81 -63.18 -34.86
CA MET A 383 0.92 -62.71 -36.24
C MET A 383 0.79 -63.90 -37.19
N GLU A 384 1.28 -65.06 -36.78
CA GLU A 384 1.23 -66.26 -37.60
C GLU A 384 -0.15 -66.91 -37.54
N SER A 385 -0.76 -66.88 -36.36
CA SER A 385 -2.08 -67.47 -36.16
C SER A 385 -3.20 -66.53 -36.54
N LEU A 386 -2.86 -65.51 -37.32
CA LEU A 386 -3.85 -64.53 -37.75
C LEU A 386 -4.81 -65.13 -38.76
N PRO A 387 -6.14 -65.03 -38.53
CA PRO A 387 -7.13 -65.59 -39.45
C PRO A 387 -7.21 -64.79 -40.75
N GLN B 3 3.40 -12.53 3.23
CA GLN B 3 2.74 -11.20 3.34
C GLN B 3 2.14 -10.81 2.00
N PRO B 4 1.02 -10.05 2.02
CA PRO B 4 0.36 -9.62 0.78
C PRO B 4 1.23 -8.69 -0.06
N ARG B 5 1.16 -8.86 -1.38
CA ARG B 5 1.93 -8.02 -2.29
C ARG B 5 1.07 -6.80 -2.57
N THR B 6 1.66 -5.61 -2.45
CA THR B 6 0.93 -4.36 -2.66
C THR B 6 0.80 -4.01 -4.15
N VAL B 7 -0.40 -3.60 -4.55
CA VAL B 7 -0.66 -3.25 -5.93
C VAL B 7 -1.42 -1.92 -6.11
N THR B 8 -1.08 -1.23 -7.18
CA THR B 8 -1.72 0.02 -7.53
C THR B 8 -2.13 -0.05 -8.98
N VAL B 9 -3.35 0.39 -9.27
CA VAL B 9 -3.85 0.37 -10.63
C VAL B 9 -4.15 1.79 -11.08
N LEU B 10 -3.33 2.28 -12.01
CA LEU B 10 -3.51 3.62 -12.56
C LEU B 10 -4.42 3.43 -13.78
N GLY B 11 -5.65 3.94 -13.69
CA GLY B 11 -6.60 3.78 -14.79
C GLY B 11 -7.32 2.47 -14.56
N ALA B 12 -7.98 2.36 -13.40
CA ALA B 12 -8.67 1.14 -13.01
C ALA B 12 -10.09 0.96 -13.53
N THR B 13 -10.62 1.95 -14.24
CA THR B 13 -11.99 1.86 -14.72
C THR B 13 -12.13 1.59 -16.21
N GLY B 14 -11.02 1.60 -16.94
CA GLY B 14 -11.07 1.31 -18.36
C GLY B 14 -11.12 -0.20 -18.51
N SER B 15 -11.03 -0.71 -19.74
CA SER B 15 -11.08 -2.15 -19.94
C SER B 15 -9.90 -2.88 -19.30
N ILE B 16 -8.69 -2.33 -19.45
CA ILE B 16 -7.52 -2.96 -18.84
C ILE B 16 -7.66 -2.97 -17.32
N GLY B 17 -8.10 -1.84 -16.77
CA GLY B 17 -8.27 -1.73 -15.34
C GLY B 17 -9.29 -2.72 -14.79
N HIS B 18 -10.40 -2.88 -15.51
CA HIS B 18 -11.42 -3.82 -15.10
C HIS B 18 -10.89 -5.24 -15.11
N SER B 19 -10.16 -5.58 -16.16
CA SER B 19 -9.58 -6.92 -16.27
C SER B 19 -8.54 -7.13 -15.18
N THR B 20 -7.81 -6.08 -14.86
CA THR B 20 -6.78 -6.16 -13.83
C THR B 20 -7.43 -6.39 -12.46
N LEU B 21 -8.49 -5.64 -12.16
CA LEU B 21 -9.18 -5.80 -10.88
C LEU B 21 -9.81 -7.18 -10.75
N ASP B 22 -10.32 -7.70 -11.86
CA ASP B 22 -10.92 -9.03 -11.88
C ASP B 22 -9.93 -10.02 -11.27
N LEU B 23 -8.70 -10.00 -11.76
CA LEU B 23 -7.68 -10.92 -11.27
C LEU B 23 -7.27 -10.63 -9.83
N ILE B 24 -7.17 -9.34 -9.49
CA ILE B 24 -6.78 -8.96 -8.13
C ILE B 24 -7.83 -9.41 -7.12
N GLU B 25 -9.09 -9.17 -7.42
CA GLU B 25 -10.17 -9.54 -6.51
C GLU B 25 -10.39 -11.03 -6.31
N ARG B 26 -9.85 -11.84 -7.21
CA ARG B 26 -9.94 -13.30 -7.10
C ARG B 26 -8.77 -13.75 -6.24
N ASN B 27 -7.96 -12.79 -5.81
CA ASN B 27 -6.77 -13.10 -5.03
C ASN B 27 -6.47 -12.04 -3.98
N LEU B 28 -7.49 -11.58 -3.27
CA LEU B 28 -7.29 -10.56 -2.26
C LEU B 28 -6.43 -11.05 -1.10
N ASP B 29 -6.23 -12.36 -1.03
CA ASP B 29 -5.39 -12.91 0.03
C ASP B 29 -3.93 -12.82 -0.40
N ARG B 30 -3.71 -12.52 -1.68
CA ARG B 30 -2.36 -12.41 -2.23
C ARG B 30 -1.98 -10.97 -2.53
N TYR B 31 -2.98 -10.12 -2.77
CA TYR B 31 -2.74 -8.73 -3.10
C TYR B 31 -3.44 -7.71 -2.21
N GLN B 32 -2.71 -6.65 -1.89
CA GLN B 32 -3.23 -5.55 -1.08
C GLN B 32 -3.25 -4.30 -1.94
N VAL B 33 -4.44 -3.78 -2.21
CA VAL B 33 -4.58 -2.61 -3.04
C VAL B 33 -4.21 -1.32 -2.34
N ILE B 34 -3.26 -0.59 -2.91
CA ILE B 34 -2.83 0.67 -2.35
C ILE B 34 -3.69 1.78 -2.95
N ALA B 35 -3.41 2.14 -4.20
CA ALA B 35 -4.19 3.18 -4.85
C ALA B 35 -4.86 2.73 -6.14
N LEU B 36 -6.01 3.33 -6.41
CA LEU B 36 -6.75 3.06 -7.64
C LEU B 36 -7.05 4.45 -8.17
N THR B 37 -6.96 4.63 -9.48
CA THR B 37 -7.26 5.94 -10.05
C THR B 37 -8.16 5.77 -11.25
N ALA B 38 -8.89 6.84 -11.58
CA ALA B 38 -9.78 6.84 -12.72
C ALA B 38 -9.73 8.24 -13.32
N ASN B 39 -10.39 8.43 -14.45
CA ASN B 39 -10.40 9.73 -15.11
C ASN B 39 -11.66 10.51 -14.76
N ARG B 40 -12.81 9.96 -15.14
CA ARG B 40 -14.09 10.63 -14.86
C ARG B 40 -15.16 9.72 -14.25
N ASN B 41 -14.93 8.41 -14.23
CA ASN B 41 -15.91 7.48 -13.68
C ASN B 41 -15.80 7.30 -12.17
N VAL B 42 -16.31 8.28 -11.43
CA VAL B 42 -16.27 8.26 -9.97
C VAL B 42 -16.96 7.02 -9.40
N LYS B 43 -18.15 6.72 -9.92
CA LYS B 43 -18.93 5.58 -9.45
C LYS B 43 -18.13 4.28 -9.45
N ASP B 44 -17.60 3.94 -10.62
CA ASP B 44 -16.82 2.73 -10.77
C ASP B 44 -15.58 2.76 -9.88
N LEU B 45 -14.88 3.90 -9.87
CA LEU B 45 -13.69 4.04 -9.04
C LEU B 45 -13.98 3.76 -7.58
N ALA B 46 -14.98 4.46 -7.04
CA ALA B 46 -15.36 4.32 -5.64
C ALA B 46 -15.75 2.91 -5.25
N ASP B 47 -16.59 2.27 -6.05
CA ASP B 47 -17.01 0.91 -5.75
C ASP B 47 -15.81 -0.03 -5.68
N ALA B 48 -14.94 0.06 -6.67
CA ALA B 48 -13.74 -0.78 -6.72
C ALA B 48 -12.86 -0.52 -5.50
N ALA B 49 -12.68 0.75 -5.17
CA ALA B 49 -11.86 1.13 -4.03
C ALA B 49 -12.41 0.55 -2.73
N LYS B 50 -13.72 0.67 -2.54
CA LYS B 50 -14.35 0.15 -1.33
C LYS B 50 -14.30 -1.37 -1.27
N ARG B 51 -14.50 -2.03 -2.41
CA ARG B 51 -14.46 -3.48 -2.46
C ARG B 51 -13.10 -4.01 -2.05
N THR B 52 -12.05 -3.46 -2.65
CA THR B 52 -10.68 -3.88 -2.38
C THR B 52 -10.06 -3.23 -1.15
N ASN B 53 -10.85 -2.44 -0.45
CA ASN B 53 -10.37 -1.77 0.76
C ASN B 53 -9.09 -1.00 0.42
N ALA B 54 -9.12 -0.32 -0.72
CA ALA B 54 -7.97 0.45 -1.18
C ALA B 54 -7.66 1.56 -0.19
N LYS B 55 -6.39 1.95 -0.11
CA LYS B 55 -5.98 3.00 0.81
C LYS B 55 -6.34 4.37 0.25
N ARG B 56 -6.33 4.50 -1.07
CA ARG B 56 -6.64 5.77 -1.69
C ARG B 56 -7.23 5.62 -3.09
N ALA B 57 -8.14 6.52 -3.44
CA ALA B 57 -8.76 6.52 -4.75
C ALA B 57 -8.58 7.92 -5.32
N VAL B 58 -8.12 8.00 -6.56
CA VAL B 58 -7.89 9.30 -7.17
C VAL B 58 -8.66 9.48 -8.45
N ILE B 59 -9.42 10.57 -8.53
CA ILE B 59 -10.17 10.88 -9.73
C ILE B 59 -9.36 11.97 -10.43
N ALA B 60 -8.96 11.72 -11.67
CA ALA B 60 -8.14 12.66 -12.43
C ALA B 60 -8.75 14.05 -12.56
N ASP B 61 -10.04 14.10 -12.87
CA ASP B 61 -10.73 15.36 -13.05
C ASP B 61 -10.97 16.07 -11.72
N PRO B 62 -10.31 17.21 -11.50
CA PRO B 62 -10.48 17.95 -10.24
C PRO B 62 -11.94 18.33 -10.00
N SER B 63 -12.67 18.53 -11.09
CA SER B 63 -14.08 18.92 -11.01
C SER B 63 -14.94 17.85 -10.35
N LEU B 64 -14.44 16.62 -10.30
CA LEU B 64 -15.20 15.52 -9.72
C LEU B 64 -14.76 15.14 -8.30
N TYR B 65 -13.86 15.91 -7.70
CA TYR B 65 -13.39 15.59 -6.37
C TYR B 65 -14.50 15.43 -5.33
N ASN B 66 -15.48 16.33 -5.35
CA ASN B 66 -16.59 16.26 -4.40
C ASN B 66 -17.39 14.98 -4.54
N ASP B 67 -17.72 14.61 -5.76
CA ASP B 67 -18.49 13.39 -5.98
C ASP B 67 -17.75 12.18 -5.42
N LEU B 68 -16.43 12.15 -5.59
CA LEU B 68 -15.64 11.04 -5.09
C LEU B 68 -15.67 10.97 -3.57
N LYS B 69 -15.44 12.10 -2.90
CA LYS B 69 -15.44 12.11 -1.44
C LYS B 69 -16.77 11.60 -0.88
N GLU B 70 -17.86 12.02 -1.51
CA GLU B 70 -19.20 11.61 -1.07
C GLU B 70 -19.39 10.12 -1.24
N ALA B 71 -18.93 9.60 -2.37
CA ALA B 71 -19.05 8.17 -2.65
C ALA B 71 -18.28 7.33 -1.66
N LEU B 72 -17.20 7.87 -1.13
CA LEU B 72 -16.36 7.16 -0.17
C LEU B 72 -16.72 7.44 1.29
N ALA B 73 -17.69 8.32 1.50
CA ALA B 73 -18.10 8.65 2.86
C ALA B 73 -18.49 7.38 3.61
N GLY B 74 -17.98 7.23 4.83
CA GLY B 74 -18.30 6.07 5.63
C GLY B 74 -17.25 4.97 5.55
N SER B 75 -16.40 5.04 4.54
CA SER B 75 -15.34 4.04 4.36
C SER B 75 -14.02 4.56 4.89
N SER B 76 -12.96 3.79 4.65
CA SER B 76 -11.63 4.16 5.09
C SER B 76 -10.74 4.47 3.89
N VAL B 77 -11.37 4.64 2.73
CA VAL B 77 -10.64 4.95 1.50
C VAL B 77 -10.38 6.45 1.38
N GLU B 78 -9.11 6.81 1.23
CA GLU B 78 -8.72 8.20 1.08
C GLU B 78 -9.17 8.69 -0.28
N ALA B 79 -9.61 9.94 -0.35
CA ALA B 79 -10.06 10.53 -1.60
C ALA B 79 -9.12 11.63 -2.06
N ALA B 80 -8.82 11.64 -3.36
CA ALA B 80 -7.93 12.66 -3.92
C ALA B 80 -8.34 12.92 -5.36
N ALA B 81 -7.86 14.02 -5.92
CA ALA B 81 -8.19 14.38 -7.30
C ALA B 81 -7.14 15.28 -7.91
N GLY B 82 -7.13 15.35 -9.24
CA GLY B 82 -6.17 16.21 -9.93
C GLY B 82 -4.97 15.48 -10.46
N ALA B 83 -4.28 16.10 -11.42
CA ALA B 83 -3.10 15.52 -12.05
C ALA B 83 -1.99 15.18 -11.04
N ASP B 84 -1.68 16.11 -10.15
CA ASP B 84 -0.61 15.84 -9.17
C ASP B 84 -0.95 14.64 -8.29
N ALA B 85 -2.23 14.52 -7.93
CA ALA B 85 -2.67 13.42 -7.08
C ALA B 85 -2.37 12.07 -7.73
N LEU B 86 -2.47 12.02 -9.05
CA LEU B 86 -2.18 10.79 -9.79
C LEU B 86 -0.72 10.41 -9.60
N VAL B 87 0.16 11.40 -9.71
CA VAL B 87 1.57 11.15 -9.54
C VAL B 87 1.84 10.67 -8.12
N GLU B 88 1.23 11.33 -7.15
CA GLU B 88 1.43 10.96 -5.75
C GLU B 88 0.95 9.53 -5.51
N ALA B 89 -0.19 9.17 -6.07
CA ALA B 89 -0.71 7.81 -5.91
C ALA B 89 0.32 6.81 -6.45
N ALA B 90 0.91 7.15 -7.59
CA ALA B 90 1.90 6.29 -8.23
C ALA B 90 3.18 6.17 -7.40
N MET B 91 3.35 7.07 -6.45
CA MET B 91 4.54 7.07 -5.60
C MET B 91 4.25 6.52 -4.21
N MET B 92 3.06 5.97 -4.00
CA MET B 92 2.71 5.44 -2.69
C MET B 92 3.49 4.17 -2.31
N GLY B 93 4.24 3.61 -3.25
CA GLY B 93 5.05 2.44 -2.94
C GLY B 93 4.60 1.04 -3.31
N ALA B 94 3.57 0.91 -4.13
CA ALA B 94 3.09 -0.41 -4.54
C ALA B 94 4.21 -1.24 -5.18
N ASP B 95 4.31 -2.50 -4.81
CA ASP B 95 5.34 -3.36 -5.39
C ASP B 95 4.99 -3.63 -6.85
N TRP B 96 3.69 -3.64 -7.15
CA TRP B 96 3.24 -3.89 -8.52
C TRP B 96 2.30 -2.79 -8.93
N THR B 97 2.60 -2.14 -10.05
CA THR B 97 1.79 -1.04 -10.55
C THR B 97 1.32 -1.26 -11.98
N MET B 98 0.01 -1.20 -12.18
CA MET B 98 -0.56 -1.34 -13.51
C MET B 98 -0.69 0.10 -14.01
N ALA B 99 0.11 0.44 -15.02
CA ALA B 99 0.08 1.80 -15.59
C ALA B 99 -0.86 1.75 -16.78
N ALA B 100 -2.13 2.07 -16.53
CA ALA B 100 -3.13 2.03 -17.59
C ALA B 100 -3.82 3.35 -17.91
N ILE B 101 -3.25 4.46 -17.46
CA ILE B 101 -3.81 5.77 -17.77
C ILE B 101 -3.39 6.04 -19.21
N ILE B 102 -4.35 6.29 -20.10
CA ILE B 102 -4.01 6.54 -21.51
C ILE B 102 -3.66 7.99 -21.82
N GLY B 103 -2.97 8.18 -22.94
CA GLY B 103 -2.60 9.51 -23.39
C GLY B 103 -1.38 10.10 -22.69
N CYS B 104 -0.99 11.29 -23.10
CA CYS B 104 0.14 11.95 -22.49
C CYS B 104 -0.17 12.25 -21.03
N ALA B 105 -1.45 12.22 -20.69
CA ALA B 105 -1.89 12.50 -19.32
C ALA B 105 -1.43 11.41 -18.35
N GLY B 106 -0.94 10.30 -18.90
CA GLY B 106 -0.50 9.21 -18.04
C GLY B 106 1.02 9.14 -17.91
N LEU B 107 1.73 9.95 -18.70
CA LEU B 107 3.19 9.95 -18.68
C LEU B 107 3.83 10.22 -17.31
N LYS B 108 3.39 11.30 -16.66
CA LYS B 108 3.93 11.68 -15.37
C LYS B 108 3.83 10.61 -14.29
N ALA B 109 2.63 10.03 -14.13
CA ALA B 109 2.43 9.00 -13.12
C ALA B 109 3.19 7.74 -13.49
N THR B 110 3.21 7.41 -14.77
CA THR B 110 3.91 6.22 -15.25
C THR B 110 5.39 6.34 -14.94
N LEU B 111 5.98 7.48 -15.27
CA LEU B 111 7.40 7.69 -15.01
C LEU B 111 7.66 7.64 -13.51
N ALA B 112 6.79 8.27 -12.73
CA ALA B 112 6.94 8.27 -11.28
C ALA B 112 6.98 6.85 -10.74
N ALA B 113 6.04 6.00 -11.18
CA ALA B 113 6.00 4.61 -10.75
C ALA B 113 7.29 3.88 -11.15
N ILE B 114 7.73 4.09 -12.39
CA ILE B 114 8.94 3.45 -12.86
C ILE B 114 10.14 3.85 -11.98
N ARG B 115 10.22 5.13 -11.62
CA ARG B 115 11.32 5.62 -10.80
C ARG B 115 11.37 5.00 -9.40
N LYS B 116 10.26 4.43 -8.94
CA LYS B 116 10.22 3.79 -7.63
C LYS B 116 10.98 2.47 -7.66
N GLY B 117 11.35 2.05 -8.87
CA GLY B 117 12.12 0.85 -9.04
C GLY B 117 11.53 -0.53 -8.77
N LYS B 118 10.23 -0.63 -8.58
CA LYS B 118 9.64 -1.94 -8.34
C LYS B 118 9.13 -2.54 -9.65
N THR B 119 7.93 -3.09 -9.65
CA THR B 119 7.39 -3.70 -10.86
C THR B 119 6.29 -2.84 -11.48
N VAL B 120 6.42 -2.59 -12.78
CA VAL B 120 5.45 -1.79 -13.50
C VAL B 120 4.92 -2.53 -14.72
N ALA B 121 3.63 -2.82 -14.73
CA ALA B 121 3.00 -3.48 -15.87
C ALA B 121 2.58 -2.30 -16.73
N LEU B 122 3.19 -2.16 -17.90
CA LEU B 122 2.93 -1.02 -18.78
C LEU B 122 1.90 -1.22 -19.88
N ALA B 123 0.83 -0.43 -19.81
CA ALA B 123 -0.24 -0.46 -20.81
C ALA B 123 -0.25 0.88 -21.57
N ASN B 124 0.08 1.97 -20.89
CA ASN B 124 0.12 3.30 -21.51
C ASN B 124 1.06 3.27 -22.72
N LYS B 125 0.57 3.66 -23.88
CA LYS B 125 1.36 3.63 -25.11
C LYS B 125 2.29 4.83 -25.32
N GLU B 126 1.87 6.03 -24.92
CA GLU B 126 2.69 7.21 -25.10
C GLU B 126 4.05 7.07 -24.41
N SER B 127 4.07 6.32 -23.30
CA SER B 127 5.29 6.12 -22.55
C SER B 127 6.45 5.65 -23.44
N LEU B 128 6.19 4.70 -24.34
CA LEU B 128 7.26 4.20 -25.20
C LEU B 128 7.22 4.77 -26.61
N VAL B 129 6.04 5.17 -27.06
CA VAL B 129 5.92 5.74 -28.40
C VAL B 129 6.51 7.14 -28.42
N SER B 130 6.11 7.96 -27.46
CA SER B 130 6.57 9.34 -27.41
C SER B 130 7.77 9.59 -26.52
N ALA B 131 7.88 8.86 -25.41
CA ALA B 131 8.99 9.04 -24.48
C ALA B 131 9.77 7.75 -24.21
N GLY B 132 9.85 6.89 -25.22
CA GLY B 132 10.56 5.62 -25.06
C GLY B 132 11.97 5.70 -24.50
N GLY B 133 12.80 6.59 -25.06
CA GLY B 133 14.15 6.74 -24.59
C GLY B 133 14.25 7.08 -23.12
N LEU B 134 13.49 8.09 -22.70
CA LEU B 134 13.46 8.53 -21.31
C LEU B 134 12.96 7.45 -20.37
N MET B 135 11.88 6.77 -20.76
CA MET B 135 11.31 5.71 -19.94
C MET B 135 12.28 4.55 -19.75
N ILE B 136 12.88 4.09 -20.83
CA ILE B 136 13.82 2.98 -20.74
C ILE B 136 15.04 3.41 -19.91
N ASP B 137 15.42 4.69 -20.03
CA ASP B 137 16.55 5.19 -19.24
C ASP B 137 16.19 5.15 -17.76
N ALA B 138 14.94 5.53 -17.44
CA ALA B 138 14.50 5.52 -16.05
C ALA B 138 14.52 4.09 -15.50
N VAL B 139 14.10 3.14 -16.33
CA VAL B 139 14.08 1.74 -15.93
C VAL B 139 15.49 1.27 -15.59
N ARG B 140 16.45 1.56 -16.46
CA ARG B 140 17.84 1.17 -16.23
C ARG B 140 18.40 1.82 -14.98
N GLU B 141 18.03 3.09 -14.75
CA GLU B 141 18.54 3.79 -13.58
C GLU B 141 17.99 3.27 -12.26
N HIS B 142 16.72 2.89 -12.23
CA HIS B 142 16.14 2.42 -10.98
C HIS B 142 15.94 0.91 -10.84
N GLY B 143 16.50 0.15 -11.76
CA GLY B 143 16.39 -1.30 -11.70
C GLY B 143 14.94 -1.77 -11.70
N THR B 144 14.10 -1.01 -12.40
CA THR B 144 12.69 -1.31 -12.50
C THR B 144 12.39 -2.56 -13.32
N THR B 145 11.39 -3.31 -12.91
CA THR B 145 10.99 -4.49 -13.67
C THR B 145 9.84 -4.00 -14.53
N LEU B 146 10.09 -3.84 -15.83
CA LEU B 146 9.06 -3.37 -16.75
C LEU B 146 8.43 -4.52 -17.53
N LEU B 147 7.11 -4.70 -17.38
CA LEU B 147 6.41 -5.77 -18.06
C LEU B 147 5.34 -5.20 -18.99
N PRO B 148 5.49 -5.41 -20.30
CA PRO B 148 4.52 -4.91 -21.29
C PRO B 148 3.19 -5.66 -21.20
N VAL B 149 2.10 -4.90 -21.21
CA VAL B 149 0.76 -5.46 -21.08
C VAL B 149 0.02 -5.80 -22.38
N ASP B 150 0.20 -4.97 -23.41
CA ASP B 150 -0.50 -5.21 -24.66
C ASP B 150 -0.18 -6.56 -25.30
N SER B 151 -1.16 -7.12 -26.00
CA SER B 151 -1.07 -8.44 -26.62
C SER B 151 0.20 -8.83 -27.36
N GLU B 152 0.62 -8.02 -28.31
CA GLU B 152 1.82 -8.35 -29.08
C GLU B 152 3.08 -8.26 -28.24
N HIS B 153 3.20 -7.20 -27.46
CA HIS B 153 4.39 -7.01 -26.64
C HIS B 153 4.52 -8.06 -25.57
N ASN B 154 3.40 -8.44 -24.95
CA ASN B 154 3.44 -9.44 -23.90
C ASN B 154 3.80 -10.80 -24.52
N ALA B 155 3.29 -11.04 -25.72
CA ALA B 155 3.56 -12.29 -26.43
C ALA B 155 5.05 -12.35 -26.74
N ILE B 156 5.61 -11.23 -27.20
CA ILE B 156 7.03 -11.18 -27.51
C ILE B 156 7.82 -11.42 -26.23
N PHE B 157 7.43 -10.73 -25.17
CA PHE B 157 8.09 -10.88 -23.89
C PHE B 157 8.15 -12.34 -23.41
N GLN B 158 7.05 -13.07 -23.56
CA GLN B 158 6.98 -14.46 -23.13
C GLN B 158 7.84 -15.41 -23.99
N CYS B 159 8.25 -14.93 -25.16
CA CYS B 159 9.07 -15.74 -26.07
C CYS B 159 10.48 -15.16 -26.26
N PHE B 160 10.79 -14.09 -25.53
CA PHE B 160 12.06 -13.38 -25.64
C PHE B 160 13.17 -13.85 -24.69
N PRO B 161 14.42 -13.93 -25.20
CA PRO B 161 15.52 -14.37 -24.34
C PRO B 161 16.04 -13.18 -23.53
N HIS B 162 15.43 -12.94 -22.38
CA HIS B 162 15.83 -11.83 -21.52
C HIS B 162 17.27 -12.01 -21.07
N HIS B 163 18.06 -10.93 -21.10
CA HIS B 163 19.46 -10.99 -20.68
C HIS B 163 20.35 -11.68 -21.71
N ASN B 164 19.78 -12.05 -22.85
CA ASN B 164 20.52 -12.70 -23.93
C ASN B 164 19.97 -12.25 -25.28
N ARG B 165 19.83 -10.94 -25.44
CA ARG B 165 19.29 -10.36 -26.67
C ARG B 165 19.94 -10.83 -27.96
N ASP B 166 21.22 -11.20 -27.91
CA ASP B 166 21.92 -11.64 -29.12
C ASP B 166 21.41 -12.96 -29.69
N TYR B 167 20.61 -13.70 -28.93
CA TYR B 167 20.09 -14.97 -29.42
C TYR B 167 18.94 -14.76 -30.40
N VAL B 168 18.44 -13.54 -30.48
CA VAL B 168 17.34 -13.23 -31.38
C VAL B 168 17.77 -13.01 -32.83
N ARG B 169 17.13 -13.72 -33.76
CA ARG B 169 17.41 -13.54 -35.17
C ARG B 169 16.38 -12.54 -35.70
N ARG B 170 15.13 -12.71 -35.27
CA ARG B 170 14.07 -11.79 -35.68
C ARG B 170 12.88 -11.84 -34.74
N ILE B 171 12.17 -10.72 -34.66
CA ILE B 171 10.96 -10.63 -33.85
C ILE B 171 9.85 -10.37 -34.86
N ILE B 172 8.84 -11.22 -34.83
CA ILE B 172 7.72 -11.11 -35.76
C ILE B 172 6.50 -10.56 -35.04
N ILE B 173 6.11 -9.34 -35.40
CA ILE B 173 4.93 -8.74 -34.81
C ILE B 173 3.78 -9.12 -35.72
N THR B 174 2.85 -9.93 -35.21
CA THR B 174 1.71 -10.33 -36.02
C THR B 174 0.73 -9.17 -36.08
N ALA B 175 -0.03 -9.10 -37.16
CA ALA B 175 -0.99 -8.03 -37.37
C ALA B 175 -2.23 -8.57 -38.06
N SER B 176 -3.41 -8.21 -37.57
CA SER B 176 -4.65 -8.67 -38.16
C SER B 176 -4.73 -8.12 -39.58
N GLY B 177 -4.20 -6.91 -39.77
CA GLY B 177 -4.24 -6.29 -41.08
C GLY B 177 -5.33 -5.23 -41.11
N GLY B 178 -6.15 -5.21 -40.06
CA GLY B 178 -7.22 -4.24 -39.97
C GLY B 178 -8.40 -4.55 -40.86
N PRO B 179 -9.46 -3.73 -40.81
CA PRO B 179 -10.66 -3.95 -41.63
C PRO B 179 -10.44 -3.80 -43.15
N PHE B 180 -9.36 -3.11 -43.54
CA PHE B 180 -9.10 -2.91 -44.97
C PHE B 180 -7.91 -3.71 -45.48
N ARG B 181 -7.64 -4.83 -44.83
CA ARG B 181 -6.53 -5.71 -45.20
C ARG B 181 -6.51 -6.05 -46.69
N THR B 182 -7.68 -6.24 -47.29
CA THR B 182 -7.72 -6.61 -48.70
C THR B 182 -8.27 -5.50 -49.60
N THR B 183 -8.39 -4.30 -49.04
CA THR B 183 -8.92 -3.13 -49.76
C THR B 183 -7.80 -2.40 -50.50
N SER B 184 -8.09 -2.00 -51.74
CA SER B 184 -7.10 -1.29 -52.56
C SER B 184 -6.98 0.16 -52.11
N LEU B 185 -5.86 0.79 -52.47
CA LEU B 185 -5.63 2.18 -52.14
C LEU B 185 -6.73 3.02 -52.76
N ALA B 186 -7.12 2.65 -53.98
CA ALA B 186 -8.17 3.38 -54.68
C ALA B 186 -9.48 3.38 -53.90
N GLU B 187 -9.87 2.23 -53.36
CA GLU B 187 -11.11 2.22 -52.60
C GLU B 187 -10.91 2.94 -51.27
N MET B 188 -9.78 2.70 -50.63
CA MET B 188 -9.51 3.35 -49.35
C MET B 188 -9.66 4.87 -49.45
N ALA B 189 -9.32 5.42 -50.62
CA ALA B 189 -9.44 6.85 -50.84
C ALA B 189 -10.86 7.34 -50.55
N THR B 190 -11.85 6.49 -50.78
CA THR B 190 -13.25 6.86 -50.59
C THR B 190 -13.85 6.50 -49.24
N VAL B 191 -13.10 5.81 -48.40
CA VAL B 191 -13.61 5.41 -47.10
C VAL B 191 -14.11 6.58 -46.25
N THR B 192 -15.33 6.45 -45.73
CA THR B 192 -15.93 7.50 -44.89
C THR B 192 -15.71 7.18 -43.41
N PRO B 193 -15.76 8.20 -42.54
CA PRO B 193 -15.56 8.02 -41.10
C PRO B 193 -16.57 7.03 -40.53
N GLU B 194 -17.79 7.09 -41.07
CA GLU B 194 -18.86 6.20 -40.60
C GLU B 194 -18.53 4.73 -40.86
N ARG B 195 -17.93 4.44 -42.01
CA ARG B 195 -17.58 3.06 -42.33
C ARG B 195 -16.34 2.60 -41.59
N ALA B 196 -15.33 3.47 -41.55
CA ALA B 196 -14.05 3.17 -40.91
C ALA B 196 -14.10 2.82 -39.43
N VAL B 197 -15.04 3.40 -38.70
CA VAL B 197 -15.13 3.12 -37.27
C VAL B 197 -15.93 1.89 -36.92
N GLN B 198 -16.61 1.31 -37.91
CA GLN B 198 -17.41 0.11 -37.68
C GLN B 198 -16.57 -1.05 -37.17
N HIS B 199 -17.06 -1.72 -36.14
CA HIS B 199 -16.37 -2.87 -35.55
C HIS B 199 -17.42 -3.81 -35.00
N PRO B 200 -17.04 -5.06 -34.68
CA PRO B 200 -17.99 -6.05 -34.15
C PRO B 200 -18.78 -5.52 -32.96
N SER B 203 -18.14 -1.16 -28.90
CA SER B 203 -17.91 0.09 -28.18
C SER B 203 -16.64 0.79 -28.67
N MET B 204 -15.52 0.07 -28.63
CA MET B 204 -14.21 0.55 -29.05
C MET B 204 -14.12 1.99 -29.54
N GLY B 205 -13.14 2.73 -29.03
CA GLY B 205 -12.95 4.12 -29.43
C GLY B 205 -12.74 4.31 -30.93
N ALA B 206 -13.25 5.42 -31.45
CA ALA B 206 -13.13 5.74 -32.87
C ALA B 206 -11.67 5.85 -33.29
N LYS B 207 -10.85 6.50 -32.46
CA LYS B 207 -9.43 6.65 -32.76
C LYS B 207 -8.78 5.29 -32.94
N ILE B 208 -9.04 4.40 -31.98
CA ILE B 208 -8.49 3.05 -32.01
C ILE B 208 -8.90 2.38 -33.33
N SER B 209 -10.15 2.57 -33.73
CA SER B 209 -10.64 1.97 -34.96
C SER B 209 -9.89 2.51 -36.19
N ILE B 210 -9.70 3.82 -36.25
CA ILE B 210 -9.01 4.41 -37.39
C ILE B 210 -7.56 3.95 -37.47
N ASP B 211 -6.86 3.93 -36.33
CA ASP B 211 -5.47 3.50 -36.31
C ASP B 211 -5.34 2.05 -36.78
N SER B 212 -6.36 1.26 -36.51
CA SER B 212 -6.37 -0.13 -36.95
C SER B 212 -6.54 -0.16 -38.47
N ALA B 213 -7.42 0.70 -38.97
CA ALA B 213 -7.72 0.78 -40.39
C ALA B 213 -6.52 1.25 -41.22
N THR B 214 -5.75 2.19 -40.68
CA THR B 214 -4.59 2.71 -41.40
C THR B 214 -3.33 1.91 -41.05
N MET B 215 -3.44 1.07 -40.02
CA MET B 215 -2.35 0.27 -39.53
C MET B 215 -1.33 1.12 -38.78
N MET B 216 -1.76 2.31 -38.36
CA MET B 216 -0.89 3.19 -37.60
C MET B 216 -0.67 2.51 -36.24
N ASN B 217 -1.69 1.79 -35.78
CA ASN B 217 -1.60 1.09 -34.50
C ASN B 217 -0.42 0.14 -34.55
N LYS B 218 -0.21 -0.52 -35.69
CA LYS B 218 0.90 -1.44 -35.84
C LYS B 218 2.23 -0.72 -35.89
N GLY B 219 2.24 0.46 -36.50
CA GLY B 219 3.46 1.24 -36.58
C GLY B 219 3.89 1.67 -35.19
N LEU B 220 2.91 2.06 -34.37
CA LEU B 220 3.20 2.49 -33.01
C LEU B 220 3.67 1.30 -32.18
N GLU B 221 3.08 0.14 -32.43
CA GLU B 221 3.47 -1.07 -31.72
C GLU B 221 4.92 -1.41 -32.04
N LEU B 222 5.34 -1.18 -33.28
CA LEU B 222 6.70 -1.46 -33.69
C LEU B 222 7.65 -0.55 -32.92
N ILE B 223 7.27 0.71 -32.78
CA ILE B 223 8.09 1.67 -32.08
C ILE B 223 8.24 1.25 -30.63
N GLU B 224 7.12 0.89 -30.00
CA GLU B 224 7.14 0.44 -28.61
C GLU B 224 8.02 -0.79 -28.45
N ALA B 225 7.86 -1.75 -29.38
CA ALA B 225 8.64 -2.99 -29.32
C ALA B 225 10.13 -2.71 -29.42
N PHE B 226 10.48 -1.74 -30.25
CA PHE B 226 11.87 -1.38 -30.44
C PHE B 226 12.53 -0.95 -29.13
N HIS B 227 11.81 -0.17 -28.33
CA HIS B 227 12.35 0.30 -27.06
C HIS B 227 12.30 -0.78 -25.99
N LEU B 228 11.24 -1.59 -26.00
CA LEU B 228 11.11 -2.66 -25.03
C LEU B 228 12.17 -3.75 -25.14
N PHE B 229 12.46 -4.17 -26.36
CA PHE B 229 13.38 -5.26 -26.55
C PHE B 229 14.81 -4.95 -26.96
N GLN B 230 15.07 -3.69 -27.27
CA GLN B 230 16.42 -3.24 -27.59
C GLN B 230 17.23 -4.03 -28.60
N ILE B 231 16.61 -4.50 -29.68
CA ILE B 231 17.36 -5.22 -30.70
C ILE B 231 17.31 -4.35 -31.95
N PRO B 232 18.26 -4.55 -32.88
CA PRO B 232 18.31 -3.78 -34.13
C PRO B 232 16.98 -3.76 -34.87
N LEU B 233 16.58 -2.58 -35.36
CA LEU B 233 15.32 -2.42 -36.08
C LEU B 233 15.17 -3.40 -37.24
N GLU B 234 16.25 -3.67 -37.96
CA GLU B 234 16.20 -4.60 -39.08
C GLU B 234 15.78 -6.01 -38.69
N LYS B 235 15.80 -6.31 -37.40
CA LYS B 235 15.42 -7.64 -36.93
C LYS B 235 13.93 -7.77 -36.71
N PHE B 236 13.19 -6.69 -36.98
CA PHE B 236 11.75 -6.71 -36.81
C PHE B 236 11.03 -6.99 -38.12
N GLU B 237 9.95 -7.75 -38.03
CA GLU B 237 9.15 -8.09 -39.18
C GLU B 237 7.69 -8.00 -38.77
N ILE B 238 6.85 -7.51 -39.68
CA ILE B 238 5.43 -7.43 -39.40
C ILE B 238 4.83 -8.52 -40.29
N LEU B 239 4.01 -9.37 -39.70
CA LEU B 239 3.38 -10.46 -40.45
C LEU B 239 1.87 -10.37 -40.30
N VAL B 240 1.17 -10.22 -41.42
CA VAL B 240 -0.28 -10.14 -41.38
C VAL B 240 -0.83 -11.54 -41.14
N HIS B 241 -1.68 -11.64 -40.14
CA HIS B 241 -2.28 -12.90 -39.70
C HIS B 241 -3.69 -12.53 -39.26
N PRO B 242 -4.68 -12.63 -40.16
CA PRO B 242 -6.07 -12.29 -39.89
C PRO B 242 -6.69 -12.78 -38.58
N GLN B 243 -6.55 -14.07 -38.28
CA GLN B 243 -7.13 -14.64 -37.07
C GLN B 243 -6.62 -14.02 -35.77
N SER B 244 -5.41 -13.48 -35.80
CA SER B 244 -4.82 -12.88 -34.61
C SER B 244 -4.79 -13.82 -33.40
N VAL B 245 -4.55 -15.11 -33.65
CA VAL B 245 -4.49 -16.06 -32.54
C VAL B 245 -3.03 -16.19 -32.13
N ILE B 246 -2.12 -16.11 -33.10
CA ILE B 246 -0.70 -16.11 -32.77
C ILE B 246 -0.51 -14.62 -32.50
N HIS B 247 -0.18 -14.29 -31.26
CA HIS B 247 -0.04 -12.90 -30.85
C HIS B 247 1.30 -12.22 -31.15
N SER B 248 2.29 -13.01 -31.55
CA SER B 248 3.63 -12.57 -31.97
C SER B 248 4.66 -13.67 -31.75
N MET B 249 5.83 -13.51 -32.36
CA MET B 249 6.84 -14.56 -32.26
C MET B 249 8.27 -14.04 -32.20
N VAL B 250 9.17 -14.93 -31.77
CA VAL B 250 10.59 -14.61 -31.69
C VAL B 250 11.40 -15.79 -32.24
N GLU B 251 12.23 -15.54 -33.24
CA GLU B 251 13.05 -16.62 -33.77
C GLU B 251 14.45 -16.52 -33.19
N TYR B 252 15.00 -17.68 -32.80
CA TYR B 252 16.33 -17.76 -32.23
C TYR B 252 17.33 -18.18 -33.29
N LEU B 253 18.62 -17.97 -32.98
CA LEU B 253 19.74 -18.30 -33.86
C LEU B 253 19.77 -19.74 -34.34
N ASP B 254 19.14 -20.64 -33.59
CA ASP B 254 19.13 -22.04 -34.00
C ASP B 254 17.98 -22.38 -34.95
N GLY B 255 17.17 -21.38 -35.29
CA GLY B 255 16.05 -21.60 -36.19
C GLY B 255 14.73 -21.77 -35.46
N SER B 256 14.82 -21.91 -34.14
CA SER B 256 13.62 -22.09 -33.34
C SER B 256 12.80 -20.81 -33.24
N ILE B 257 11.49 -20.96 -33.44
CA ILE B 257 10.61 -19.81 -33.34
C ILE B 257 9.64 -20.08 -32.20
N LEU B 258 9.67 -19.23 -31.19
CA LEU B 258 8.77 -19.38 -30.05
C LEU B 258 7.63 -18.41 -30.30
N ALA B 259 6.41 -18.90 -30.13
CA ALA B 259 5.24 -18.05 -30.34
C ALA B 259 4.30 -18.11 -29.16
N GLN B 260 3.54 -17.05 -28.95
CA GLN B 260 2.58 -17.04 -27.86
C GLN B 260 1.24 -17.03 -28.59
N ILE B 261 0.39 -17.98 -28.23
CA ILE B 261 -0.92 -18.13 -28.87
C ILE B 261 -2.01 -18.19 -27.81
N GLY B 262 -3.23 -17.80 -28.17
CA GLY B 262 -4.30 -17.88 -27.20
C GLY B 262 -5.57 -17.15 -27.60
N SER B 263 -6.56 -17.20 -26.71
CA SER B 263 -7.82 -16.49 -26.93
C SER B 263 -7.47 -15.00 -26.77
N PRO B 264 -8.41 -14.11 -27.09
CA PRO B 264 -8.14 -12.67 -26.97
C PRO B 264 -8.29 -12.05 -25.57
N ASP B 265 -8.71 -12.85 -24.59
CA ASP B 265 -8.90 -12.36 -23.22
C ASP B 265 -7.65 -11.66 -22.71
N MET B 266 -7.77 -10.37 -22.39
CA MET B 266 -6.64 -9.60 -21.89
C MET B 266 -6.16 -10.03 -20.51
N ARG B 267 -6.93 -10.88 -19.84
CA ARG B 267 -6.52 -11.35 -18.52
C ARG B 267 -5.32 -12.28 -18.65
N THR B 268 -5.09 -12.82 -19.85
CA THR B 268 -3.95 -13.70 -20.04
C THR B 268 -2.66 -12.88 -19.96
N PRO B 269 -2.52 -11.85 -20.81
CA PRO B 269 -1.28 -11.06 -20.70
C PRO B 269 -1.19 -10.32 -19.37
N ILE B 270 -2.33 -9.81 -18.87
CA ILE B 270 -2.31 -9.10 -17.60
C ILE B 270 -1.90 -10.08 -16.51
N GLY B 271 -2.53 -11.26 -16.52
CA GLY B 271 -2.21 -12.28 -15.53
C GLY B 271 -0.73 -12.60 -15.55
N HIS B 272 -0.12 -12.56 -16.73
CA HIS B 272 1.31 -12.84 -16.85
C HIS B 272 2.12 -11.76 -16.15
N THR B 273 1.74 -10.49 -16.33
CA THR B 273 2.52 -9.42 -15.71
C THR B 273 2.28 -9.36 -14.21
N LEU B 274 1.07 -9.74 -13.79
CA LEU B 274 0.72 -9.72 -12.37
C LEU B 274 1.43 -10.82 -11.59
N ALA B 275 1.51 -12.02 -12.14
CA ALA B 275 2.16 -13.14 -11.46
C ALA B 275 3.68 -13.19 -11.64
N TRP B 276 4.20 -12.63 -12.73
CA TRP B 276 5.63 -12.64 -13.01
C TRP B 276 6.46 -12.45 -11.74
N PRO B 277 7.53 -13.26 -11.56
CA PRO B 277 8.04 -14.32 -12.44
C PRO B 277 7.30 -15.65 -12.36
N LYS B 278 6.22 -15.69 -11.59
CA LYS B 278 5.43 -16.92 -11.46
C LYS B 278 4.26 -16.85 -12.45
N ARG B 279 3.38 -17.83 -12.38
CA ARG B 279 2.21 -17.87 -13.24
C ARG B 279 0.99 -18.02 -12.34
N MET B 280 -0.13 -17.46 -12.77
CA MET B 280 -1.36 -17.56 -11.98
C MET B 280 -2.48 -18.00 -12.89
N GLU B 281 -3.51 -18.61 -12.32
CA GLU B 281 -4.62 -19.02 -13.12
C GLU B 281 -5.51 -17.82 -13.41
N THR B 282 -6.15 -17.82 -14.57
CA THR B 282 -7.09 -16.74 -14.93
C THR B 282 -8.24 -17.48 -15.59
N PRO B 283 -9.40 -16.83 -15.72
CA PRO B 283 -10.51 -17.55 -16.37
C PRO B 283 -10.49 -17.44 -17.89
N ALA B 284 -9.39 -16.94 -18.44
CA ALA B 284 -9.27 -16.81 -19.90
C ALA B 284 -9.58 -18.15 -20.57
N GLU B 285 -10.29 -18.10 -21.68
CA GLU B 285 -10.66 -19.30 -22.41
C GLU B 285 -9.46 -19.95 -23.11
N SER B 286 -9.42 -21.28 -23.08
CA SER B 286 -8.36 -22.04 -23.73
C SER B 286 -8.67 -22.11 -25.23
N LEU B 287 -7.74 -21.64 -26.05
CA LEU B 287 -7.95 -21.65 -27.49
C LEU B 287 -8.23 -23.06 -28.01
N ASP B 288 -9.35 -23.20 -28.71
CA ASP B 288 -9.76 -24.47 -29.28
C ASP B 288 -9.29 -24.48 -30.73
N PHE B 289 -8.18 -25.15 -31.00
CA PHE B 289 -7.64 -25.19 -32.36
C PHE B 289 -8.51 -25.93 -33.37
N THR B 290 -9.25 -26.93 -32.89
CA THR B 290 -10.13 -27.73 -33.75
C THR B 290 -11.26 -26.84 -34.30
N LYS B 291 -11.75 -25.95 -33.45
CA LYS B 291 -12.82 -25.05 -33.84
C LYS B 291 -12.23 -23.99 -34.78
N LEU B 292 -11.05 -23.52 -34.42
CA LEU B 292 -10.34 -22.53 -35.22
C LEU B 292 -10.17 -23.07 -36.63
N ARG B 293 -9.65 -24.30 -36.70
CA ARG B 293 -9.42 -25.00 -37.96
C ARG B 293 -8.32 -24.48 -38.87
N GLN B 294 -8.25 -23.17 -39.07
CA GLN B 294 -7.26 -22.62 -39.99
C GLN B 294 -6.67 -21.26 -39.61
N MET B 295 -5.38 -21.11 -39.86
CA MET B 295 -4.65 -19.86 -39.61
C MET B 295 -4.08 -19.39 -40.94
N ASP B 296 -4.20 -18.09 -41.21
CA ASP B 296 -3.68 -17.52 -42.46
C ASP B 296 -2.55 -16.54 -42.20
N PHE B 297 -1.62 -16.46 -43.15
CA PHE B 297 -0.49 -15.54 -43.05
C PHE B 297 -0.16 -14.94 -44.41
N GLU B 298 0.19 -13.66 -44.42
CA GLU B 298 0.54 -12.98 -45.67
C GLU B 298 1.46 -11.81 -45.35
N ALA B 299 2.17 -11.33 -46.37
CA ALA B 299 3.09 -10.21 -46.17
C ALA B 299 2.34 -8.90 -46.02
N PRO B 300 2.89 -7.98 -45.22
CA PRO B 300 2.20 -6.71 -45.06
C PRO B 300 2.41 -5.93 -46.37
N ASP B 301 1.54 -4.97 -46.65
CA ASP B 301 1.68 -4.18 -47.87
C ASP B 301 2.08 -2.77 -47.50
N TYR B 302 3.37 -2.47 -47.59
CA TYR B 302 3.87 -1.14 -47.24
C TYR B 302 3.38 -0.05 -48.18
N GLU B 303 2.99 -0.45 -49.40
CA GLU B 303 2.48 0.51 -50.37
C GLU B 303 1.08 0.97 -49.99
N ARG B 304 0.23 0.02 -49.63
CA ARG B 304 -1.14 0.35 -49.25
C ARG B 304 -1.28 0.91 -47.83
N PHE B 305 -0.30 0.66 -46.98
CA PHE B 305 -0.34 1.16 -45.62
C PHE B 305 0.96 1.89 -45.28
N PRO B 306 1.15 3.09 -45.87
CA PRO B 306 2.35 3.91 -45.65
C PRO B 306 2.66 4.25 -44.19
N ALA B 307 1.66 4.11 -43.32
CA ALA B 307 1.89 4.40 -41.91
C ALA B 307 2.99 3.47 -41.38
N LEU B 308 3.09 2.28 -41.94
CA LEU B 308 4.10 1.33 -41.51
C LEU B 308 5.49 1.87 -41.84
N THR B 309 5.62 2.47 -43.02
CA THR B 309 6.90 3.04 -43.43
C THR B 309 7.25 4.25 -42.57
N LEU B 310 6.25 5.08 -42.28
CA LEU B 310 6.47 6.27 -41.47
C LEU B 310 7.02 5.86 -40.10
N ALA B 311 6.43 4.83 -39.51
CA ALA B 311 6.88 4.35 -38.20
C ALA B 311 8.33 3.92 -38.30
N MET B 312 8.65 3.14 -39.35
CA MET B 312 10.01 2.66 -39.58
C MET B 312 11.02 3.80 -39.69
N GLU B 313 10.69 4.79 -40.52
CA GLU B 313 11.58 5.94 -40.72
C GLU B 313 11.73 6.74 -39.43
N SER B 314 10.64 6.89 -38.69
CA SER B 314 10.69 7.63 -37.44
C SER B 314 11.65 6.96 -36.46
N ILE B 315 11.57 5.63 -36.36
CA ILE B 315 12.45 4.90 -35.45
C ILE B 315 13.91 5.04 -35.90
N LYS B 316 14.15 4.83 -37.19
CA LYS B 316 15.49 4.94 -37.75
C LYS B 316 16.09 6.29 -37.40
N SER B 317 15.32 7.35 -37.60
CA SER B 317 15.79 8.70 -37.29
C SER B 317 15.88 8.89 -35.79
N GLY B 318 14.98 8.25 -35.05
CA GLY B 318 14.98 8.37 -33.61
C GLY B 318 14.67 9.77 -33.15
N GLY B 319 15.24 10.17 -32.02
CA GLY B 319 14.98 11.50 -31.50
C GLY B 319 13.52 11.74 -31.20
N ALA B 320 13.01 12.89 -31.62
CA ALA B 320 11.62 13.25 -31.36
C ALA B 320 10.65 12.80 -32.45
N ARG B 321 11.16 12.14 -33.49
CA ARG B 321 10.31 11.69 -34.59
C ARG B 321 9.08 10.88 -34.17
N PRO B 322 9.28 9.83 -33.36
CA PRO B 322 8.12 9.03 -32.94
C PRO B 322 7.05 9.88 -32.23
N ALA B 323 7.48 10.78 -31.36
CA ALA B 323 6.54 11.63 -30.64
C ALA B 323 5.80 12.53 -31.64
N VAL B 324 6.54 13.06 -32.61
CA VAL B 324 5.94 13.94 -33.62
C VAL B 324 4.94 13.16 -34.45
N MET B 325 5.31 11.94 -34.84
CA MET B 325 4.41 11.11 -35.63
C MET B 325 3.12 10.83 -34.88
N ASN B 326 3.25 10.46 -33.61
CA ASN B 326 2.09 10.15 -32.78
C ASN B 326 1.15 11.35 -32.64
N ALA B 327 1.72 12.52 -32.31
CA ALA B 327 0.91 13.72 -32.15
C ALA B 327 0.23 14.10 -33.46
N ALA B 328 0.96 14.06 -34.56
CA ALA B 328 0.37 14.42 -35.85
C ALA B 328 -0.78 13.47 -36.19
N ASN B 329 -0.62 12.19 -35.87
CA ASN B 329 -1.66 11.22 -36.16
C ASN B 329 -2.93 11.53 -35.37
N GLU B 330 -2.78 11.99 -34.13
CA GLU B 330 -3.93 12.34 -33.31
C GLU B 330 -4.77 13.40 -34.01
N ILE B 331 -4.10 14.43 -34.52
CA ILE B 331 -4.76 15.52 -35.22
C ILE B 331 -5.37 15.05 -36.53
N ALA B 332 -4.59 14.32 -37.31
CA ALA B 332 -5.05 13.82 -38.60
C ALA B 332 -6.28 12.93 -38.47
N VAL B 333 -6.25 12.00 -37.53
CA VAL B 333 -7.37 11.09 -37.32
C VAL B 333 -8.63 11.89 -36.95
N ALA B 334 -8.49 12.83 -36.01
CA ALA B 334 -9.61 13.65 -35.58
C ALA B 334 -10.17 14.45 -36.76
N ALA B 335 -9.29 14.93 -37.64
CA ALA B 335 -9.70 15.69 -38.81
C ALA B 335 -10.52 14.79 -39.74
N PHE B 336 -10.05 13.56 -39.92
CA PHE B 336 -10.76 12.61 -40.77
C PHE B 336 -12.16 12.37 -40.19
N LEU B 337 -12.22 12.05 -38.90
CA LEU B 337 -13.49 11.79 -38.24
C LEU B 337 -14.41 13.01 -38.33
N ASP B 338 -13.83 14.21 -38.33
CA ASP B 338 -14.60 15.44 -38.41
C ASP B 338 -14.91 15.77 -39.87
N LYS B 339 -14.49 14.90 -40.77
CA LYS B 339 -14.73 15.04 -42.20
C LYS B 339 -14.07 16.25 -42.86
N LYS B 340 -12.83 16.53 -42.46
CA LYS B 340 -12.10 17.66 -43.02
C LYS B 340 -11.08 17.18 -44.05
N ILE B 341 -10.75 15.89 -44.01
CA ILE B 341 -9.80 15.29 -44.93
C ILE B 341 -10.26 13.87 -45.30
N GLY B 342 -9.61 13.29 -46.30
CA GLY B 342 -9.95 11.94 -46.70
C GLY B 342 -9.19 10.91 -45.87
N PHE B 343 -9.60 9.65 -45.96
CA PHE B 343 -8.97 8.57 -45.20
C PHE B 343 -7.46 8.49 -45.44
N LEU B 344 -7.06 8.56 -46.71
CA LEU B 344 -5.64 8.47 -47.05
C LEU B 344 -4.84 9.72 -46.74
N ASP B 345 -5.53 10.81 -46.41
CA ASP B 345 -4.85 12.06 -46.07
C ASP B 345 -4.25 11.98 -44.67
N ILE B 346 -4.73 11.04 -43.85
CA ILE B 346 -4.21 10.89 -42.50
C ILE B 346 -2.72 10.65 -42.53
N ALA B 347 -2.29 9.59 -43.20
CA ALA B 347 -0.86 9.28 -43.29
C ALA B 347 -0.11 10.38 -44.01
N LYS B 348 -0.77 11.07 -44.94
CA LYS B 348 -0.10 12.15 -45.66
C LYS B 348 0.19 13.32 -44.74
N ILE B 349 -0.78 13.68 -43.91
CA ILE B 349 -0.58 14.78 -42.96
C ILE B 349 0.53 14.39 -42.00
N VAL B 350 0.53 13.15 -41.55
CA VAL B 350 1.55 12.70 -40.61
C VAL B 350 2.92 12.82 -41.27
N GLU B 351 3.03 12.36 -42.52
CA GLU B 351 4.29 12.43 -43.25
C GLU B 351 4.77 13.87 -43.39
N LYS B 352 3.88 14.76 -43.82
CA LYS B 352 4.22 16.17 -44.00
C LYS B 352 4.71 16.78 -42.70
N THR B 353 4.02 16.49 -41.61
CA THR B 353 4.42 17.03 -40.30
C THR B 353 5.82 16.52 -39.93
N LEU B 354 6.07 15.25 -40.15
CA LEU B 354 7.37 14.66 -39.83
C LEU B 354 8.50 15.33 -40.60
N ASP B 355 8.20 15.82 -41.79
CA ASP B 355 9.22 16.48 -42.59
C ASP B 355 9.42 17.94 -42.20
N HIS B 356 8.33 18.61 -41.84
CA HIS B 356 8.36 20.02 -41.49
C HIS B 356 8.81 20.36 -40.06
N TYR B 357 8.43 19.53 -39.09
CA TYR B 357 8.77 19.79 -37.70
C TYR B 357 9.74 18.73 -37.17
N THR B 358 10.98 19.14 -36.96
CA THR B 358 12.02 18.23 -36.48
C THR B 358 12.76 18.78 -35.28
N PRO B 359 12.11 18.78 -34.10
CA PRO B 359 12.72 19.27 -32.86
C PRO B 359 13.84 18.38 -32.34
N ALA B 360 14.55 18.85 -31.31
CA ALA B 360 15.64 18.09 -30.73
C ALA B 360 15.12 16.92 -29.91
N THR B 361 15.98 15.94 -29.66
CA THR B 361 15.60 14.78 -28.86
C THR B 361 15.15 15.23 -27.48
N PRO B 362 14.03 14.68 -26.98
CA PRO B 362 13.53 15.06 -25.65
C PRO B 362 14.52 14.65 -24.56
N SER B 363 14.69 15.50 -23.55
CA SER B 363 15.60 15.16 -22.45
C SER B 363 14.81 15.00 -21.15
N SER B 364 13.52 15.35 -21.20
CA SER B 364 12.64 15.24 -20.04
C SER B 364 11.21 15.14 -20.54
N LEU B 365 10.28 14.77 -19.65
CA LEU B 365 8.88 14.67 -20.04
C LEU B 365 8.38 16.04 -20.47
N GLU B 366 8.94 17.10 -19.87
CA GLU B 366 8.54 18.45 -20.22
C GLU B 366 8.79 18.71 -21.71
N ASP B 367 9.90 18.19 -22.23
CA ASP B 367 10.22 18.35 -23.66
C ASP B 367 9.21 17.56 -24.50
N VAL B 368 8.86 16.36 -24.04
CA VAL B 368 7.91 15.54 -24.77
C VAL B 368 6.57 16.26 -24.92
N PHE B 369 6.05 16.81 -23.82
CA PHE B 369 4.80 17.54 -23.86
C PHE B 369 4.88 18.69 -24.85
N ALA B 370 6.01 19.40 -24.83
CA ALA B 370 6.19 20.53 -25.73
C ALA B 370 6.19 20.05 -27.19
N ILE B 371 6.87 18.95 -27.44
CA ILE B 371 6.94 18.39 -28.79
C ILE B 371 5.55 17.94 -29.23
N ASP B 372 4.83 17.29 -28.33
CA ASP B 372 3.48 16.82 -28.65
C ASP B 372 2.61 18.02 -29.01
N ASN B 373 2.68 19.05 -28.18
CA ASN B 373 1.90 20.27 -28.37
C ASN B 373 2.20 20.93 -29.71
N GLU B 374 3.47 21.15 -29.98
CA GLU B 374 3.89 21.79 -31.21
C GLU B 374 3.54 20.95 -32.44
N ALA B 375 3.80 19.64 -32.38
CA ALA B 375 3.50 18.76 -33.49
C ALA B 375 2.01 18.85 -33.85
N ARG B 376 1.16 18.89 -32.82
CA ARG B 376 -0.28 19.00 -33.01
C ARG B 376 -0.64 20.29 -33.75
N ILE B 377 -0.02 21.39 -33.35
CA ILE B 377 -0.29 22.68 -33.98
C ILE B 377 0.20 22.69 -35.43
N GLN B 378 1.39 22.15 -35.67
CA GLN B 378 1.96 22.10 -37.01
C GLN B 378 1.13 21.19 -37.93
N ALA B 379 0.69 20.06 -37.40
CA ALA B 379 -0.12 19.12 -38.18
C ALA B 379 -1.42 19.79 -38.58
N ALA B 380 -2.06 20.46 -37.63
CA ALA B 380 -3.32 21.15 -37.88
C ALA B 380 -3.15 22.19 -38.98
N ALA B 381 -2.05 22.92 -38.92
CA ALA B 381 -1.76 23.96 -39.92
C ALA B 381 -1.64 23.32 -41.28
N LEU B 382 -0.94 22.19 -41.35
CA LEU B 382 -0.74 21.46 -42.60
C LEU B 382 -2.05 20.83 -43.09
N MET B 383 -2.82 20.31 -42.15
CA MET B 383 -4.10 19.67 -42.44
C MET B 383 -5.08 20.63 -43.12
N GLU B 384 -5.06 21.89 -42.70
CA GLU B 384 -5.95 22.89 -43.27
C GLU B 384 -5.42 23.44 -44.60
N SER B 385 -4.10 23.53 -44.71
CA SER B 385 -3.46 24.01 -45.93
C SER B 385 -3.79 23.07 -47.07
N LEU B 386 -3.97 21.79 -46.73
CA LEU B 386 -4.29 20.75 -47.68
C LEU B 386 -5.76 20.82 -48.10
N GLN C 3 23.41 17.85 34.01
CA GLN C 3 24.22 16.78 33.38
C GLN C 3 23.35 15.85 32.54
N PRO C 4 23.98 15.10 31.62
CA PRO C 4 23.24 14.17 30.75
C PRO C 4 22.42 13.17 31.55
N ARG C 5 21.19 12.92 31.11
CA ARG C 5 20.31 11.98 31.78
C ARG C 5 20.50 10.57 31.24
N THR C 6 20.60 9.60 32.13
CA THR C 6 20.78 8.21 31.71
C THR C 6 19.46 7.63 31.23
N VAL C 7 19.49 7.01 30.06
CA VAL C 7 18.30 6.43 29.47
C VAL C 7 18.54 5.01 28.97
N THR C 8 17.51 4.19 29.05
CA THR C 8 17.56 2.82 28.58
C THR C 8 16.31 2.65 27.73
N VAL C 9 16.44 1.94 26.62
CA VAL C 9 15.28 1.69 25.76
C VAL C 9 15.11 0.19 25.58
N LEU C 10 14.07 -0.34 26.20
CA LEU C 10 13.73 -1.75 26.11
C LEU C 10 12.86 -1.86 24.86
N GLY C 11 13.40 -2.48 23.81
CA GLY C 11 12.67 -2.60 22.56
C GLY C 11 12.97 -1.36 21.73
N ALA C 12 14.24 -1.17 21.40
CA ALA C 12 14.67 -0.01 20.64
C ALA C 12 14.53 -0.13 19.13
N THR C 13 14.10 -1.29 18.65
CA THR C 13 13.97 -1.49 17.20
C THR C 13 12.56 -1.46 16.66
N GLY C 14 11.57 -1.42 17.54
CA GLY C 14 10.19 -1.36 17.10
C GLY C 14 9.87 0.08 16.69
N SER C 15 8.62 0.38 16.36
CA SER C 15 8.28 1.74 15.94
C SER C 15 8.47 2.73 17.10
N ILE C 16 7.94 2.38 18.26
CA ILE C 16 8.07 3.23 19.44
C ILE C 16 9.56 3.45 19.71
N GLY C 17 10.33 2.37 19.67
CA GLY C 17 11.76 2.46 19.92
C GLY C 17 12.47 3.37 18.94
N HIS C 18 12.08 3.29 17.67
CA HIS C 18 12.68 4.14 16.65
C HIS C 18 12.36 5.60 16.91
N SER C 19 11.10 5.87 17.24
CA SER C 19 10.68 7.24 17.51
C SER C 19 11.41 7.78 18.74
N THR C 20 11.63 6.91 19.73
CA THR C 20 12.31 7.31 20.95
C THR C 20 13.76 7.70 20.64
N LEU C 21 14.44 6.86 19.86
CA LEU C 21 15.82 7.13 19.49
C LEU C 21 15.90 8.35 18.58
N ASP C 22 14.86 8.57 17.79
CA ASP C 22 14.85 9.72 16.91
C ASP C 22 15.02 10.97 17.76
N LEU C 23 14.30 11.02 18.88
CA LEU C 23 14.38 12.17 19.77
C LEU C 23 15.67 12.21 20.58
N ILE C 24 16.05 11.06 21.14
CA ILE C 24 17.27 10.98 21.93
C ILE C 24 18.46 11.47 21.12
N GLU C 25 18.55 10.99 19.88
CA GLU C 25 19.65 11.36 19.01
C GLU C 25 19.72 12.81 18.56
N ARG C 26 18.61 13.54 18.66
CA ARG C 26 18.59 14.95 18.27
C ARG C 26 19.16 15.79 19.41
N ASN C 27 19.21 15.18 20.59
CA ASN C 27 19.70 15.83 21.80
C ASN C 27 20.71 14.90 22.49
N LEU C 28 21.41 14.10 21.69
CA LEU C 28 22.36 13.12 22.20
C LEU C 28 23.30 13.62 23.29
N ASP C 29 23.52 14.93 23.34
CA ASP C 29 24.40 15.52 24.35
C ASP C 29 23.68 15.60 25.69
N ARG C 30 22.36 15.58 25.64
CA ARG C 30 21.51 15.68 26.84
C ARG C 30 21.29 14.30 27.46
N TYR C 31 21.64 13.24 26.72
CA TYR C 31 21.44 11.89 27.23
C TYR C 31 22.67 10.98 27.25
N GLN C 32 22.61 9.97 28.10
CA GLN C 32 23.68 8.98 28.23
C GLN C 32 22.97 7.63 28.14
N VAL C 33 23.03 7.00 26.98
CA VAL C 33 22.37 5.73 26.78
C VAL C 33 23.07 4.60 27.54
N ILE C 34 22.30 3.95 28.40
CA ILE C 34 22.83 2.84 29.19
C ILE C 34 22.63 1.55 28.42
N ALA C 35 21.38 1.09 28.32
CA ALA C 35 21.11 -0.14 27.60
C ALA C 35 20.04 0.01 26.52
N LEU C 36 20.17 -0.78 25.46
CA LEU C 36 19.21 -0.80 24.36
C LEU C 36 18.96 -2.27 24.11
N THR C 37 17.70 -2.65 23.86
CA THR C 37 17.42 -4.05 23.59
C THR C 37 16.56 -4.20 22.35
N ALA C 38 16.61 -5.40 21.77
CA ALA C 38 15.83 -5.71 20.59
C ALA C 38 15.45 -7.18 20.70
N ASN C 39 14.64 -7.65 19.76
CA ASN C 39 14.21 -9.04 19.76
C ASN C 39 15.09 -9.85 18.81
N ARG C 40 15.03 -9.54 17.52
CA ARG C 40 15.83 -10.26 16.54
C ARG C 40 16.57 -9.35 15.54
N ASN C 41 16.22 -8.07 15.51
CA ASN C 41 16.88 -7.15 14.58
C ASN C 41 18.26 -6.72 15.09
N VAL C 42 19.25 -7.56 14.86
CA VAL C 42 20.62 -7.29 15.31
C VAL C 42 21.22 -6.05 14.67
N LYS C 43 21.12 -5.93 13.35
CA LYS C 43 21.69 -4.79 12.65
C LYS C 43 21.17 -3.45 13.18
N ASP C 44 19.85 -3.36 13.32
CA ASP C 44 19.21 -2.14 13.82
C ASP C 44 19.70 -1.83 15.23
N LEU C 45 19.72 -2.84 16.07
CA LEU C 45 20.16 -2.72 17.46
C LEU C 45 21.62 -2.28 17.54
N ALA C 46 22.50 -3.01 16.86
CA ALA C 46 23.92 -2.69 16.86
C ALA C 46 24.20 -1.30 16.31
N ASP C 47 23.51 -0.92 15.23
CA ASP C 47 23.74 0.40 14.66
C ASP C 47 23.36 1.48 15.67
N ALA C 48 22.19 1.33 16.26
CA ALA C 48 21.71 2.30 17.26
C ALA C 48 22.67 2.37 18.44
N ALA C 49 23.11 1.21 18.92
CA ALA C 49 24.03 1.14 20.05
C ALA C 49 25.32 1.90 19.77
N LYS C 50 25.87 1.73 18.57
CA LYS C 50 27.11 2.40 18.20
C LYS C 50 26.92 3.89 17.99
N ARG C 51 25.80 4.28 17.38
CA ARG C 51 25.53 5.70 17.15
C ARG C 51 25.37 6.45 18.47
N THR C 52 24.76 5.80 19.46
CA THR C 52 24.52 6.41 20.75
C THR C 52 25.57 6.07 21.80
N ASN C 53 26.59 5.32 21.39
CA ASN C 53 27.66 4.92 22.30
C ASN C 53 27.07 4.26 23.54
N ALA C 54 26.02 3.46 23.34
CA ALA C 54 25.36 2.77 24.44
C ALA C 54 26.33 1.89 25.22
N LYS C 55 26.03 1.69 26.50
CA LYS C 55 26.87 0.85 27.34
C LYS C 55 26.65 -0.61 27.03
N ARG C 56 25.40 -0.98 26.74
CA ARG C 56 25.08 -2.36 26.47
C ARG C 56 23.94 -2.55 25.49
N ALA C 57 24.05 -3.59 24.67
CA ALA C 57 23.03 -3.93 23.69
C ALA C 57 22.63 -5.37 23.96
N VAL C 58 21.32 -5.61 24.06
CA VAL C 58 20.84 -6.95 24.34
C VAL C 58 19.89 -7.44 23.26
N ILE C 59 20.20 -8.60 22.71
CA ILE C 59 19.33 -9.19 21.70
C ILE C 59 18.58 -10.28 22.47
N ALA C 60 17.25 -10.30 22.33
CA ALA C 60 16.42 -11.25 23.05
C ALA C 60 16.71 -12.73 22.77
N ASP C 61 16.83 -13.08 21.49
CA ASP C 61 17.09 -14.46 21.11
C ASP C 61 18.55 -14.85 21.32
N PRO C 62 18.79 -15.84 22.21
CA PRO C 62 20.13 -16.33 22.54
C PRO C 62 20.92 -16.75 21.30
N SER C 63 20.19 -17.24 20.29
CA SER C 63 20.77 -17.70 19.05
C SER C 63 21.46 -16.61 18.25
N LEU C 64 21.14 -15.36 18.53
CA LEU C 64 21.72 -14.25 17.78
C LEU C 64 22.87 -13.56 18.52
N TYR C 65 23.26 -14.12 19.66
CA TYR C 65 24.35 -13.56 20.46
C TYR C 65 25.63 -13.32 19.67
N ASN C 66 26.12 -14.36 19.01
CA ASN C 66 27.35 -14.24 18.21
C ASN C 66 27.25 -13.15 17.17
N ASP C 67 26.10 -13.07 16.48
CA ASP C 67 25.92 -12.05 15.47
C ASP C 67 26.00 -10.64 16.07
N LEU C 68 25.34 -10.44 17.21
CA LEU C 68 25.37 -9.15 17.87
C LEU C 68 26.79 -8.78 18.30
N LYS C 69 27.52 -9.79 18.79
CA LYS C 69 28.89 -9.58 19.24
C LYS C 69 29.77 -9.15 18.07
N GLU C 70 29.55 -9.76 16.91
CA GLU C 70 30.32 -9.41 15.72
C GLU C 70 29.98 -7.99 15.29
N ALA C 71 28.68 -7.72 15.20
CA ALA C 71 28.20 -6.41 14.79
C ALA C 71 28.79 -5.32 15.68
N LEU C 72 29.05 -5.66 16.93
CA LEU C 72 29.60 -4.69 17.88
C LEU C 72 31.11 -4.73 17.99
N ALA C 73 31.75 -5.61 17.23
CA ALA C 73 33.20 -5.74 17.26
C ALA C 73 33.86 -4.39 16.99
N GLY C 74 34.84 -4.04 17.82
CA GLY C 74 35.53 -2.77 17.65
C GLY C 74 34.98 -1.66 18.51
N SER C 75 33.71 -1.75 18.88
CA SER C 75 33.08 -0.72 19.70
C SER C 75 33.25 -1.06 21.18
N SER C 76 32.84 -0.12 22.04
CA SER C 76 32.93 -0.32 23.47
C SER C 76 31.59 -0.78 24.02
N VAL C 77 30.67 -1.12 23.11
CA VAL C 77 29.33 -1.56 23.49
C VAL C 77 29.34 -3.02 23.93
N GLU C 78 28.87 -3.28 25.15
CA GLU C 78 28.79 -4.64 25.68
C GLU C 78 27.64 -5.36 25.01
N ALA C 79 27.86 -6.61 24.63
CA ALA C 79 26.82 -7.42 24.00
C ALA C 79 26.30 -8.45 24.99
N ALA C 80 25.00 -8.71 24.94
CA ALA C 80 24.38 -9.69 25.81
C ALA C 80 23.16 -10.22 25.06
N ALA C 81 22.65 -11.37 25.48
CA ALA C 81 21.50 -11.97 24.82
C ALA C 81 20.71 -12.85 25.77
N GLY C 82 19.44 -13.07 25.44
CA GLY C 82 18.61 -13.92 26.27
C GLY C 82 17.61 -13.18 27.12
N ALA C 83 16.62 -13.93 27.63
CA ALA C 83 15.57 -13.37 28.46
C ALA C 83 16.12 -12.75 29.75
N ASP C 84 17.02 -13.45 30.42
CA ASP C 84 17.60 -12.95 31.67
C ASP C 84 18.35 -11.64 31.45
N ALA C 85 19.02 -11.56 30.31
CA ALA C 85 19.81 -10.39 29.95
C ALA C 85 18.94 -9.14 29.76
N LEU C 86 17.71 -9.33 29.28
CA LEU C 86 16.80 -8.22 29.08
C LEU C 86 16.47 -7.62 30.45
N VAL C 87 16.20 -8.51 31.40
CA VAL C 87 15.88 -8.08 32.76
C VAL C 87 17.08 -7.35 33.38
N GLU C 88 18.27 -7.90 33.19
CA GLU C 88 19.48 -7.29 33.74
C GLU C 88 19.69 -5.89 33.19
N ALA C 89 19.46 -5.73 31.89
CA ALA C 89 19.61 -4.42 31.26
C ALA C 89 18.63 -3.43 31.88
N ALA C 90 17.44 -3.92 32.22
CA ALA C 90 16.41 -3.08 32.80
C ALA C 90 16.76 -2.68 34.23
N MET C 91 17.70 -3.41 34.84
CA MET C 91 18.11 -3.13 36.20
C MET C 91 19.42 -2.37 36.28
N MET C 92 19.95 -1.95 35.13
CA MET C 92 21.22 -1.23 35.13
C MET C 92 21.23 0.14 35.80
N GLY C 93 20.04 0.68 36.09
CA GLY C 93 19.94 1.95 36.78
C GLY C 93 19.66 3.23 35.99
N ALA C 94 19.22 3.11 34.74
CA ALA C 94 18.92 4.29 33.95
C ALA C 94 17.85 5.11 34.66
N ASP C 95 18.00 6.43 34.66
CA ASP C 95 17.00 7.27 35.30
C ASP C 95 15.68 7.24 34.54
N TRP C 96 15.77 7.10 33.22
CA TRP C 96 14.58 7.06 32.37
C TRP C 96 14.62 5.80 31.54
N THR C 97 13.53 5.03 31.61
CA THR C 97 13.42 3.77 30.86
C THR C 97 12.18 3.71 29.98
N MET C 98 12.40 3.44 28.69
CA MET C 98 11.28 3.28 27.78
C MET C 98 11.01 1.77 27.77
N ALA C 99 9.86 1.38 28.32
CA ALA C 99 9.48 -0.02 28.36
C ALA C 99 8.60 -0.29 27.15
N ALA C 100 9.22 -0.70 26.04
CA ALA C 100 8.50 -0.96 24.80
C ALA C 100 8.62 -2.39 24.30
N ILE C 101 8.96 -3.31 25.18
CA ILE C 101 9.03 -4.71 24.77
C ILE C 101 7.59 -5.21 24.86
N ILE C 102 7.03 -5.64 23.75
CA ILE C 102 5.65 -6.11 23.69
C ILE C 102 5.42 -7.53 24.20
N GLY C 103 4.16 -7.81 24.54
CA GLY C 103 3.77 -9.12 25.02
C GLY C 103 4.19 -9.46 26.44
N CYS C 104 3.80 -10.65 26.88
CA CYS C 104 4.15 -11.11 28.22
C CYS C 104 5.66 -11.22 28.32
N ALA C 105 6.34 -11.27 27.18
CA ALA C 105 7.79 -11.39 27.14
C ALA C 105 8.47 -10.14 27.70
N GLY C 106 7.73 -9.05 27.80
CA GLY C 106 8.32 -7.83 28.32
C GLY C 106 7.96 -7.54 29.76
N LEU C 107 7.10 -8.37 30.35
CA LEU C 107 6.66 -8.15 31.73
C LEU C 107 7.78 -8.15 32.76
N LYS C 108 8.64 -9.16 32.74
CA LYS C 108 9.74 -9.26 33.68
C LYS C 108 10.61 -8.02 33.72
N ALA C 109 11.16 -7.63 32.57
CA ALA C 109 12.02 -6.46 32.48
C ALA C 109 11.28 -5.17 32.85
N THR C 110 10.02 -5.06 32.46
CA THR C 110 9.25 -3.87 32.77
C THR C 110 9.10 -3.72 34.29
N LEU C 111 8.72 -4.80 34.96
CA LEU C 111 8.56 -4.76 36.41
C LEU C 111 9.90 -4.50 37.07
N ALA C 112 10.97 -5.09 36.53
CA ALA C 112 12.30 -4.89 37.10
C ALA C 112 12.66 -3.41 37.05
N ALA C 113 12.36 -2.76 35.93
CA ALA C 113 12.65 -1.34 35.77
C ALA C 113 11.81 -0.53 36.75
N ILE C 114 10.54 -0.90 36.87
CA ILE C 114 9.65 -0.20 37.77
C ILE C 114 10.14 -0.31 39.23
N ARG C 115 10.67 -1.46 39.60
CA ARG C 115 11.16 -1.67 40.97
C ARG C 115 12.35 -0.79 41.33
N LYS C 116 13.09 -0.33 40.33
CA LYS C 116 14.24 0.53 40.58
C LYS C 116 13.81 1.92 41.03
N GLY C 117 12.51 2.19 40.95
CA GLY C 117 11.96 3.45 41.40
C GLY C 117 12.22 4.77 40.69
N LYS C 118 12.78 4.73 39.49
CA LYS C 118 13.03 5.99 38.79
C LYS C 118 11.85 6.30 37.86
N THR C 119 12.14 6.73 36.63
CA THR C 119 11.08 7.05 35.69
C THR C 119 10.97 5.98 34.61
N VAL C 120 9.76 5.49 34.40
CA VAL C 120 9.50 4.45 33.41
C VAL C 120 8.39 4.90 32.45
N ALA C 121 8.74 5.04 31.17
CA ALA C 121 7.75 5.42 30.15
C ALA C 121 7.19 4.07 29.68
N LEU C 122 5.94 3.80 30.02
CA LEU C 122 5.32 2.53 29.70
C LEU C 122 4.58 2.44 28.38
N ALA C 123 5.00 1.50 27.55
CA ALA C 123 4.37 1.25 26.25
C ALA C 123 3.79 -0.17 26.27
N ASN C 124 4.45 -1.08 26.99
CA ASN C 124 3.99 -2.47 27.11
C ASN C 124 2.56 -2.48 27.65
N LYS C 125 1.67 -3.18 26.95
CA LYS C 125 0.26 -3.25 27.35
C LYS C 125 -0.08 -4.33 28.37
N GLU C 126 0.49 -5.52 28.22
CA GLU C 126 0.21 -6.61 29.14
C GLU C 126 0.46 -6.19 30.58
N SER C 127 1.43 -5.31 30.79
CA SER C 127 1.76 -4.84 32.14
C SER C 127 0.51 -4.47 32.93
N LEU C 128 -0.34 -3.65 32.34
CA LEU C 128 -1.55 -3.20 33.02
C LEU C 128 -2.78 -4.08 32.80
N VAL C 129 -2.91 -4.66 31.61
CA VAL C 129 -4.06 -5.51 31.32
C VAL C 129 -3.98 -6.85 32.04
N SER C 130 -2.81 -7.45 32.03
CA SER C 130 -2.62 -8.75 32.66
C SER C 130 -2.02 -8.73 34.05
N ALA C 131 -1.16 -7.75 34.33
CA ALA C 131 -0.51 -7.66 35.64
C ALA C 131 -0.64 -6.27 36.24
N GLY C 132 -1.72 -5.58 35.88
CA GLY C 132 -1.97 -4.23 36.38
C GLY C 132 -1.84 -4.04 37.87
N GLY C 133 -2.50 -4.87 38.66
CA GLY C 133 -2.43 -4.74 40.10
C GLY C 133 -1.02 -4.86 40.65
N LEU C 134 -0.26 -5.81 40.12
CA LEU C 134 1.11 -6.03 40.54
C LEU C 134 2.02 -4.88 40.13
N MET C 135 1.86 -4.43 38.88
CA MET C 135 2.67 -3.33 38.37
C MET C 135 2.42 -2.06 39.17
N ILE C 136 1.15 -1.76 39.44
CA ILE C 136 0.84 -0.56 40.19
C ILE C 136 1.30 -0.67 41.64
N ASP C 137 1.19 -1.86 42.23
CA ASP C 137 1.64 -2.05 43.61
C ASP C 137 3.13 -1.73 43.70
N ALA C 138 3.89 -2.20 42.71
CA ALA C 138 5.33 -1.95 42.67
C ALA C 138 5.64 -0.47 42.47
N VAL C 139 4.85 0.19 41.64
CA VAL C 139 5.06 1.63 41.41
C VAL C 139 4.93 2.37 42.73
N ARG C 140 3.89 2.02 43.50
CA ARG C 140 3.64 2.67 44.78
C ARG C 140 4.67 2.31 45.84
N GLU C 141 5.08 1.05 45.88
CA GLU C 141 6.07 0.61 46.86
C GLU C 141 7.42 1.32 46.65
N HIS C 142 7.84 1.46 45.40
CA HIS C 142 9.13 2.08 45.10
C HIS C 142 9.15 3.54 44.70
N GLY C 143 8.00 4.21 44.72
CA GLY C 143 7.94 5.61 44.35
C GLY C 143 8.29 5.85 42.90
N THR C 144 7.98 4.89 42.05
CA THR C 144 8.29 5.01 40.63
C THR C 144 7.42 6.06 39.95
N THR C 145 7.99 6.73 38.96
CA THR C 145 7.24 7.72 38.19
C THR C 145 6.82 6.97 36.92
N LEU C 146 5.55 6.59 36.84
CA LEU C 146 5.06 5.85 35.68
C LEU C 146 4.40 6.80 34.67
N LEU C 147 4.96 6.87 33.47
CA LEU C 147 4.43 7.75 32.44
C LEU C 147 3.93 6.95 31.23
N PRO C 148 2.60 6.93 31.00
CA PRO C 148 2.01 6.19 29.88
C PRO C 148 2.42 6.75 28.52
N VAL C 149 2.78 5.85 27.61
CA VAL C 149 3.22 6.26 26.28
C VAL C 149 2.15 6.21 25.19
N ASP C 150 1.24 5.24 25.25
CA ASP C 150 0.22 5.12 24.21
C ASP C 150 -0.63 6.39 24.09
N SER C 151 -1.04 6.69 22.87
CA SER C 151 -1.81 7.90 22.58
C SER C 151 -2.91 8.29 23.56
N GLU C 152 -3.90 7.43 23.75
CA GLU C 152 -5.01 7.72 24.64
C GLU C 152 -4.58 7.95 26.10
N HIS C 153 -3.75 7.05 26.61
CA HIS C 153 -3.29 7.17 27.99
C HIS C 153 -2.43 8.40 28.22
N ASN C 154 -1.57 8.73 27.25
CA ASN C 154 -0.72 9.90 27.42
C ASN C 154 -1.57 11.15 27.36
N ALA C 155 -2.62 11.13 26.53
CA ALA C 155 -3.54 12.27 26.41
C ALA C 155 -4.24 12.47 27.74
N ILE C 156 -4.74 11.39 28.32
CA ILE C 156 -5.42 11.48 29.60
C ILE C 156 -4.46 12.07 30.63
N PHE C 157 -3.27 11.49 30.70
CA PHE C 157 -2.27 11.95 31.65
C PHE C 157 -2.03 13.46 31.56
N GLN C 158 -1.89 13.97 30.33
CA GLN C 158 -1.66 15.40 30.15
C GLN C 158 -2.86 16.27 30.55
N CYS C 159 -4.01 15.63 30.76
CA CYS C 159 -5.23 16.35 31.15
C CYS C 159 -5.73 15.93 32.53
N PHE C 160 -4.95 15.10 33.22
CA PHE C 160 -5.34 14.55 34.52
C PHE C 160 -4.78 15.27 35.75
N PRO C 161 -5.61 15.43 36.80
CA PRO C 161 -5.15 16.10 38.02
C PRO C 161 -4.46 15.09 38.94
N HIS C 162 -3.16 14.89 38.73
CA HIS C 162 -2.40 13.96 39.55
C HIS C 162 -2.48 14.48 40.99
N HIS C 163 -2.56 13.56 41.95
CA HIS C 163 -2.63 13.92 43.38
C HIS C 163 -4.03 14.37 43.81
N ASN C 164 -4.92 14.58 42.84
CA ASN C 164 -6.28 14.99 43.16
C ASN C 164 -7.29 14.34 42.21
N ARG C 165 -7.29 13.02 42.20
CA ARG C 165 -8.18 12.28 41.32
C ARG C 165 -9.67 12.48 41.63
N ASP C 166 -9.98 13.01 42.81
CA ASP C 166 -11.37 13.25 43.17
C ASP C 166 -11.92 14.46 42.40
N TYR C 167 -11.04 15.16 41.70
CA TYR C 167 -11.46 16.33 40.92
C TYR C 167 -12.03 15.88 39.58
N VAL C 168 -11.88 14.60 39.27
CA VAL C 168 -12.36 14.08 38.00
C VAL C 168 -13.82 13.62 38.02
N ARG C 169 -14.60 14.10 37.06
CA ARG C 169 -15.99 13.71 36.94
C ARG C 169 -16.08 12.53 35.99
N ARG C 170 -15.32 12.59 34.91
CA ARG C 170 -15.30 11.50 33.95
C ARG C 170 -14.06 11.56 33.07
N ILE C 171 -13.64 10.40 32.57
CA ILE C 171 -12.51 10.33 31.67
C ILE C 171 -13.11 9.81 30.37
N ILE C 172 -12.82 10.50 29.27
CA ILE C 172 -13.35 10.11 27.97
C ILE C 172 -12.26 9.54 27.10
N ILE C 173 -12.37 8.27 26.74
CA ILE C 173 -11.38 7.64 25.89
C ILE C 173 -11.94 7.71 24.46
N THR C 174 -11.29 8.45 23.59
CA THR C 174 -11.77 8.56 22.21
C THR C 174 -11.37 7.34 21.39
N ALA C 175 -12.20 6.98 20.42
CA ALA C 175 -11.95 5.82 19.57
C ALA C 175 -12.32 6.14 18.12
N SER C 176 -11.45 5.77 17.18
CA SER C 176 -11.76 6.03 15.77
C SER C 176 -12.99 5.23 15.37
N GLY C 177 -13.22 4.12 16.06
CA GLY C 177 -14.36 3.28 15.75
C GLY C 177 -13.94 2.07 14.91
N GLY C 178 -12.71 2.08 14.43
CA GLY C 178 -12.21 0.97 13.63
C GLY C 178 -12.81 0.90 12.23
N PRO C 179 -12.37 -0.06 11.40
CA PRO C 179 -12.87 -0.22 10.03
C PRO C 179 -14.36 -0.48 9.88
N PHE C 180 -14.99 -1.07 10.89
CA PHE C 180 -16.41 -1.38 10.78
C PHE C 180 -17.34 -0.47 11.56
N ARG C 181 -16.90 0.77 11.80
CA ARG C 181 -17.71 1.74 12.53
C ARG C 181 -19.11 1.85 11.95
N THR C 182 -19.22 1.80 10.62
CA THR C 182 -20.51 1.92 9.97
C THR C 182 -20.99 0.63 9.31
N THR C 183 -20.37 -0.49 9.66
CA THR C 183 -20.74 -1.77 9.08
C THR C 183 -21.71 -2.54 9.97
N SER C 184 -22.76 -3.11 9.37
CA SER C 184 -23.74 -3.87 10.16
C SER C 184 -23.17 -5.20 10.62
N LEU C 185 -23.83 -5.82 11.59
CA LEU C 185 -23.39 -7.11 12.10
C LEU C 185 -23.49 -8.15 10.98
N ALA C 186 -24.58 -8.08 10.20
CA ALA C 186 -24.80 -9.00 9.10
C ALA C 186 -23.62 -9.00 8.13
N GLU C 187 -23.11 -7.81 7.82
CA GLU C 187 -21.99 -7.74 6.89
C GLU C 187 -20.64 -8.02 7.57
N MET C 188 -20.54 -7.75 8.86
CA MET C 188 -19.29 -8.02 9.58
C MET C 188 -19.09 -9.54 9.69
N ALA C 189 -20.21 -10.26 9.71
CA ALA C 189 -20.16 -11.71 9.84
C ALA C 189 -19.29 -12.39 8.79
N THR C 190 -19.28 -11.86 7.58
CA THR C 190 -18.51 -12.47 6.51
C THR C 190 -17.23 -11.75 6.09
N VAL C 191 -16.76 -10.80 6.89
CA VAL C 191 -15.53 -10.11 6.52
C VAL C 191 -14.31 -11.02 6.58
N THR C 192 -13.37 -10.79 5.68
CA THR C 192 -12.16 -11.59 5.62
C THR C 192 -11.08 -10.91 6.46
N PRO C 193 -10.04 -11.67 6.83
CA PRO C 193 -8.94 -11.11 7.62
C PRO C 193 -8.27 -9.97 6.84
N GLU C 194 -8.13 -10.17 5.53
CA GLU C 194 -7.49 -9.16 4.69
C GLU C 194 -8.30 -7.85 4.65
N ARG C 195 -9.61 -7.94 4.87
CA ARG C 195 -10.42 -6.73 4.88
C ARG C 195 -10.39 -6.06 6.25
N ALA C 196 -10.30 -6.86 7.31
CA ALA C 196 -10.28 -6.35 8.67
C ALA C 196 -8.97 -5.65 9.02
N VAL C 197 -7.90 -5.98 8.32
CA VAL C 197 -6.60 -5.36 8.58
C VAL C 197 -6.24 -4.42 7.43
N GLY C 205 1.57 -6.38 12.99
CA GLY C 205 0.61 -5.38 13.43
C GLY C 205 -0.82 -5.74 13.09
N ALA C 206 -1.02 -6.93 12.54
CA ALA C 206 -2.36 -7.40 12.17
C ALA C 206 -3.26 -7.58 13.39
N LYS C 207 -2.70 -8.15 14.46
CA LYS C 207 -3.44 -8.37 15.70
C LYS C 207 -3.99 -7.03 16.18
N ILE C 208 -3.14 -6.01 16.14
CA ILE C 208 -3.55 -4.69 16.57
C ILE C 208 -4.70 -4.18 15.69
N SER C 209 -4.61 -4.45 14.40
CA SER C 209 -5.65 -4.02 13.48
C SER C 209 -6.97 -4.74 13.77
N ILE C 210 -6.89 -6.02 14.12
CA ILE C 210 -8.10 -6.78 14.40
C ILE C 210 -8.76 -6.27 15.69
N ASP C 211 -7.96 -5.94 16.70
CA ASP C 211 -8.51 -5.42 17.95
C ASP C 211 -9.23 -4.10 17.73
N SER C 212 -8.77 -3.33 16.74
CA SER C 212 -9.41 -2.06 16.42
C SER C 212 -10.75 -2.35 15.74
N ALA C 213 -10.77 -3.41 14.94
CA ALA C 213 -11.98 -3.79 14.22
C ALA C 213 -13.06 -4.30 15.17
N THR C 214 -12.67 -5.06 16.18
CA THR C 214 -13.60 -5.61 17.15
C THR C 214 -13.84 -4.64 18.30
N MET C 215 -13.00 -3.61 18.37
CA MET C 215 -13.05 -2.61 19.42
C MET C 215 -12.53 -3.17 20.75
N MET C 216 -11.87 -4.32 20.69
CA MET C 216 -11.30 -4.91 21.89
C MET C 216 -10.16 -4.00 22.35
N ASN C 217 -9.57 -3.27 21.41
CA ASN C 217 -8.48 -2.37 21.75
C ASN C 217 -8.95 -1.31 22.74
N LYS C 218 -10.20 -0.87 22.59
CA LYS C 218 -10.75 0.13 23.49
C LYS C 218 -11.09 -0.52 24.84
N GLY C 219 -11.47 -1.79 24.81
CA GLY C 219 -11.78 -2.48 26.05
C GLY C 219 -10.51 -2.61 26.87
N LEU C 220 -9.41 -2.92 26.20
CA LEU C 220 -8.11 -3.06 26.84
C LEU C 220 -7.56 -1.71 27.31
N GLU C 221 -7.76 -0.67 26.51
CA GLU C 221 -7.30 0.67 26.85
C GLU C 221 -8.03 1.14 28.09
N LEU C 222 -9.28 0.71 28.22
CA LEU C 222 -10.09 1.07 29.38
C LEU C 222 -9.46 0.45 30.62
N ILE C 223 -9.15 -0.84 30.54
CA ILE C 223 -8.55 -1.57 31.65
C ILE C 223 -7.23 -0.90 32.06
N GLU C 224 -6.39 -0.59 31.07
CA GLU C 224 -5.12 0.06 31.35
C GLU C 224 -5.30 1.41 32.04
N ALA C 225 -6.24 2.19 31.52
CA ALA C 225 -6.53 3.52 32.08
C ALA C 225 -7.03 3.42 33.51
N PHE C 226 -7.80 2.37 33.79
CA PHE C 226 -8.35 2.14 35.11
C PHE C 226 -7.23 1.97 36.13
N HIS C 227 -6.20 1.22 35.74
CA HIS C 227 -5.07 0.98 36.62
C HIS C 227 -4.17 2.21 36.70
N LEU C 228 -3.98 2.88 35.58
CA LEU C 228 -3.12 4.05 35.54
C LEU C 228 -3.65 5.24 36.33
N PHE C 229 -4.95 5.46 36.28
CA PHE C 229 -5.50 6.64 36.93
C PHE C 229 -6.25 6.46 38.23
N GLN C 230 -6.58 5.22 38.57
CA GLN C 230 -7.24 4.94 39.83
C GLN C 230 -8.52 5.70 40.13
N ILE C 231 -9.49 5.67 39.22
CA ILE C 231 -10.76 6.33 39.49
C ILE C 231 -11.84 5.28 39.20
N PRO C 232 -13.01 5.42 39.83
CA PRO C 232 -14.11 4.46 39.61
C PRO C 232 -14.36 4.13 38.14
N LEU C 233 -14.65 2.86 37.87
CA LEU C 233 -14.93 2.40 36.52
C LEU C 233 -16.09 3.15 35.87
N GLU C 234 -17.09 3.50 36.68
CA GLU C 234 -18.26 4.21 36.15
C GLU C 234 -17.96 5.60 35.60
N LYS C 235 -16.80 6.16 35.94
CA LYS C 235 -16.46 7.49 35.43
C LYS C 235 -15.84 7.43 34.04
N PHE C 236 -15.62 6.23 33.53
CA PHE C 236 -15.03 6.07 32.21
C PHE C 236 -16.10 6.06 31.11
N GLU C 237 -15.78 6.73 30.02
CA GLU C 237 -16.66 6.82 28.88
C GLU C 237 -15.88 6.58 27.60
N ILE C 238 -16.45 5.82 26.67
CA ILE C 238 -15.79 5.59 25.40
C ILE C 238 -16.57 6.41 24.38
N LEU C 239 -15.86 7.24 23.61
CA LEU C 239 -16.49 8.11 22.63
C LEU C 239 -15.90 7.89 21.24
N VAL C 240 -16.75 7.59 20.27
CA VAL C 240 -16.29 7.37 18.91
C VAL C 240 -16.02 8.74 18.29
N HIS C 241 -14.85 8.87 17.70
CA HIS C 241 -14.39 10.10 17.08
C HIS C 241 -13.52 9.70 15.91
N PRO C 242 -14.14 9.52 14.73
CA PRO C 242 -13.46 9.11 13.49
C PRO C 242 -12.14 9.77 13.13
N GLN C 243 -12.03 11.09 13.25
CA GLN C 243 -10.79 11.79 12.89
C GLN C 243 -9.64 11.46 13.84
N SER C 244 -9.98 11.02 15.04
CA SER C 244 -8.97 10.67 16.04
C SER C 244 -7.96 11.77 16.29
N VAL C 245 -8.39 13.04 16.28
CA VAL C 245 -7.45 14.12 16.55
C VAL C 245 -7.44 14.44 18.03
N ILE C 246 -8.60 14.40 18.67
CA ILE C 246 -8.65 14.59 20.11
C ILE C 246 -8.30 13.17 20.58
N HIS C 247 -7.19 13.03 21.28
CA HIS C 247 -6.72 11.71 21.71
C HIS C 247 -7.32 11.13 23.00
N SER C 248 -8.12 11.94 23.69
CA SER C 248 -8.84 11.59 24.92
C SER C 248 -9.06 12.84 25.77
N MET C 249 -9.97 12.76 26.75
CA MET C 249 -10.29 13.93 27.56
C MET C 249 -10.60 13.61 29.01
N VAL C 250 -10.57 14.65 29.84
CA VAL C 250 -10.87 14.53 31.26
C VAL C 250 -11.76 15.68 31.69
N GLU C 251 -12.92 15.37 32.26
CA GLU C 251 -13.82 16.42 32.73
C GLU C 251 -13.65 16.62 34.23
N TYR C 252 -13.62 17.88 34.65
CA TYR C 252 -13.47 18.19 36.06
C TYR C 252 -14.81 18.54 36.69
N LEU C 253 -14.83 18.58 38.02
CA LEU C 253 -16.04 18.88 38.79
C LEU C 253 -16.71 20.20 38.44
N ASP C 254 -15.95 21.16 37.90
CA ASP C 254 -16.54 22.44 37.55
C ASP C 254 -17.13 22.48 36.15
N GLY C 255 -17.03 21.37 35.43
CA GLY C 255 -17.55 21.30 34.08
C GLY C 255 -16.48 21.45 33.02
N SER C 256 -15.28 21.84 33.43
CA SER C 256 -14.18 22.00 32.49
C SER C 256 -13.77 20.66 31.94
N ILE C 257 -13.53 20.61 30.63
CA ILE C 257 -13.08 19.38 30.01
C ILE C 257 -11.74 19.69 29.36
N LEU C 258 -10.69 19.03 29.82
CA LEU C 258 -9.37 19.25 29.24
C LEU C 258 -9.13 18.16 28.22
N ALA C 259 -8.62 18.52 27.06
CA ALA C 259 -8.35 17.55 26.01
C ALA C 259 -6.95 17.73 25.43
N GLN C 260 -6.37 16.62 24.97
CA GLN C 260 -5.08 16.64 24.34
C GLN C 260 -5.41 16.35 22.88
N ILE C 261 -4.96 17.22 21.99
CA ILE C 261 -5.25 17.10 20.57
C ILE C 261 -3.97 17.21 19.78
N GLY C 262 -3.93 16.62 18.58
CA GLY C 262 -2.73 16.72 17.78
C GLY C 262 -2.63 15.78 16.59
N SER C 263 -1.49 15.84 15.93
CA SER C 263 -1.22 14.99 14.78
C SER C 263 -0.97 13.62 15.40
N PRO C 264 -0.97 12.55 14.59
CA PRO C 264 -0.75 11.19 15.12
C PRO C 264 0.70 10.82 15.46
N ASP C 265 1.64 11.71 15.13
CA ASP C 265 3.06 11.47 15.38
C ASP C 265 3.33 11.00 16.81
N MET C 266 3.82 9.77 16.97
CA MET C 266 4.08 9.24 18.30
C MET C 266 5.20 9.97 19.04
N ARG C 267 5.95 10.81 18.33
CA ARG C 267 7.01 11.54 19.00
C ARG C 267 6.46 12.57 19.98
N THR C 268 5.19 12.95 19.81
CA THR C 268 4.56 13.90 20.72
C THR C 268 4.37 13.24 22.10
N PRO C 269 3.63 12.11 22.16
CA PRO C 269 3.48 11.50 23.49
C PRO C 269 4.82 11.00 24.07
N ILE C 270 5.67 10.42 23.22
CA ILE C 270 6.97 9.95 23.69
C ILE C 270 7.82 11.12 24.17
N GLY C 271 7.78 12.22 23.41
CA GLY C 271 8.52 13.41 23.79
C GLY C 271 8.01 13.92 25.12
N HIS C 272 6.72 13.74 25.35
CA HIS C 272 6.14 14.17 26.62
C HIS C 272 6.74 13.38 27.77
N THR C 273 6.78 12.06 27.66
CA THR C 273 7.32 11.22 28.72
C THR C 273 8.82 11.41 28.89
N LEU C 274 9.53 11.65 27.80
CA LEU C 274 10.97 11.82 27.86
C LEU C 274 11.38 13.10 28.58
N ALA C 275 10.68 14.20 28.31
CA ALA C 275 11.00 15.49 28.93
C ALA C 275 10.37 15.72 30.30
N TRP C 276 9.25 15.08 30.58
CA TRP C 276 8.54 15.24 31.84
C TRP C 276 9.49 15.31 33.03
N PRO C 277 9.27 16.24 33.99
CA PRO C 277 8.20 17.24 34.07
C PRO C 277 8.36 18.46 33.17
N LYS C 278 9.40 18.47 32.33
CA LYS C 278 9.60 19.59 31.43
C LYS C 278 9.00 19.22 30.07
N ARG C 279 9.22 20.07 29.07
CA ARG C 279 8.72 19.84 27.73
C ARG C 279 9.91 19.99 26.76
N MET C 280 9.83 19.32 25.62
CA MET C 280 10.91 19.39 24.65
C MET C 280 10.38 19.55 23.24
N GLU C 281 11.24 20.02 22.35
CA GLU C 281 10.87 20.19 20.96
C GLU C 281 10.89 18.83 20.27
N THR C 282 9.95 18.62 19.36
CA THR C 282 9.89 17.39 18.58
C THR C 282 9.46 17.85 17.20
N PRO C 283 9.79 17.08 16.17
CA PRO C 283 9.42 17.47 14.80
C PRO C 283 7.97 17.15 14.43
N ALA C 284 7.18 16.71 15.41
CA ALA C 284 5.78 16.38 15.15
C ALA C 284 5.07 17.55 14.50
N GLU C 285 4.23 17.25 13.52
CA GLU C 285 3.48 18.25 12.78
C GLU C 285 2.42 18.94 13.66
N SER C 286 2.26 20.24 13.49
CA SER C 286 1.26 20.98 14.26
C SER C 286 -0.05 20.83 13.53
N LEU C 287 -1.05 20.31 14.21
CA LEU C 287 -2.36 20.08 13.62
C LEU C 287 -2.97 21.33 12.99
N ASP C 288 -3.37 21.22 11.74
CA ASP C 288 -3.98 22.32 11.02
C ASP C 288 -5.50 22.15 11.09
N PHE C 289 -6.15 22.90 11.98
CA PHE C 289 -7.59 22.78 12.15
C PHE C 289 -8.38 23.25 10.93
N THR C 290 -7.87 24.26 10.23
CA THR C 290 -8.56 24.75 9.04
C THR C 290 -8.57 23.65 7.99
N LYS C 291 -7.48 22.88 7.92
CA LYS C 291 -7.37 21.78 6.97
C LYS C 291 -8.29 20.63 7.41
N LEU C 292 -8.30 20.37 8.71
CA LEU C 292 -9.15 19.33 9.29
C LEU C 292 -10.60 19.66 8.99
N ARG C 293 -10.97 20.91 9.24
CA ARG C 293 -12.32 21.42 8.98
C ARG C 293 -13.42 20.92 9.92
N GLN C 294 -13.51 19.60 10.13
CA GLN C 294 -14.55 19.03 11.00
C GLN C 294 -14.07 17.92 11.92
N MET C 295 -14.80 17.75 13.02
CA MET C 295 -14.56 16.72 14.01
C MET C 295 -15.92 16.11 14.27
N ASP C 296 -16.02 14.78 14.22
CA ASP C 296 -17.29 14.12 14.46
C ASP C 296 -17.24 13.26 15.72
N PHE C 297 -18.38 13.10 16.36
CA PHE C 297 -18.48 12.31 17.58
C PHE C 297 -19.79 11.54 17.59
N GLU C 298 -19.76 10.33 18.14
CA GLU C 298 -20.96 9.50 18.23
C GLU C 298 -20.75 8.47 19.33
N ALA C 299 -21.85 7.90 19.82
CA ALA C 299 -21.75 6.90 20.87
C ALA C 299 -21.30 5.58 20.30
N PRO C 300 -20.50 4.82 21.07
CA PRO C 300 -20.05 3.52 20.57
C PRO C 300 -21.26 2.58 20.60
N ASP C 301 -21.35 1.66 19.65
CA ASP C 301 -22.48 0.74 19.58
C ASP C 301 -22.14 -0.55 20.33
N TYR C 302 -22.54 -0.62 21.59
CA TYR C 302 -22.27 -1.78 22.43
C TYR C 302 -22.88 -3.08 21.91
N GLU C 303 -23.97 -2.97 21.16
CA GLU C 303 -24.64 -4.15 20.62
C GLU C 303 -23.86 -4.73 19.45
N ARG C 304 -23.20 -3.86 18.68
CA ARG C 304 -22.43 -4.31 17.53
C ARG C 304 -21.00 -4.72 17.87
N PHE C 305 -20.49 -4.22 18.99
CA PHE C 305 -19.14 -4.55 19.40
C PHE C 305 -19.12 -5.04 20.85
N PRO C 306 -19.58 -6.29 21.06
CA PRO C 306 -19.66 -6.93 22.36
C PRO C 306 -18.35 -6.98 23.14
N ALA C 307 -17.22 -6.88 22.43
CA ALA C 307 -15.93 -6.89 23.11
C ALA C 307 -15.87 -5.80 24.18
N LEU C 308 -16.51 -4.66 23.92
CA LEU C 308 -16.51 -3.56 24.88
C LEU C 308 -17.14 -3.99 26.20
N THR C 309 -18.25 -4.71 26.13
CA THR C 309 -18.94 -5.19 27.30
C THR C 309 -18.11 -6.24 28.02
N LEU C 310 -17.53 -7.15 27.26
CA LEU C 310 -16.70 -8.20 27.84
C LEU C 310 -15.59 -7.56 28.66
N ALA C 311 -14.99 -6.51 28.11
CA ALA C 311 -13.90 -5.82 28.79
C ALA C 311 -14.37 -5.13 30.06
N MET C 312 -15.52 -4.46 30.00
CA MET C 312 -16.05 -3.77 31.17
C MET C 312 -16.37 -4.77 32.27
N GLU C 313 -17.06 -5.86 31.91
CA GLU C 313 -17.42 -6.90 32.87
C GLU C 313 -16.16 -7.52 33.49
N SER C 314 -15.13 -7.69 32.68
CA SER C 314 -13.89 -8.29 33.16
C SER C 314 -13.18 -7.45 34.21
N ILE C 315 -13.10 -6.15 33.99
CA ILE C 315 -12.43 -5.28 34.95
C ILE C 315 -13.34 -5.03 36.15
N LYS C 316 -14.65 -5.05 35.90
CA LYS C 316 -15.63 -4.83 36.97
C LYS C 316 -15.48 -5.99 37.97
N SER C 317 -15.37 -7.20 37.43
CA SER C 317 -15.20 -8.40 38.26
C SER C 317 -13.80 -8.44 38.85
N GLY C 318 -12.83 -7.97 38.07
CA GLY C 318 -11.46 -7.93 38.52
C GLY C 318 -10.73 -9.26 38.55
N GLY C 319 -9.77 -9.38 39.45
CA GLY C 319 -9.00 -10.60 39.57
C GLY C 319 -8.24 -10.95 38.31
N ALA C 320 -8.32 -12.21 37.91
CA ALA C 320 -7.63 -12.68 36.72
C ALA C 320 -8.44 -12.48 35.44
N ARG C 321 -9.66 -11.97 35.57
CA ARG C 321 -10.54 -11.76 34.42
C ARG C 321 -9.86 -11.06 33.23
N PRO C 322 -9.28 -9.87 33.45
CA PRO C 322 -8.62 -9.14 32.37
C PRO C 322 -7.52 -9.95 31.68
N ALA C 323 -6.70 -10.62 32.48
CA ALA C 323 -5.62 -11.43 31.94
C ALA C 323 -6.16 -12.56 31.08
N VAL C 324 -7.22 -13.20 31.56
CA VAL C 324 -7.85 -14.29 30.82
C VAL C 324 -8.43 -13.77 29.53
N MET C 325 -9.12 -12.65 29.61
CA MET C 325 -9.73 -12.05 28.42
C MET C 325 -8.67 -11.73 27.36
N ASN C 326 -7.57 -11.14 27.81
CA ASN C 326 -6.49 -10.76 26.90
C ASN C 326 -5.87 -11.97 26.19
N ALA C 327 -5.63 -13.03 26.96
CA ALA C 327 -5.05 -14.24 26.42
C ALA C 327 -5.99 -14.90 25.42
N ALA C 328 -7.26 -15.06 25.82
CA ALA C 328 -8.25 -15.67 24.94
C ALA C 328 -8.33 -14.90 23.62
N ASN C 329 -8.35 -13.57 23.71
CA ASN C 329 -8.42 -12.73 22.53
C ASN C 329 -7.24 -12.99 21.59
N GLU C 330 -6.04 -13.18 22.16
CA GLU C 330 -4.86 -13.45 21.34
C GLU C 330 -5.12 -14.70 20.50
N ILE C 331 -5.61 -15.74 21.14
CA ILE C 331 -5.89 -17.00 20.45
C ILE C 331 -6.98 -16.83 19.39
N ALA C 332 -8.08 -16.16 19.75
CA ALA C 332 -9.20 -15.95 18.85
C ALA C 332 -8.81 -15.11 17.63
N VAL C 333 -8.05 -14.05 17.86
CA VAL C 333 -7.62 -13.19 16.77
C VAL C 333 -6.73 -13.96 15.81
N ALA C 334 -5.78 -14.72 16.36
CA ALA C 334 -4.88 -15.50 15.53
C ALA C 334 -5.69 -16.47 14.67
N ALA C 335 -6.70 -17.09 15.28
CA ALA C 335 -7.54 -18.06 14.58
C ALA C 335 -8.27 -17.39 13.41
N PHE C 336 -8.77 -16.19 13.63
CA PHE C 336 -9.48 -15.46 12.58
C PHE C 336 -8.52 -15.14 11.43
N LEU C 337 -7.35 -14.61 11.77
CA LEU C 337 -6.35 -14.28 10.76
C LEU C 337 -5.93 -15.51 9.98
N ASP C 338 -6.06 -16.68 10.62
CA ASP C 338 -5.70 -17.94 10.00
C ASP C 338 -6.91 -18.60 9.33
N LYS C 339 -8.00 -17.85 9.23
CA LYS C 339 -9.23 -18.32 8.60
C LYS C 339 -9.83 -19.58 9.23
N LYS C 340 -9.66 -19.74 10.54
CA LYS C 340 -10.22 -20.90 11.23
C LYS C 340 -11.60 -20.58 11.79
N ILE C 341 -11.87 -19.30 11.97
CA ILE C 341 -13.15 -18.85 12.50
C ILE C 341 -13.59 -17.58 11.79
N GLY C 342 -14.81 -17.14 12.07
CA GLY C 342 -15.31 -15.93 11.47
C GLY C 342 -15.01 -14.74 12.36
N PHE C 343 -15.05 -13.54 11.80
CA PHE C 343 -14.78 -12.32 12.54
C PHE C 343 -15.60 -12.19 13.83
N LEU C 344 -16.90 -12.48 13.75
CA LEU C 344 -17.77 -12.37 14.92
C LEU C 344 -17.53 -13.45 15.97
N ASP C 345 -16.78 -14.49 15.61
CA ASP C 345 -16.46 -15.58 16.54
C ASP C 345 -15.38 -15.19 17.55
N ILE C 346 -14.62 -14.14 17.22
CA ILE C 346 -13.55 -13.70 18.11
C ILE C 346 -14.09 -13.37 19.51
N ALA C 347 -15.05 -12.46 19.56
CA ALA C 347 -15.63 -12.06 20.83
C ALA C 347 -16.34 -13.24 21.51
N LYS C 348 -16.93 -14.11 20.70
CA LYS C 348 -17.65 -15.26 21.25
C LYS C 348 -16.69 -16.22 21.95
N ILE C 349 -15.52 -16.42 21.37
CA ILE C 349 -14.53 -17.30 21.97
C ILE C 349 -13.99 -16.70 23.26
N VAL C 350 -13.79 -15.40 23.28
CA VAL C 350 -13.27 -14.75 24.47
C VAL C 350 -14.29 -14.86 25.60
N GLU C 351 -15.57 -14.63 25.27
CA GLU C 351 -16.65 -14.73 26.24
C GLU C 351 -16.75 -16.14 26.82
N LYS C 352 -16.73 -17.15 25.96
CA LYS C 352 -16.79 -18.55 26.38
C LYS C 352 -15.63 -18.88 27.32
N THR C 353 -14.42 -18.51 26.92
CA THR C 353 -13.23 -18.77 27.72
C THR C 353 -13.41 -18.13 29.10
N LEU C 354 -13.82 -16.87 29.11
CA LEU C 354 -14.04 -16.15 30.35
C LEU C 354 -15.02 -16.89 31.25
N ASP C 355 -16.02 -17.54 30.63
CA ASP C 355 -17.02 -18.27 31.39
C ASP C 355 -16.52 -19.56 32.02
N HIS C 356 -15.64 -20.28 31.33
CA HIS C 356 -15.14 -21.54 31.85
C HIS C 356 -13.80 -21.57 32.57
N TYR C 357 -13.05 -20.47 32.51
CA TYR C 357 -11.77 -20.42 33.19
C TYR C 357 -11.67 -19.21 34.08
N THR C 358 -11.78 -19.44 35.38
CA THR C 358 -11.72 -18.37 36.37
C THR C 358 -10.72 -18.72 37.46
N PRO C 359 -9.42 -18.62 37.17
CA PRO C 359 -8.36 -18.93 38.14
C PRO C 359 -8.30 -17.91 39.26
N ALA C 360 -7.43 -18.16 40.23
CA ALA C 360 -7.26 -17.25 41.35
C ALA C 360 -6.49 -16.03 40.85
N THR C 361 -6.60 -14.93 41.58
CA THR C 361 -5.90 -13.70 41.21
C THR C 361 -4.39 -13.89 41.36
N PRO C 362 -3.61 -13.41 40.37
CA PRO C 362 -2.15 -13.53 40.39
C PRO C 362 -1.51 -12.75 41.53
N SER C 363 -0.47 -13.32 42.12
CA SER C 363 0.25 -12.69 43.23
C SER C 363 1.66 -12.38 42.77
N SER C 364 2.00 -12.87 41.58
CA SER C 364 3.33 -12.66 41.01
C SER C 364 3.22 -12.78 39.50
N LEU C 365 4.29 -12.41 38.80
CA LEU C 365 4.31 -12.52 37.35
C LEU C 365 4.25 -13.99 36.98
N GLU C 366 4.77 -14.84 37.85
CA GLU C 366 4.74 -16.28 37.60
C GLU C 366 3.27 -16.71 37.47
N ASP C 367 2.43 -16.21 38.37
CA ASP C 367 1.00 -16.55 38.29
C ASP C 367 0.38 -15.98 37.02
N VAL C 368 0.82 -14.80 36.63
CA VAL C 368 0.30 -14.17 35.42
C VAL C 368 0.64 -15.01 34.19
N PHE C 369 1.90 -15.45 34.11
CA PHE C 369 2.35 -16.28 32.99
C PHE C 369 1.53 -17.57 32.94
N ALA C 370 1.26 -18.13 34.13
CA ALA C 370 0.49 -19.36 34.23
C ALA C 370 -0.93 -19.16 33.73
N ILE C 371 -1.58 -18.10 34.19
CA ILE C 371 -2.94 -17.81 33.77
C ILE C 371 -3.01 -17.57 32.27
N ASP C 372 -2.05 -16.80 31.76
CA ASP C 372 -2.03 -16.48 30.34
C ASP C 372 -1.93 -17.78 29.54
N ASN C 373 -1.01 -18.64 29.97
CA ASN C 373 -0.79 -19.92 29.31
C ASN C 373 -2.04 -20.79 29.32
N GLU C 374 -2.65 -20.93 30.48
CA GLU C 374 -3.86 -21.74 30.63
C GLU C 374 -5.04 -21.19 29.85
N ALA C 375 -5.26 -19.88 29.91
CA ALA C 375 -6.37 -19.27 29.18
C ALA C 375 -6.21 -19.55 27.68
N ARG C 376 -4.97 -19.49 27.20
CA ARG C 376 -4.67 -19.73 25.80
C ARG C 376 -5.04 -21.16 25.45
N ILE C 377 -4.71 -22.10 26.34
CA ILE C 377 -5.03 -23.48 26.09
C ILE C 377 -6.54 -23.66 26.06
N GLN C 378 -7.25 -23.08 27.04
CA GLN C 378 -8.70 -23.18 27.12
C GLN C 378 -9.37 -22.55 25.90
N ALA C 379 -8.93 -21.34 25.55
CA ALA C 379 -9.48 -20.64 24.41
C ALA C 379 -9.35 -21.49 23.15
N ALA C 380 -8.17 -22.07 22.93
CA ALA C 380 -7.94 -22.90 21.75
C ALA C 380 -8.92 -24.07 21.69
N ALA C 381 -9.12 -24.74 22.83
CA ALA C 381 -10.02 -25.88 22.90
C ALA C 381 -11.44 -25.46 22.54
N LEU C 382 -11.87 -24.30 23.05
CA LEU C 382 -13.21 -23.81 22.77
C LEU C 382 -13.29 -23.39 21.30
N MET C 383 -12.20 -22.82 20.80
CA MET C 383 -12.14 -22.38 19.41
C MET C 383 -12.28 -23.58 18.48
N GLU C 384 -11.69 -24.70 18.88
CA GLU C 384 -11.76 -25.92 18.09
C GLU C 384 -13.15 -26.55 18.17
N SER C 385 -13.78 -26.44 19.34
CA SER C 385 -15.10 -27.01 19.55
C SER C 385 -16.23 -26.18 18.95
N LEU C 386 -15.90 -24.94 18.60
CA LEU C 386 -16.88 -24.02 18.04
C LEU C 386 -17.84 -24.69 17.08
N PRO C 387 -19.14 -24.58 17.37
CA PRO C 387 -20.19 -25.19 16.54
C PRO C 387 -20.17 -24.75 15.08
N ALA C 388 -19.26 -25.33 14.30
CA ALA C 388 -19.16 -25.00 12.88
C ALA C 388 -19.34 -26.26 12.04
N GLN D 3 -9.44 28.25 55.93
CA GLN D 3 -10.79 28.84 55.67
C GLN D 3 -11.55 29.11 56.97
N PRO D 4 -12.70 29.80 56.89
CA PRO D 4 -13.33 30.33 55.67
C PRO D 4 -12.44 31.33 54.93
N ARG D 5 -12.37 31.19 53.61
CA ARG D 5 -11.58 32.08 52.78
C ARG D 5 -12.38 33.36 52.55
N THR D 6 -11.73 34.51 52.67
CA THR D 6 -12.41 35.79 52.48
C THR D 6 -12.53 36.15 51.00
N VAL D 7 -13.70 36.64 50.61
CA VAL D 7 -13.93 37.01 49.22
C VAL D 7 -14.66 38.33 49.08
N THR D 8 -14.36 39.02 47.98
CA THR D 8 -14.99 40.29 47.65
C THR D 8 -15.37 40.25 46.19
N VAL D 9 -16.54 40.78 45.86
CA VAL D 9 -16.99 40.80 44.49
C VAL D 9 -17.29 42.21 44.04
N LEU D 10 -16.43 42.73 43.18
CA LEU D 10 -16.59 44.08 42.63
C LEU D 10 -17.45 43.89 41.38
N GLY D 11 -18.67 44.44 41.40
CA GLY D 11 -19.58 44.27 40.28
C GLY D 11 -20.35 42.99 40.51
N ALA D 12 -21.02 42.93 41.66
CA ALA D 12 -21.75 41.73 42.07
C ALA D 12 -23.13 41.54 41.46
N THR D 13 -23.66 42.54 40.76
CA THR D 13 -24.99 42.42 40.20
C THR D 13 -25.10 42.25 38.69
N GLY D 14 -23.96 42.15 38.02
CA GLY D 14 -23.99 41.95 36.57
C GLY D 14 -24.03 40.45 36.32
N SER D 15 -24.00 40.01 35.08
CA SER D 15 -24.05 38.59 34.79
C SER D 15 -22.91 37.83 35.48
N ILE D 16 -21.69 38.32 35.33
CA ILE D 16 -20.53 37.67 35.96
C ILE D 16 -20.69 37.64 37.48
N GLY D 17 -21.08 38.78 38.05
CA GLY D 17 -21.25 38.87 39.49
C GLY D 17 -22.32 37.92 40.00
N HIS D 18 -23.43 37.85 39.28
CA HIS D 18 -24.52 36.97 39.69
C HIS D 18 -24.04 35.52 39.67
N SER D 19 -23.35 35.14 38.61
CA SER D 19 -22.84 33.77 38.49
C SER D 19 -21.80 33.50 39.59
N THR D 20 -21.02 34.52 39.95
CA THR D 20 -20.01 34.37 40.99
C THR D 20 -20.70 34.17 42.34
N LEU D 21 -21.73 34.97 42.59
CA LEU D 21 -22.46 34.86 43.85
C LEU D 21 -23.16 33.51 43.94
N ASP D 22 -23.60 33.01 42.79
CA ASP D 22 -24.29 31.73 42.76
C ASP D 22 -23.39 30.66 43.35
N LEU D 23 -22.12 30.68 42.97
CA LEU D 23 -21.15 29.70 43.46
C LEU D 23 -20.74 29.98 44.90
N ILE D 24 -20.59 31.25 45.24
CA ILE D 24 -20.21 31.63 46.60
C ILE D 24 -21.33 31.23 47.57
N GLU D 25 -22.57 31.53 47.21
CA GLU D 25 -23.70 31.20 48.05
C GLU D 25 -23.85 29.70 48.26
N ARG D 26 -23.66 28.93 47.19
CA ARG D 26 -23.77 27.47 47.29
C ARG D 26 -22.71 26.89 48.20
N ASN D 27 -21.68 27.68 48.50
CA ASN D 27 -20.59 27.23 49.35
C ASN D 27 -20.25 28.25 50.43
N LEU D 28 -21.28 28.95 50.90
CA LEU D 28 -21.08 29.97 51.92
C LEU D 28 -20.39 29.40 53.15
N ASP D 29 -20.46 28.09 53.34
CA ASP D 29 -19.82 27.46 54.49
C ASP D 29 -18.30 27.60 54.48
N ARG D 30 -17.72 27.86 53.31
CA ARG D 30 -16.26 28.01 53.24
C ARG D 30 -15.79 29.38 52.76
N TYR D 31 -16.73 30.28 52.55
CA TYR D 31 -16.40 31.63 52.11
C TYR D 31 -17.00 32.68 53.04
N GLN D 32 -16.21 33.70 53.33
CA GLN D 32 -16.66 34.82 54.15
C GLN D 32 -16.65 36.03 53.26
N VAL D 33 -17.83 36.52 52.92
CA VAL D 33 -17.93 37.67 52.03
C VAL D 33 -17.55 38.96 52.74
N ILE D 34 -16.55 39.65 52.19
CA ILE D 34 -16.09 40.91 52.76
C ILE D 34 -16.92 42.04 52.15
N ALA D 35 -16.61 42.43 50.92
CA ALA D 35 -17.36 43.51 50.28
C ALA D 35 -18.02 43.09 48.98
N LEU D 36 -19.14 43.74 48.68
CA LEU D 36 -19.86 43.50 47.43
C LEU D 36 -20.16 44.90 46.88
N THR D 37 -20.04 45.07 45.56
CA THR D 37 -20.32 46.38 44.98
C THR D 37 -21.18 46.24 43.74
N ALA D 38 -21.93 47.29 43.42
CA ALA D 38 -22.78 47.32 42.25
C ALA D 38 -22.73 48.73 41.69
N ASN D 39 -23.38 48.95 40.55
CA ASN D 39 -23.37 50.27 39.94
C ASN D 39 -24.61 51.06 40.33
N ARG D 40 -25.77 50.60 39.91
CA ARG D 40 -27.02 51.29 40.25
C ARG D 40 -28.10 50.36 40.78
N ASN D 41 -27.82 49.06 40.77
CA ASN D 41 -28.79 48.07 41.24
C ASN D 41 -28.76 47.91 42.76
N VAL D 42 -29.32 48.88 43.47
CA VAL D 42 -29.34 48.84 44.92
C VAL D 42 -30.07 47.64 45.49
N LYS D 43 -31.21 47.30 44.92
CA LYS D 43 -31.99 46.18 45.41
C LYS D 43 -31.21 44.87 45.42
N ASP D 44 -30.65 44.50 44.27
CA ASP D 44 -29.90 43.25 44.20
C ASP D 44 -28.63 43.27 45.05
N LEU D 45 -28.02 44.44 45.17
CA LEU D 45 -26.81 44.58 45.97
C LEU D 45 -27.11 44.33 47.44
N ALA D 46 -28.15 44.99 47.94
CA ALA D 46 -28.55 44.85 49.33
C ALA D 46 -28.91 43.40 49.64
N ASP D 47 -29.72 42.80 48.78
CA ASP D 47 -30.11 41.41 48.98
C ASP D 47 -28.90 40.49 48.97
N ALA D 48 -28.01 40.70 48.00
CA ALA D 48 -26.81 39.87 47.90
C ALA D 48 -25.97 40.02 49.16
N ALA D 49 -25.88 41.25 49.65
CA ALA D 49 -25.10 41.54 50.85
C ALA D 49 -25.68 40.86 52.09
N LYS D 50 -26.97 40.99 52.30
CA LYS D 50 -27.64 40.38 53.45
C LYS D 50 -27.63 38.84 53.35
N ARG D 51 -27.82 38.36 52.13
CA ARG D 51 -27.86 36.93 51.84
C ARG D 51 -26.52 36.22 52.07
N THR D 52 -25.44 37.00 52.08
CA THR D 52 -24.11 36.43 52.28
C THR D 52 -23.48 36.94 53.56
N ASN D 53 -24.25 37.68 54.35
CA ASN D 53 -23.75 38.23 55.61
C ASN D 53 -22.50 39.06 55.32
N ALA D 54 -22.49 39.75 54.20
CA ALA D 54 -21.34 40.56 53.79
C ALA D 54 -21.02 41.64 54.82
N LYS D 55 -19.75 42.00 54.91
CA LYS D 55 -19.33 43.04 55.84
C LYS D 55 -19.68 44.43 55.32
N ARG D 56 -19.70 44.59 53.99
CA ARG D 56 -19.99 45.89 53.41
C ARG D 56 -20.54 45.81 51.99
N ALA D 57 -21.42 46.74 51.66
CA ALA D 57 -22.02 46.82 50.34
C ALA D 57 -21.77 48.25 49.85
N VAL D 58 -21.26 48.38 48.63
CA VAL D 58 -20.96 49.68 48.07
C VAL D 58 -21.68 49.90 46.74
N ILE D 59 -22.40 51.01 46.65
CA ILE D 59 -23.11 51.35 45.43
C ILE D 59 -22.25 52.45 44.80
N ALA D 60 -21.86 52.24 43.55
CA ALA D 60 -20.99 53.20 42.86
C ALA D 60 -21.57 54.60 42.76
N ASP D 61 -22.83 54.70 42.40
CA ASP D 61 -23.49 55.99 42.23
C ASP D 61 -23.84 56.65 43.57
N PRO D 62 -23.15 57.75 43.92
CA PRO D 62 -23.36 58.49 45.17
C PRO D 62 -24.81 58.88 45.39
N SER D 63 -25.51 59.12 44.27
CA SER D 63 -26.92 59.50 44.29
C SER D 63 -27.79 58.43 44.94
N LEU D 64 -27.32 57.19 44.94
CA LEU D 64 -28.10 56.10 45.50
C LEU D 64 -27.70 55.67 46.90
N TYR D 65 -26.79 56.42 47.52
CA TYR D 65 -26.33 56.09 48.86
C TYR D 65 -27.49 55.94 49.85
N ASN D 66 -28.41 56.90 49.83
CA ASN D 66 -29.56 56.85 50.74
C ASN D 66 -30.41 55.62 50.52
N ASP D 67 -30.68 55.27 49.27
CA ASP D 67 -31.49 54.10 48.97
C ASP D 67 -30.79 52.87 49.54
N LEU D 68 -29.46 52.85 49.47
CA LEU D 68 -28.70 51.72 49.98
C LEU D 68 -28.81 51.63 51.50
N LYS D 69 -28.60 52.75 52.17
CA LYS D 69 -28.68 52.78 53.63
C LYS D 69 -30.03 52.28 54.12
N GLU D 70 -31.10 52.69 53.43
CA GLU D 70 -32.43 52.29 53.83
C GLU D 70 -32.60 50.79 53.60
N ALA D 71 -32.16 50.31 52.44
CA ALA D 71 -32.25 48.90 52.11
C ALA D 71 -31.51 48.06 53.15
N LEU D 72 -30.43 48.62 53.69
CA LEU D 72 -29.65 47.90 54.69
C LEU D 72 -29.97 48.30 56.13
N ALA D 73 -31.06 49.02 56.32
CA ALA D 73 -31.46 49.45 57.66
C ALA D 73 -31.65 48.24 58.58
N GLY D 74 -31.11 48.34 59.78
CA GLY D 74 -31.24 47.25 60.74
C GLY D 74 -30.46 46.02 60.32
N SER D 75 -29.41 46.23 59.54
CA SER D 75 -28.56 45.15 59.07
C SER D 75 -27.13 45.37 59.54
N SER D 76 -26.37 44.29 59.73
CA SER D 76 -24.98 44.43 60.17
C SER D 76 -24.09 44.76 58.98
N VAL D 77 -24.70 44.90 57.81
CA VAL D 77 -23.96 45.23 56.58
C VAL D 77 -23.67 46.72 56.49
N GLU D 78 -22.41 47.06 56.35
CA GLU D 78 -21.98 48.46 56.23
C GLU D 78 -22.38 48.97 54.84
N ALA D 79 -22.82 50.22 54.76
CA ALA D 79 -23.20 50.80 53.48
C ALA D 79 -22.26 51.92 53.07
N ALA D 80 -21.98 52.02 51.77
CA ALA D 80 -21.10 53.06 51.26
C ALA D 80 -21.43 53.35 49.81
N ALA D 81 -20.93 54.48 49.28
CA ALA D 81 -21.20 54.83 47.90
C ALA D 81 -20.16 55.76 47.30
N GLY D 82 -20.08 55.77 45.97
CA GLY D 82 -19.12 56.64 45.29
C GLY D 82 -17.89 55.90 44.80
N ALA D 83 -17.19 56.54 43.86
CA ALA D 83 -15.98 55.96 43.28
C ALA D 83 -14.93 55.59 44.32
N ASP D 84 -14.68 56.47 45.29
CA ASP D 84 -13.66 56.18 46.31
C ASP D 84 -14.01 54.97 47.17
N ALA D 85 -15.30 54.81 47.47
CA ALA D 85 -15.76 53.70 48.30
C ALA D 85 -15.50 52.37 47.60
N LEU D 86 -15.52 52.39 46.28
CA LEU D 86 -15.27 51.18 45.50
C LEU D 86 -13.81 50.78 45.71
N VAL D 87 -12.93 51.77 45.64
CA VAL D 87 -11.51 51.52 45.84
C VAL D 87 -11.28 51.02 47.26
N GLU D 88 -11.89 51.68 48.23
CA GLU D 88 -11.72 51.27 49.63
C GLU D 88 -12.21 49.84 49.81
N ALA D 89 -13.31 49.49 49.18
CA ALA D 89 -13.87 48.14 49.27
C ALA D 89 -12.83 47.12 48.79
N ALA D 90 -12.24 47.42 47.64
CA ALA D 90 -11.25 46.54 47.03
C ALA D 90 -9.99 46.41 47.88
N MET D 91 -9.85 47.30 48.86
CA MET D 91 -8.69 47.28 49.73
C MET D 91 -8.98 46.70 51.11
N MET D 92 -10.18 46.14 51.29
CA MET D 92 -10.53 45.58 52.58
C MET D 92 -9.79 44.30 52.96
N GLY D 93 -9.01 43.76 52.03
CA GLY D 93 -8.23 42.57 52.34
C GLY D 93 -8.72 41.18 51.97
N ALA D 94 -9.72 41.07 51.11
CA ALA D 94 -10.22 39.76 50.73
C ALA D 94 -9.09 38.96 50.09
N ASP D 95 -9.01 37.67 50.40
CA ASP D 95 -7.96 36.86 49.80
C ASP D 95 -8.27 36.60 48.33
N TRP D 96 -9.55 36.65 47.99
CA TRP D 96 -10.00 36.42 46.63
C TRP D 96 -10.93 37.55 46.23
N THR D 97 -10.64 38.20 45.11
CA THR D 97 -11.45 39.31 44.64
C THR D 97 -11.90 39.10 43.20
N MET D 98 -13.20 39.19 42.96
CA MET D 98 -13.72 39.07 41.60
C MET D 98 -13.82 40.52 41.11
N ALA D 99 -13.00 40.87 40.13
CA ALA D 99 -13.01 42.22 39.58
C ALA D 99 -13.90 42.23 38.34
N ALA D 100 -15.19 42.46 38.56
CA ALA D 100 -16.15 42.46 37.46
C ALA D 100 -16.85 43.79 37.20
N ILE D 101 -16.30 44.89 37.71
CA ILE D 101 -16.87 46.20 37.43
C ILE D 101 -16.49 46.46 35.98
N ILE D 102 -17.45 46.85 35.14
CA ILE D 102 -17.15 47.08 33.74
C ILE D 102 -16.73 48.51 33.41
N GLY D 103 -16.00 48.66 32.31
CA GLY D 103 -15.56 49.97 31.85
C GLY D 103 -14.34 50.55 32.56
N CYS D 104 -13.94 51.74 32.15
CA CYS D 104 -12.78 52.40 32.77
C CYS D 104 -13.10 52.70 34.23
N ALA D 105 -14.38 52.75 34.55
CA ALA D 105 -14.82 53.03 35.92
C ALA D 105 -14.38 51.91 36.87
N GLY D 106 -13.97 50.78 36.31
CA GLY D 106 -13.53 49.68 37.15
C GLY D 106 -12.03 49.56 37.32
N LEU D 107 -11.29 50.40 36.59
CA LEU D 107 -9.82 50.37 36.66
C LEU D 107 -9.22 50.66 38.03
N LYS D 108 -9.69 51.72 38.67
CA LYS D 108 -9.16 52.10 39.98
C LYS D 108 -9.27 51.01 41.04
N ALA D 109 -10.47 50.47 41.21
CA ALA D 109 -10.70 49.42 42.20
C ALA D 109 -9.95 48.15 41.84
N THR D 110 -9.89 47.84 40.54
CA THR D 110 -9.20 46.64 40.09
C THR D 110 -7.71 46.72 40.40
N LEU D 111 -7.10 47.85 40.07
CA LEU D 111 -5.67 48.02 40.33
C LEU D 111 -5.43 47.93 41.84
N ALA D 112 -6.31 48.55 42.60
CA ALA D 112 -6.21 48.54 44.05
C ALA D 112 -6.19 47.11 44.57
N ALA D 113 -7.16 46.30 44.14
CA ALA D 113 -7.24 44.91 44.55
C ALA D 113 -5.94 44.19 44.19
N ILE D 114 -5.50 44.38 42.95
CA ILE D 114 -4.26 43.76 42.49
C ILE D 114 -3.08 44.14 43.39
N ARG D 115 -3.05 45.39 43.83
CA ARG D 115 -1.97 45.87 44.69
C ARG D 115 -1.93 45.24 46.07
N LYS D 116 -3.01 44.58 46.47
CA LYS D 116 -3.05 43.93 47.78
C LYS D 116 -2.30 42.61 47.72
N GLY D 117 -1.89 42.23 46.52
CA GLY D 117 -1.10 41.02 46.34
C GLY D 117 -1.69 39.65 46.55
N LYS D 118 -3.00 39.54 46.75
CA LYS D 118 -3.60 38.22 46.94
C LYS D 118 -4.10 37.65 45.61
N THR D 119 -5.31 37.09 45.60
CA THR D 119 -5.84 36.52 44.37
C THR D 119 -6.92 37.39 43.75
N VAL D 120 -6.78 37.66 42.46
CA VAL D 120 -7.75 38.48 41.75
C VAL D 120 -8.23 37.78 40.49
N ALA D 121 -9.54 37.55 40.41
CA ALA D 121 -10.12 36.94 39.23
C ALA D 121 -10.54 38.15 38.39
N LEU D 122 -9.88 38.34 37.25
CA LEU D 122 -10.15 39.49 36.40
C LEU D 122 -11.18 39.26 35.31
N ALA D 123 -12.23 40.08 35.33
CA ALA D 123 -13.29 40.03 34.33
C ALA D 123 -13.32 41.35 33.59
N ASN D 124 -12.98 42.44 34.28
CA ASN D 124 -12.94 43.77 33.65
C ASN D 124 -11.99 43.76 32.47
N LYS D 125 -12.46 44.19 31.31
CA LYS D 125 -11.65 44.18 30.10
C LYS D 125 -10.73 45.37 29.91
N GLU D 126 -11.18 46.56 30.30
CA GLU D 126 -10.35 47.75 30.15
C GLU D 126 -9.00 47.57 30.84
N SER D 127 -9.00 46.82 31.94
CA SER D 127 -7.79 46.58 32.71
C SER D 127 -6.63 46.11 31.85
N LEU D 128 -6.89 45.20 30.91
CA LEU D 128 -5.82 44.69 30.05
C LEU D 128 -5.82 45.24 28.63
N VAL D 129 -6.94 45.80 28.21
CA VAL D 129 -7.04 46.35 26.87
C VAL D 129 -6.48 47.76 26.86
N SER D 130 -6.84 48.55 27.86
CA SER D 130 -6.40 49.93 27.96
C SER D 130 -5.22 50.13 28.90
N ALA D 131 -5.17 49.36 29.99
CA ALA D 131 -4.09 49.50 30.96
C ALA D 131 -3.30 48.22 31.17
N GLY D 132 -3.23 47.39 30.14
CA GLY D 132 -2.52 46.12 30.22
C GLY D 132 -1.15 46.20 30.85
N GLY D 133 -0.27 47.01 30.28
CA GLY D 133 1.07 47.14 30.81
C GLY D 133 1.13 47.46 32.29
N LEU D 134 0.35 48.46 32.71
CA LEU D 134 0.31 48.90 34.10
C LEU D 134 -0.22 47.84 35.07
N MET D 135 -1.27 47.13 34.67
CA MET D 135 -1.84 46.09 35.51
C MET D 135 -0.89 44.92 35.72
N ILE D 136 -0.27 44.46 34.63
CA ILE D 136 0.67 43.36 34.71
C ILE D 136 1.88 43.75 35.56
N ASP D 137 2.28 45.01 35.47
CA ASP D 137 3.40 45.49 36.27
C ASP D 137 2.98 45.46 37.74
N ALA D 138 1.74 45.85 38.00
CA ALA D 138 1.23 45.85 39.38
C ALA D 138 1.27 44.43 39.94
N VAL D 139 0.84 43.47 39.12
CA VAL D 139 0.83 42.07 39.51
C VAL D 139 2.24 41.60 39.86
N ARG D 140 3.22 41.96 39.03
CA ARG D 140 4.60 41.57 39.29
C ARG D 140 5.14 42.22 40.56
N GLU D 141 4.76 43.46 40.81
CA GLU D 141 5.24 44.15 41.99
C GLU D 141 4.71 43.60 43.30
N HIS D 142 3.47 43.11 43.30
CA HIS D 142 2.90 42.61 44.54
C HIS D 142 2.70 41.10 44.63
N GLY D 143 3.25 40.37 43.66
CA GLY D 143 3.13 38.92 43.67
C GLY D 143 1.68 38.45 43.66
N THR D 144 0.85 39.21 42.94
CA THR D 144 -0.57 38.90 42.82
C THR D 144 -0.84 37.68 41.95
N THR D 145 -1.86 36.92 42.32
CA THR D 145 -2.27 35.76 41.54
C THR D 145 -3.41 36.26 40.67
N LEU D 146 -3.12 36.47 39.38
CA LEU D 146 -4.15 36.97 38.47
C LEU D 146 -4.78 35.84 37.68
N LEU D 147 -6.07 35.65 37.84
CA LEU D 147 -6.78 34.59 37.15
C LEU D 147 -7.82 35.17 36.19
N PRO D 148 -7.67 34.90 34.88
CA PRO D 148 -8.61 35.41 33.89
C PRO D 148 -9.95 34.69 33.95
N VAL D 149 -11.04 35.46 33.91
CA VAL D 149 -12.40 34.93 34.00
C VAL D 149 -13.11 34.62 32.68
N ASP D 150 -12.91 35.47 31.66
CA ASP D 150 -13.57 35.24 30.39
C ASP D 150 -13.23 33.88 29.76
N SER D 151 -14.22 33.29 29.10
CA SER D 151 -14.09 31.97 28.49
C SER D 151 -12.79 31.62 27.77
N GLU D 152 -12.42 32.41 26.77
CA GLU D 152 -11.21 32.12 26.02
C GLU D 152 -9.96 32.20 26.90
N HIS D 153 -9.81 33.31 27.62
CA HIS D 153 -8.65 33.49 28.47
C HIS D 153 -8.55 32.44 29.56
N ASN D 154 -9.68 32.07 30.15
CA ASN D 154 -9.67 31.06 31.20
C ASN D 154 -9.32 29.69 30.61
N ALA D 155 -9.76 29.46 29.38
CA ALA D 155 -9.45 28.20 28.70
C ALA D 155 -7.95 28.13 28.49
N ILE D 156 -7.39 29.20 27.94
CA ILE D 156 -5.97 29.27 27.68
C ILE D 156 -5.20 29.04 28.97
N PHE D 157 -5.61 29.72 30.04
CA PHE D 157 -4.96 29.58 31.33
C PHE D 157 -4.93 28.13 31.81
N GLN D 158 -6.05 27.43 31.66
CA GLN D 158 -6.12 26.03 32.09
C GLN D 158 -5.22 25.09 31.29
N CYS D 159 -4.79 25.55 30.11
CA CYS D 159 -3.93 24.76 29.23
C CYS D 159 -2.52 25.34 29.09
N PHE D 160 -2.25 26.42 29.82
CA PHE D 160 -0.97 27.12 29.75
C PHE D 160 0.12 26.64 30.71
N PRO D 161 1.38 26.58 30.25
CA PRO D 161 2.48 26.14 31.10
C PRO D 161 2.97 27.33 31.93
N HIS D 162 2.31 27.55 33.06
CA HIS D 162 2.67 28.66 33.93
C HIS D 162 4.11 28.49 34.41
N HIS D 163 4.88 29.58 34.35
CA HIS D 163 6.28 29.56 34.78
C HIS D 163 7.25 28.95 33.75
N ASN D 164 6.71 28.58 32.60
CA ASN D 164 7.49 28.01 31.50
C ASN D 164 6.85 28.43 30.19
N ARG D 165 6.62 29.73 30.03
CA ARG D 165 5.98 30.25 28.83
C ARG D 165 6.71 29.92 27.52
N ASP D 166 7.99 29.59 27.60
CA ASP D 166 8.74 29.27 26.39
C ASP D 166 8.39 27.89 25.81
N TYR D 167 7.58 27.12 26.54
CA TYR D 167 7.17 25.82 26.05
C TYR D 167 6.04 25.97 25.03
N VAL D 168 5.48 27.16 24.93
CA VAL D 168 4.38 27.41 24.01
C VAL D 168 4.81 27.67 22.57
N ARG D 169 4.18 26.96 21.63
CA ARG D 169 4.47 27.14 20.22
C ARG D 169 3.43 28.13 19.68
N ARG D 170 2.18 27.92 20.05
CA ARG D 170 1.12 28.81 19.62
C ARG D 170 -0.08 28.74 20.54
N ILE D 171 -0.81 29.84 20.63
CA ILE D 171 -2.03 29.92 21.41
C ILE D 171 -3.13 30.15 20.39
N ILE D 172 -4.15 29.30 20.42
CA ILE D 172 -5.26 29.40 19.49
C ILE D 172 -6.49 29.93 20.20
N ILE D 173 -6.90 31.13 19.84
CA ILE D 173 -8.08 31.74 20.41
C ILE D 173 -9.22 31.38 19.48
N THR D 174 -10.14 30.55 19.95
CA THR D 174 -11.27 30.15 19.13
C THR D 174 -12.28 31.29 19.08
N ALA D 175 -13.02 31.36 17.97
CA ALA D 175 -14.01 32.41 17.78
C ALA D 175 -15.24 31.87 17.04
N SER D 176 -16.43 32.21 17.52
CA SER D 176 -17.66 31.75 16.89
C SER D 176 -17.78 32.34 15.48
N GLY D 177 -17.22 33.52 15.30
CA GLY D 177 -17.29 34.17 14.00
C GLY D 177 -18.40 35.20 14.01
N GLY D 178 -19.19 35.19 15.08
CA GLY D 178 -20.28 36.16 15.19
C GLY D 178 -21.49 35.82 14.32
N PRO D 179 -22.53 36.66 14.37
CA PRO D 179 -23.75 36.45 13.59
C PRO D 179 -23.56 36.57 12.08
N PHE D 180 -22.52 37.28 11.67
CA PHE D 180 -22.28 37.46 10.25
C PHE D 180 -21.07 36.71 9.73
N ARG D 181 -20.81 35.54 10.31
CA ARG D 181 -19.69 34.71 9.89
C ARG D 181 -19.76 34.34 8.42
N THR D 182 -20.97 34.10 7.93
CA THR D 182 -21.17 33.72 6.53
C THR D 182 -21.84 34.80 5.69
N THR D 183 -21.80 36.04 6.19
CA THR D 183 -22.41 37.16 5.49
C THR D 183 -21.39 37.89 4.62
N SER D 184 -21.80 38.23 3.40
CA SER D 184 -20.93 38.94 2.46
C SER D 184 -20.76 40.40 2.88
N LEU D 185 -19.68 41.02 2.44
CA LEU D 185 -19.43 42.43 2.75
C LEU D 185 -20.59 43.26 2.23
N ALA D 186 -21.10 42.88 1.07
CA ALA D 186 -22.22 43.59 0.45
C ALA D 186 -23.45 43.58 1.35
N GLU D 187 -23.74 42.44 1.98
CA GLU D 187 -24.91 42.36 2.84
C GLU D 187 -24.66 43.08 4.15
N MET D 188 -23.43 43.00 4.64
CA MET D 188 -23.07 43.65 5.90
C MET D 188 -23.24 45.16 5.83
N ALA D 189 -22.97 45.74 4.67
CA ALA D 189 -23.11 47.17 4.48
C ALA D 189 -24.52 47.64 4.80
N THR D 190 -25.51 46.77 4.59
CA THR D 190 -26.91 47.12 4.83
C THR D 190 -27.43 46.72 6.21
N VAL D 191 -26.61 46.06 7.01
CA VAL D 191 -27.05 45.63 8.33
C VAL D 191 -27.53 46.79 9.20
N THR D 192 -28.71 46.63 9.79
CA THR D 192 -29.28 47.68 10.63
C THR D 192 -29.03 47.39 12.11
N PRO D 193 -29.07 48.42 12.96
CA PRO D 193 -28.83 48.25 14.39
C PRO D 193 -29.83 47.27 14.99
N GLU D 194 -31.05 47.27 14.47
CA GLU D 194 -32.10 46.39 14.96
C GLU D 194 -31.78 44.92 14.74
N ARG D 195 -31.19 44.59 13.59
CA ARG D 195 -30.84 43.20 13.31
C ARG D 195 -29.56 42.82 14.04
N ALA D 196 -28.58 43.71 14.02
CA ALA D 196 -27.28 43.47 14.65
C ALA D 196 -27.33 43.14 16.14
N VAL D 197 -28.25 43.75 16.88
CA VAL D 197 -28.33 43.51 18.32
C VAL D 197 -29.10 42.24 18.68
N GLN D 198 -29.71 41.61 17.69
CA GLN D 198 -30.48 40.40 17.93
C GLN D 198 -29.63 39.25 18.46
N HIS D 199 -30.08 38.65 19.54
CA HIS D 199 -29.40 37.52 20.16
C HIS D 199 -30.47 36.59 20.74
N PRO D 200 -30.12 35.31 20.95
CA PRO D 200 -31.07 34.34 21.50
C PRO D 200 -31.78 34.82 22.76
N MET D 204 -28.58 40.52 26.95
CA MET D 204 -27.20 40.94 26.67
C MET D 204 -27.17 42.38 26.18
N GLY D 205 -25.99 43.01 26.27
CA GLY D 205 -25.84 44.39 25.85
C GLY D 205 -25.68 44.60 24.36
N ALA D 206 -26.22 45.71 23.87
CA ALA D 206 -26.15 46.07 22.46
C ALA D 206 -24.69 46.17 22.02
N LYS D 207 -23.88 46.86 22.81
CA LYS D 207 -22.47 47.03 22.52
C LYS D 207 -21.79 45.67 22.35
N ILE D 208 -22.04 44.77 23.31
CA ILE D 208 -21.45 43.45 23.26
C ILE D 208 -21.89 42.71 21.99
N SER D 209 -23.12 42.98 21.56
CA SER D 209 -23.63 42.34 20.36
C SER D 209 -22.96 42.87 19.10
N ILE D 210 -22.73 44.18 19.06
CA ILE D 210 -22.09 44.79 17.90
C ILE D 210 -20.64 44.34 17.80
N ASP D 211 -19.95 44.29 18.94
CA ASP D 211 -18.55 43.87 18.98
C ASP D 211 -18.43 42.43 18.50
N SER D 212 -19.47 41.64 18.72
CA SER D 212 -19.48 40.26 18.29
C SER D 212 -19.67 40.21 16.77
N ALA D 213 -20.50 41.11 16.25
CA ALA D 213 -20.77 41.17 14.83
C ALA D 213 -19.57 41.65 14.01
N THR D 214 -18.84 42.63 14.53
CA THR D 214 -17.67 43.15 13.83
C THR D 214 -16.41 42.36 14.16
N MET D 215 -16.52 41.51 15.18
CA MET D 215 -15.41 40.70 15.68
C MET D 215 -14.41 41.55 16.45
N MET D 216 -14.81 42.77 16.79
CA MET D 216 -13.95 43.65 17.57
C MET D 216 -13.76 42.97 18.92
N ASN D 217 -14.77 42.19 19.32
CA ASN D 217 -14.69 41.49 20.60
C ASN D 217 -13.48 40.55 20.59
N LYS D 218 -13.24 39.89 19.46
CA LYS D 218 -12.11 38.98 19.34
C LYS D 218 -10.79 39.71 19.34
N GLY D 219 -10.79 40.92 18.77
CA GLY D 219 -9.58 41.70 18.73
C GLY D 219 -9.18 42.11 20.13
N LEU D 220 -10.17 42.48 20.93
CA LEU D 220 -9.90 42.90 22.31
C LEU D 220 -9.39 41.72 23.12
N GLU D 221 -9.93 40.54 22.84
CA GLU D 221 -9.51 39.33 23.53
C GLU D 221 -8.07 38.99 23.20
N LEU D 222 -7.67 39.27 21.96
CA LEU D 222 -6.31 39.01 21.54
C LEU D 222 -5.38 39.92 22.32
N ILE D 223 -5.74 41.19 22.42
CA ILE D 223 -4.94 42.16 23.15
C ILE D 223 -4.79 41.75 24.60
N GLU D 224 -5.91 41.38 25.23
CA GLU D 224 -5.90 40.95 26.62
C GLU D 224 -5.02 39.72 26.81
N ALA D 225 -5.17 38.75 25.90
CA ALA D 225 -4.40 37.51 25.96
C ALA D 225 -2.91 37.80 25.85
N PHE D 226 -2.57 38.78 25.03
CA PHE D 226 -1.18 39.17 24.85
C PHE D 226 -0.54 39.57 26.17
N HIS D 227 -1.26 40.36 26.97
CA HIS D 227 -0.75 40.81 28.27
C HIS D 227 -0.78 39.72 29.32
N LEU D 228 -1.85 38.93 29.32
CA LEU D 228 -2.00 37.85 30.31
C LEU D 228 -0.95 36.76 30.22
N PHE D 229 -0.62 36.33 29.01
CA PHE D 229 0.29 35.22 28.84
C PHE D 229 1.74 35.56 28.48
N GLN D 230 1.96 36.81 28.09
CA GLN D 230 3.31 37.29 27.79
C GLN D 230 4.12 36.49 26.79
N ILE D 231 3.52 36.16 25.65
CA ILE D 231 4.27 35.45 24.61
C ILE D 231 4.19 36.27 23.33
N PRO D 232 5.17 36.10 22.43
CA PRO D 232 5.22 36.84 21.16
C PRO D 232 3.87 36.88 20.42
N LEU D 233 3.49 38.05 19.93
CA LEU D 233 2.23 38.21 19.21
C LEU D 233 2.09 37.22 18.04
N GLU D 234 3.19 36.97 17.34
CA GLU D 234 3.17 36.06 16.21
C GLU D 234 2.77 34.64 16.60
N LYS D 235 2.79 34.34 17.88
CA LYS D 235 2.42 33.00 18.35
C LYS D 235 0.91 32.84 18.53
N PHE D 236 0.16 33.92 18.36
CA PHE D 236 -1.29 33.83 18.49
C PHE D 236 -1.99 33.56 17.17
N GLU D 237 -3.05 32.78 17.25
CA GLU D 237 -3.85 32.43 16.09
C GLU D 237 -5.33 32.53 16.48
N ILE D 238 -6.14 33.04 15.57
CA ILE D 238 -7.58 33.11 15.81
C ILE D 238 -8.17 32.04 14.90
N LEU D 239 -8.94 31.13 15.48
CA LEU D 239 -9.54 30.05 14.72
C LEU D 239 -11.05 30.11 14.84
N VAL D 240 -11.74 30.23 13.71
CA VAL D 240 -13.19 30.29 13.71
C VAL D 240 -13.74 28.89 13.94
N HIS D 241 -14.55 28.79 14.99
CA HIS D 241 -15.16 27.55 15.43
C HIS D 241 -16.58 27.90 15.85
N PRO D 242 -17.55 27.77 14.93
CA PRO D 242 -18.97 28.08 15.16
C PRO D 242 -19.61 27.57 16.45
N GLN D 243 -19.47 26.27 16.74
CA GLN D 243 -20.08 25.69 17.93
C GLN D 243 -19.59 26.30 19.24
N SER D 244 -18.39 26.88 19.21
CA SER D 244 -17.83 27.49 20.41
C SER D 244 -17.78 26.54 21.59
N VAL D 245 -17.50 25.26 21.35
CA VAL D 245 -17.41 24.32 22.46
C VAL D 245 -15.95 24.25 22.91
N ILE D 246 -15.02 24.28 21.96
CA ILE D 246 -13.62 24.33 22.32
C ILE D 246 -13.46 25.84 22.56
N HIS D 247 -13.09 26.19 23.80
CA HIS D 247 -12.98 27.61 24.19
C HIS D 247 -11.66 28.29 23.90
N SER D 248 -10.66 27.50 23.53
CA SER D 248 -9.32 27.96 23.17
C SER D 248 -8.32 26.84 23.42
N MET D 249 -7.13 26.97 22.85
CA MET D 249 -6.12 25.92 22.96
C MET D 249 -4.69 26.44 23.02
N VAL D 250 -3.80 25.57 23.49
CA VAL D 250 -2.39 25.89 23.59
C VAL D 250 -1.55 24.73 23.06
N GLU D 251 -0.72 24.99 22.06
CA GLU D 251 0.13 23.93 21.53
C GLU D 251 1.51 24.04 22.15
N TYR D 252 2.08 22.90 22.53
CA TYR D 252 3.40 22.86 23.14
C TYR D 252 4.46 22.50 22.10
N LEU D 253 5.72 22.67 22.47
CA LEU D 253 6.86 22.39 21.60
C LEU D 253 6.92 20.96 21.08
N ASP D 254 6.32 20.02 21.79
CA ASP D 254 6.34 18.63 21.37
C ASP D 254 5.21 18.28 20.41
N GLY D 255 4.42 19.29 20.07
CA GLY D 255 3.32 19.09 19.15
C GLY D 255 1.99 18.87 19.87
N SER D 256 2.05 18.73 21.19
CA SER D 256 0.84 18.51 21.95
C SER D 256 -0.03 19.76 22.08
N ILE D 257 -1.33 19.61 21.80
CA ILE D 257 -2.26 20.72 21.89
C ILE D 257 -3.21 20.46 23.05
N LEU D 258 -3.23 21.34 24.04
CA LEU D 258 -4.13 21.18 25.17
C LEU D 258 -5.30 22.14 24.94
N ALA D 259 -6.52 21.64 25.04
CA ALA D 259 -7.69 22.46 24.84
C ALA D 259 -8.68 22.33 25.98
N GLN D 260 -9.40 23.41 26.25
CA GLN D 260 -10.42 23.40 27.30
C GLN D 260 -11.74 23.41 26.53
N ILE D 261 -12.60 22.45 26.86
CA ILE D 261 -13.88 22.31 26.18
C ILE D 261 -15.00 22.23 27.21
N GLY D 262 -16.21 22.58 26.78
CA GLY D 262 -17.33 22.49 27.70
C GLY D 262 -18.57 23.25 27.30
N SER D 263 -19.56 23.20 28.17
CA SER D 263 -20.82 23.91 27.96
C SER D 263 -20.49 25.39 28.10
N PRO D 264 -21.40 26.28 27.69
CA PRO D 264 -21.18 27.72 27.78
C PRO D 264 -21.32 28.37 29.15
N ASP D 265 -21.81 27.60 30.13
CA ASP D 265 -22.01 28.12 31.48
C ASP D 265 -20.77 28.85 32.02
N MET D 266 -20.93 30.11 32.40
CA MET D 266 -19.81 30.88 32.92
C MET D 266 -19.36 30.45 34.32
N ARG D 267 -20.15 29.59 34.96
CA ARG D 267 -19.76 29.14 36.30
C ARG D 267 -18.58 28.18 36.21
N THR D 268 -18.31 27.67 35.01
CA THR D 268 -17.18 26.78 34.85
C THR D 268 -15.89 27.61 34.99
N PRO D 269 -15.70 28.63 34.13
CA PRO D 269 -14.48 29.43 34.28
C PRO D 269 -14.42 30.17 35.62
N ILE D 270 -15.56 30.69 36.07
CA ILE D 270 -15.59 31.39 37.35
C ILE D 270 -15.23 30.40 38.45
N GLY D 271 -15.80 29.20 38.38
CA GLY D 271 -15.52 28.19 39.38
C GLY D 271 -14.05 27.82 39.39
N HIS D 272 -13.43 27.85 38.21
CA HIS D 272 -12.01 27.53 38.13
C HIS D 272 -11.19 28.57 38.88
N THR D 273 -11.52 29.85 38.68
CA THR D 273 -10.77 30.90 39.36
C THR D 273 -11.06 30.95 40.86
N LEU D 274 -12.28 30.61 41.24
CA LEU D 274 -12.66 30.65 42.65
C LEU D 274 -11.95 29.59 43.49
N ALA D 275 -11.84 28.38 42.97
CA ALA D 275 -11.21 27.29 43.71
C ALA D 275 -9.71 27.15 43.51
N TRP D 276 -9.18 27.76 42.46
CA TRP D 276 -7.75 27.69 42.15
C TRP D 276 -6.90 27.85 43.42
N PRO D 277 -5.84 27.02 43.59
CA PRO D 277 -5.37 25.94 42.72
C PRO D 277 -6.18 24.66 42.78
N LYS D 278 -7.22 24.65 43.62
CA LYS D 278 -8.06 23.47 43.73
C LYS D 278 -9.14 23.52 42.67
N ARG D 279 -10.06 22.57 42.72
CA ARG D 279 -11.18 22.51 41.80
C ARG D 279 -12.43 22.37 42.67
N MET D 280 -13.55 22.89 42.19
CA MET D 280 -14.80 22.81 42.94
C MET D 280 -15.94 22.37 42.03
N GLU D 281 -16.98 21.80 42.63
CA GLU D 281 -18.14 21.39 41.85
C GLU D 281 -18.96 22.61 41.49
N THR D 282 -19.53 22.61 40.28
CA THR D 282 -20.39 23.70 39.85
C THR D 282 -21.57 23.02 39.17
N PRO D 283 -22.71 23.70 39.07
CA PRO D 283 -23.84 23.04 38.42
C PRO D 283 -23.77 23.07 36.89
N ALA D 284 -22.63 23.52 36.37
CA ALA D 284 -22.45 23.59 34.93
C ALA D 284 -22.71 22.23 34.28
N GLU D 285 -23.41 22.25 33.17
CA GLU D 285 -23.74 21.02 32.44
C GLU D 285 -22.51 20.37 31.79
N SER D 286 -22.45 19.04 31.82
CA SER D 286 -21.34 18.32 31.21
C SER D 286 -21.64 18.24 29.72
N LEU D 287 -20.71 18.68 28.89
CA LEU D 287 -20.91 18.65 27.45
C LEU D 287 -21.15 17.24 26.93
N ASP D 288 -22.25 17.06 26.21
CA ASP D 288 -22.60 15.76 25.64
C ASP D 288 -22.11 15.77 24.20
N PHE D 289 -21.01 15.08 23.93
CA PHE D 289 -20.46 15.04 22.58
C PHE D 289 -21.32 14.27 21.59
N THR D 290 -22.09 13.30 22.07
CA THR D 290 -22.95 12.50 21.19
C THR D 290 -24.13 13.31 20.69
N LYS D 291 -24.51 14.34 21.44
CA LYS D 291 -25.62 15.22 21.06
C LYS D 291 -25.05 16.25 20.11
N LEU D 292 -23.91 16.81 20.49
CA LEU D 292 -23.21 17.81 19.70
C LEU D 292 -22.96 17.23 18.32
N ARG D 293 -22.42 16.01 18.31
CA ARG D 293 -22.11 15.26 17.10
C ARG D 293 -21.05 15.84 16.17
N GLN D 294 -21.01 17.16 16.00
CA GLN D 294 -20.05 17.74 15.08
C GLN D 294 -19.48 19.11 15.47
N MET D 295 -18.19 19.30 15.20
CA MET D 295 -17.49 20.56 15.45
C MET D 295 -16.87 21.01 14.13
N ASP D 296 -16.99 22.30 13.82
CA ASP D 296 -16.43 22.84 12.59
C ASP D 296 -15.33 23.87 12.87
N PHE D 297 -14.40 23.99 11.94
CA PHE D 297 -13.30 24.96 12.08
C PHE D 297 -12.98 25.57 10.72
N GLU D 298 -12.63 26.84 10.73
CA GLU D 298 -12.27 27.54 9.49
C GLU D 298 -11.40 28.74 9.82
N ALA D 299 -10.65 29.21 8.82
CA ALA D 299 -9.78 30.34 9.03
C ALA D 299 -10.57 31.63 9.15
N PRO D 300 -10.10 32.55 9.99
CA PRO D 300 -10.83 33.82 10.14
C PRO D 300 -10.65 34.61 8.86
N ASP D 301 -11.59 35.50 8.56
CA ASP D 301 -11.48 36.31 7.36
C ASP D 301 -11.07 37.72 7.76
N TYR D 302 -9.76 37.98 7.71
CA TYR D 302 -9.23 39.28 8.08
C TYR D 302 -9.69 40.41 7.16
N GLU D 303 -10.03 40.06 5.91
CA GLU D 303 -10.48 41.05 4.94
C GLU D 303 -11.91 41.49 5.22
N ARG D 304 -12.77 40.53 5.55
CA ARG D 304 -14.16 40.82 5.85
C ARG D 304 -14.33 41.35 7.28
N PHE D 305 -13.33 41.14 8.12
CA PHE D 305 -13.41 41.63 9.50
C PHE D 305 -12.13 42.37 9.88
N PRO D 306 -11.95 43.59 9.34
CA PRO D 306 -10.78 44.41 9.61
C PRO D 306 -10.50 44.71 11.08
N ALA D 307 -11.51 44.57 11.94
CA ALA D 307 -11.32 44.81 13.37
C ALA D 307 -10.17 43.94 13.87
N LEU D 308 -10.12 42.70 13.39
CA LEU D 308 -9.06 41.78 13.80
C LEU D 308 -7.69 42.37 13.48
N THR D 309 -7.55 42.91 12.28
CA THR D 309 -6.28 43.50 11.85
C THR D 309 -5.95 44.74 12.68
N LEU D 310 -6.95 45.57 12.95
CA LEU D 310 -6.74 46.78 13.74
C LEU D 310 -6.19 46.42 15.11
N ALA D 311 -6.73 45.36 15.70
CA ALA D 311 -6.28 44.91 17.02
C ALA D 311 -4.82 44.47 16.95
N MET D 312 -4.48 43.71 15.92
CA MET D 312 -3.10 43.23 15.74
C MET D 312 -2.12 44.39 15.62
N GLU D 313 -2.44 45.35 14.74
CA GLU D 313 -1.58 46.50 14.53
C GLU D 313 -1.43 47.30 15.82
N SER D 314 -2.52 47.42 16.57
CA SER D 314 -2.50 48.16 17.82
C SER D 314 -1.54 47.49 18.81
N ILE D 315 -1.56 46.16 18.87
CA ILE D 315 -0.67 45.44 19.76
C ILE D 315 0.78 45.56 19.31
N LYS D 316 1.03 45.27 18.03
CA LYS D 316 2.39 45.36 17.50
C LYS D 316 2.99 46.71 17.85
N SER D 317 2.23 47.76 17.60
CA SER D 317 2.69 49.11 17.90
C SER D 317 2.82 49.25 19.42
N GLY D 318 1.81 48.77 20.15
CA GLY D 318 1.84 48.85 21.60
C GLY D 318 1.54 50.24 22.12
N GLY D 319 2.03 50.53 23.32
CA GLY D 319 1.79 51.83 23.90
C GLY D 319 0.33 52.08 24.19
N ALA D 320 -0.16 53.25 23.80
CA ALA D 320 -1.55 53.61 24.04
C ALA D 320 -2.47 53.23 22.90
N ARG D 321 -1.95 52.55 21.89
CA ARG D 321 -2.75 52.16 20.74
C ARG D 321 -4.00 51.36 21.11
N PRO D 322 -3.84 50.27 21.89
CA PRO D 322 -5.01 49.48 22.27
C PRO D 322 -6.08 50.32 22.95
N ALA D 323 -5.66 51.21 23.84
CA ALA D 323 -6.59 52.09 24.55
C ALA D 323 -7.36 52.99 23.58
N VAL D 324 -6.64 53.53 22.59
CA VAL D 324 -7.28 54.41 21.60
C VAL D 324 -8.27 53.60 20.77
N MET D 325 -7.87 52.39 20.38
CA MET D 325 -8.75 51.54 19.58
C MET D 325 -10.04 51.24 20.32
N ASN D 326 -9.92 50.90 21.60
CA ASN D 326 -11.07 50.57 22.42
C ASN D 326 -12.01 51.77 22.55
N ALA D 327 -11.46 52.91 22.93
CA ALA D 327 -12.25 54.12 23.09
C ALA D 327 -12.94 54.50 21.79
N ALA D 328 -12.21 54.43 20.67
CA ALA D 328 -12.78 54.76 19.37
C ALA D 328 -13.93 53.81 19.04
N ASN D 329 -13.77 52.54 19.39
CA ASN D 329 -14.82 51.56 19.11
C ASN D 329 -16.08 51.90 19.92
N GLU D 330 -15.91 52.38 21.14
CA GLU D 330 -17.05 52.75 21.98
C GLU D 330 -17.89 53.82 21.27
N ILE D 331 -17.22 54.82 20.71
CA ILE D 331 -17.89 55.91 20.02
C ILE D 331 -18.54 55.45 18.72
N ALA D 332 -17.78 54.72 17.91
CA ALA D 332 -18.28 54.23 16.63
C ALA D 332 -19.49 53.30 16.80
N VAL D 333 -19.44 52.42 17.79
CA VAL D 333 -20.56 51.50 18.01
C VAL D 333 -21.82 52.26 18.40
N ALA D 334 -21.68 53.22 19.31
CA ALA D 334 -22.81 54.03 19.76
C ALA D 334 -23.38 54.80 18.57
N ALA D 335 -22.50 55.26 17.68
CA ALA D 335 -22.93 56.02 16.51
C ALA D 335 -23.75 55.10 15.59
N PHE D 336 -23.30 53.85 15.46
CA PHE D 336 -24.01 52.90 14.62
C PHE D 336 -25.40 52.65 15.21
N LEU D 337 -25.42 52.34 16.50
CA LEU D 337 -26.68 52.08 17.20
C LEU D 337 -27.62 53.26 17.14
N ASP D 338 -27.05 54.47 17.14
CA ASP D 338 -27.83 55.71 17.09
C ASP D 338 -28.17 56.04 15.64
N LYS D 339 -27.79 55.13 14.74
CA LYS D 339 -28.04 55.26 13.31
C LYS D 339 -27.37 56.45 12.62
N LYS D 340 -26.17 56.79 13.07
CA LYS D 340 -25.42 57.90 12.49
C LYS D 340 -24.46 57.41 11.41
N ILE D 341 -24.05 56.16 11.52
CA ILE D 341 -23.13 55.57 10.55
C ILE D 341 -23.57 54.16 10.18
N GLY D 342 -22.94 53.59 9.16
CA GLY D 342 -23.28 52.25 8.73
C GLY D 342 -22.50 51.21 9.52
N PHE D 343 -22.91 49.95 9.41
CA PHE D 343 -22.25 48.86 10.13
C PHE D 343 -20.77 48.75 9.80
N LEU D 344 -20.43 48.86 8.52
CA LEU D 344 -19.04 48.76 8.08
C LEU D 344 -18.21 49.98 8.44
N ASP D 345 -18.87 51.10 8.74
CA ASP D 345 -18.16 52.32 9.10
C ASP D 345 -17.53 52.25 10.49
N ILE D 346 -18.07 51.39 11.36
CA ILE D 346 -17.54 51.24 12.71
C ILE D 346 -16.03 51.03 12.69
N ALA D 347 -15.58 50.05 11.92
CA ALA D 347 -14.16 49.75 11.82
C ALA D 347 -13.38 50.88 11.15
N LYS D 348 -14.03 51.55 10.21
CA LYS D 348 -13.39 52.66 9.50
C LYS D 348 -13.06 53.81 10.43
N ILE D 349 -13.98 54.11 11.34
CA ILE D 349 -13.76 55.19 12.29
C ILE D 349 -12.64 54.83 13.26
N VAL D 350 -12.63 53.58 13.71
CA VAL D 350 -11.59 53.14 14.63
C VAL D 350 -10.23 53.25 13.95
N GLU D 351 -10.16 52.80 12.70
CA GLU D 351 -8.90 52.89 11.96
C GLU D 351 -8.49 54.35 11.82
N LYS D 352 -9.41 55.19 11.36
CA LYS D 352 -9.12 56.60 11.20
C LYS D 352 -8.62 57.22 12.51
N THR D 353 -9.28 56.91 13.62
CA THR D 353 -8.88 57.44 14.92
C THR D 353 -7.46 56.99 15.27
N LEU D 354 -7.19 55.70 15.08
CA LEU D 354 -5.87 55.15 15.37
C LEU D 354 -4.77 55.81 14.55
N ASP D 355 -5.12 56.31 13.37
CA ASP D 355 -4.14 56.98 12.52
C ASP D 355 -3.93 58.44 12.88
N HIS D 356 -4.96 59.09 13.41
CA HIS D 356 -4.88 60.51 13.76
C HIS D 356 -4.47 60.82 15.19
N TYR D 357 -4.72 59.90 16.12
CA TYR D 357 -4.36 60.12 17.53
C TYR D 357 -3.46 59.00 18.02
N THR D 358 -2.23 59.36 18.36
CA THR D 358 -1.24 58.41 18.85
C THR D 358 -0.46 59.01 20.01
N PRO D 359 -1.08 59.01 21.21
CA PRO D 359 -0.46 59.55 22.43
C PRO D 359 0.64 58.65 22.99
N ALA D 360 1.37 59.17 23.98
CA ALA D 360 2.45 58.42 24.62
C ALA D 360 1.92 57.26 25.46
N THR D 361 2.75 56.26 25.68
CA THR D 361 2.38 55.10 26.48
C THR D 361 1.93 55.58 27.86
N PRO D 362 0.82 55.02 28.38
CA PRO D 362 0.32 55.42 29.70
C PRO D 362 1.34 55.12 30.81
N SER D 363 1.51 56.05 31.74
CA SER D 363 2.43 55.85 32.84
C SER D 363 1.64 55.61 34.14
N SER D 364 0.34 55.89 34.08
CA SER D 364 -0.55 55.71 35.22
C SER D 364 -1.98 55.61 34.74
N LEU D 365 -2.90 55.26 35.64
CA LEU D 365 -4.31 55.16 35.25
C LEU D 365 -4.79 56.55 34.83
N GLU D 366 -4.28 57.58 35.50
CA GLU D 366 -4.66 58.95 35.17
C GLU D 366 -4.42 59.20 33.69
N ASP D 367 -3.30 58.71 33.17
CA ASP D 367 -2.97 58.86 31.76
C ASP D 367 -3.93 58.05 30.90
N VAL D 368 -4.30 56.87 31.37
CA VAL D 368 -5.22 56.03 30.62
C VAL D 368 -6.58 56.73 30.46
N PHE D 369 -7.07 57.33 31.53
CA PHE D 369 -8.35 58.04 31.47
C PHE D 369 -8.27 59.16 30.45
N ALA D 370 -7.17 59.91 30.48
CA ALA D 370 -6.97 61.02 29.56
C ALA D 370 -6.95 60.54 28.11
N ILE D 371 -6.26 59.43 27.87
CA ILE D 371 -6.18 58.88 26.52
C ILE D 371 -7.55 58.42 26.03
N ASP D 372 -8.30 57.78 26.93
CA ASP D 372 -9.62 57.29 26.60
C ASP D 372 -10.54 58.47 26.27
N ASN D 373 -10.50 59.49 27.11
CA ASN D 373 -11.31 60.69 26.91
C ASN D 373 -10.99 61.39 25.59
N GLU D 374 -9.69 61.59 25.34
CA GLU D 374 -9.25 62.24 24.12
C GLU D 374 -9.54 61.41 22.87
N ALA D 375 -9.40 60.09 22.98
CA ALA D 375 -9.67 59.19 21.86
C ALA D 375 -11.15 59.27 21.51
N ARG D 376 -11.99 59.37 22.55
CA ARG D 376 -13.43 59.47 22.36
C ARG D 376 -13.77 60.75 21.61
N ILE D 377 -13.13 61.85 22.01
CA ILE D 377 -13.38 63.13 21.37
C ILE D 377 -12.93 63.12 19.92
N GLN D 378 -11.75 62.57 19.66
CA GLN D 378 -11.19 62.48 18.32
C GLN D 378 -12.05 61.61 17.40
N ALA D 379 -12.47 60.46 17.92
CA ALA D 379 -13.29 59.55 17.14
C ALA D 379 -14.60 60.23 16.74
N ALA D 380 -15.27 60.83 17.73
CA ALA D 380 -16.54 61.50 17.49
C ALA D 380 -16.41 62.56 16.39
N ALA D 381 -15.26 63.22 16.35
CA ALA D 381 -15.01 64.24 15.34
C ALA D 381 -14.92 63.64 13.94
N LEU D 382 -14.15 62.57 13.81
CA LEU D 382 -13.99 61.90 12.52
C LEU D 382 -15.31 61.32 12.06
N MET D 383 -16.09 60.80 13.01
CA MET D 383 -17.38 60.19 12.72
C MET D 383 -18.35 61.23 12.17
N GLU D 384 -18.09 62.50 12.46
CA GLU D 384 -18.94 63.60 11.97
C GLU D 384 -18.68 63.87 10.50
N SER D 385 -17.39 64.00 10.15
CA SER D 385 -16.98 64.26 8.78
C SER D 385 -17.63 63.30 7.79
C ACT E . 25.03 -47.67 -38.18
O ACT E . 25.58 -48.60 -38.93
OXT ACT E . 25.64 -46.92 -37.35
CH3 ACT E . 23.57 -47.38 -38.24
C ACT F . -12.64 6.90 -16.97
O ACT F . -12.52 6.85 -15.66
OXT ACT F . -13.06 7.89 -17.64
CH3 ACT F . -12.29 5.71 -17.82
C ACT G . 12.86 -7.05 16.69
O ACT G . 12.66 -8.23 16.13
OXT ACT G . 14.00 -6.51 16.86
CH3 ACT G . 11.73 -6.22 17.17
C ACT H . -25.45 47.28 37.85
O ACT H . -24.58 46.66 38.62
OXT ACT H . -26.09 48.33 38.16
CH3 ACT H . -25.78 46.77 36.49
#